data_1AX8
# 
_entry.id   1AX8 
# 
_audit_conform.dict_name       mmcif_pdbx.dic 
_audit_conform.dict_version    5.399 
_audit_conform.dict_location   http://mmcif.pdb.org/dictionaries/ascii/mmcif_pdbx.dic 
# 
loop_
_database_2.database_id 
_database_2.database_code 
_database_2.pdbx_database_accession 
_database_2.pdbx_DOI 
PDB   1AX8         pdb_00001ax8 10.2210/pdb1ax8/pdb 
WWPDB D_1000171366 ?            ?                   
# 
loop_
_pdbx_audit_revision_history.ordinal 
_pdbx_audit_revision_history.data_content_type 
_pdbx_audit_revision_history.major_revision 
_pdbx_audit_revision_history.minor_revision 
_pdbx_audit_revision_history.revision_date 
1 'Structure model' 1 0 1998-11-25 
2 'Structure model' 1 1 2008-03-24 
3 'Structure model' 1 2 2011-07-13 
4 'Structure model' 1 3 2012-05-09 
5 'Structure model' 1 4 2024-11-20 
# 
_pdbx_audit_revision_details.ordinal             1 
_pdbx_audit_revision_details.revision_ordinal    1 
_pdbx_audit_revision_details.data_content_type   'Structure model' 
_pdbx_audit_revision_details.provider            repository 
_pdbx_audit_revision_details.type                'Initial release' 
_pdbx_audit_revision_details.description         ? 
_pdbx_audit_revision_details.details             ? 
# 
loop_
_pdbx_audit_revision_group.ordinal 
_pdbx_audit_revision_group.revision_ordinal 
_pdbx_audit_revision_group.data_content_type 
_pdbx_audit_revision_group.group 
1 2 'Structure model' 'Version format compliance' 
2 3 'Structure model' 'Derived calculations'      
3 3 'Structure model' 'Version format compliance' 
4 4 'Structure model' 'Derived calculations'      
5 5 'Structure model' 'Data collection'           
6 5 'Structure model' 'Database references'       
7 5 'Structure model' 'Structure summary'         
# 
loop_
_pdbx_audit_revision_category.ordinal 
_pdbx_audit_revision_category.revision_ordinal 
_pdbx_audit_revision_category.data_content_type 
_pdbx_audit_revision_category.category 
1 5 'Structure model' chem_comp_atom            
2 5 'Structure model' chem_comp_bond            
3 5 'Structure model' database_2                
4 5 'Structure model' pdbx_entry_details        
5 5 'Structure model' pdbx_modification_feature 
6 5 'Structure model' struct_ref_seq_dif        
# 
loop_
_pdbx_audit_revision_item.ordinal 
_pdbx_audit_revision_item.revision_ordinal 
_pdbx_audit_revision_item.data_content_type 
_pdbx_audit_revision_item.item 
1 5 'Structure model' '_database_2.pdbx_DOI'                
2 5 'Structure model' '_database_2.pdbx_database_accession' 
3 5 'Structure model' '_struct_ref_seq_dif.details'         
# 
_pdbx_database_status.status_code                     REL 
_pdbx_database_status.entry_id                        1AX8 
_pdbx_database_status.recvd_initial_deposition_date   1997-10-31 
_pdbx_database_status.deposit_site                    ? 
_pdbx_database_status.process_site                    BNL 
_pdbx_database_status.status_code_sf                  REL 
_pdbx_database_status.status_code_mr                  ? 
_pdbx_database_status.SG_entry                        ? 
_pdbx_database_status.status_code_cs                  ? 
_pdbx_database_status.methods_development_category    ? 
_pdbx_database_status.pdb_format_compatible           Y 
_pdbx_database_status.status_code_nmr_data            ? 
# 
loop_
_audit_author.name 
_audit_author.pdbx_ordinal 
'Zhang, F.'      1 
'Beals, J.M.'    2 
'Briggs, S.L.'   3 
'Clawson, D.K.'  4 
'Wery, J.-P.'    5 
'Schevitz, R.W.' 6 
# 
loop_
_citation.id 
_citation.title 
_citation.journal_abbrev 
_citation.journal_volume 
_citation.page_first 
_citation.page_last 
_citation.year 
_citation.journal_id_ASTM 
_citation.country 
_citation.journal_id_ISSN 
_citation.journal_id_CSD 
_citation.book_publisher 
_citation.pdbx_database_id_PubMed 
_citation.pdbx_database_id_DOI 
primary 'Crystal structure of the obese protein leptin-E100.'                         Nature 387 206 209 1997 NATUAS UK 0028-0836 
0006 ? 9144295 10.1038/387206a0 
1       'Erratum. Positional Cloning of the Mouse Obese Gene and its Human Homologue' Nature 374 479 ?   1995 NATUAS UK 0028-0836 
0006 ? ?       ?                
2       'Positional Cloning of the Mouse Obese Gene and its Human Homologue'          Nature 372 425 ?   1994 NATUAS UK 0028-0836 
0006 ? ?       ?                
# 
loop_
_citation_author.citation_id 
_citation_author.name 
_citation_author.ordinal 
_citation_author.identifier_ORCID 
primary 'Zhang, F.'      1  ? 
primary 'Basinski, M.B.' 2  ? 
primary 'Beals, J.M.'    3  ? 
primary 'Briggs, S.L.'   4  ? 
primary 'Churgay, L.M.'  5  ? 
primary 'Clawson, D.K.'  6  ? 
primary 'DiMarchi, R.D.' 7  ? 
primary 'Furman, T.C.'   8  ? 
primary 'Hale, J.E.'     9  ? 
primary 'Hsiung, H.M.'   10 ? 
primary 'Schoner, B.E.'  11 ? 
primary 'Smith, D.P.'    12 ? 
primary 'Zhang, X.Y.'    13 ? 
primary 'Wery, J.P.'     14 ? 
primary 'Schevitz, R.W.' 15 ? 
1       'Zhang, Y.'      16 ? 
1       'Proenca, R.'    17 ? 
1       'Maffei, M.'     18 ? 
1       'Barone, M.'     19 ? 
1       'Leopold, L.'    20 ? 
1       'Friedman, J.M.' 21 ? 
2       'Zhang, Y.'      22 ? 
2       'Proenca, R.'    23 ? 
2       'Maffei, M.'     24 ? 
2       'Barone, M.'     25 ? 
2       'Leopold, L.'    26 ? 
2       'Friedman, J.M.' 27 ? 
# 
loop_
_entity.id 
_entity.type 
_entity.src_method 
_entity.pdbx_description 
_entity.formula_weight 
_entity.pdbx_number_of_molecules 
_entity.pdbx_ec 
_entity.pdbx_mutation 
_entity.pdbx_fragment 
_entity.details 
1 polymer man 'OBESITY PROTEIN' 15984.296 1  ? W100E ? ? 
2 water   nat water             18.015    71 ? ?     ? ? 
# 
_entity_name_com.entity_id   1 
_entity_name_com.name        LEPTIN 
# 
_entity_poly.entity_id                      1 
_entity_poly.type                           'polypeptide(L)' 
_entity_poly.nstd_linkage                   no 
_entity_poly.nstd_monomer                   no 
_entity_poly.pdbx_seq_one_letter_code       
;VPIQKVQDDTKTLIKTIVTRINDISHTQSVSSKQKVTGLDFIPGLHPILTLSKMDQTLAVYQQILTSMPSRNVIQISNDL
ENLRDLLHVLAFSKSCHLPEASGLETLDSLGGVLEASGYSTEVVALSRLQGSLQDMLWQLDLSPGC
;
_entity_poly.pdbx_seq_one_letter_code_can   
;VPIQKVQDDTKTLIKTIVTRINDISHTQSVSSKQKVTGLDFIPGLHPILTLSKMDQTLAVYQQILTSMPSRNVIQISNDL
ENLRDLLHVLAFSKSCHLPEASGLETLDSLGGVLEASGYSTEVVALSRLQGSLQDMLWQLDLSPGC
;
_entity_poly.pdbx_strand_id                 A 
_entity_poly.pdbx_target_identifier         ? 
# 
_pdbx_entity_nonpoly.entity_id   2 
_pdbx_entity_nonpoly.name        water 
_pdbx_entity_nonpoly.comp_id     HOH 
# 
loop_
_entity_poly_seq.entity_id 
_entity_poly_seq.num 
_entity_poly_seq.mon_id 
_entity_poly_seq.hetero 
1 1   VAL n 
1 2   PRO n 
1 3   ILE n 
1 4   GLN n 
1 5   LYS n 
1 6   VAL n 
1 7   GLN n 
1 8   ASP n 
1 9   ASP n 
1 10  THR n 
1 11  LYS n 
1 12  THR n 
1 13  LEU n 
1 14  ILE n 
1 15  LYS n 
1 16  THR n 
1 17  ILE n 
1 18  VAL n 
1 19  THR n 
1 20  ARG n 
1 21  ILE n 
1 22  ASN n 
1 23  ASP n 
1 24  ILE n 
1 25  SER n 
1 26  HIS n 
1 27  THR n 
1 28  GLN n 
1 29  SER n 
1 30  VAL n 
1 31  SER n 
1 32  SER n 
1 33  LYS n 
1 34  GLN n 
1 35  LYS n 
1 36  VAL n 
1 37  THR n 
1 38  GLY n 
1 39  LEU n 
1 40  ASP n 
1 41  PHE n 
1 42  ILE n 
1 43  PRO n 
1 44  GLY n 
1 45  LEU n 
1 46  HIS n 
1 47  PRO n 
1 48  ILE n 
1 49  LEU n 
1 50  THR n 
1 51  LEU n 
1 52  SER n 
1 53  LYS n 
1 54  MET n 
1 55  ASP n 
1 56  GLN n 
1 57  THR n 
1 58  LEU n 
1 59  ALA n 
1 60  VAL n 
1 61  TYR n 
1 62  GLN n 
1 63  GLN n 
1 64  ILE n 
1 65  LEU n 
1 66  THR n 
1 67  SER n 
1 68  MET n 
1 69  PRO n 
1 70  SER n 
1 71  ARG n 
1 72  ASN n 
1 73  VAL n 
1 74  ILE n 
1 75  GLN n 
1 76  ILE n 
1 77  SER n 
1 78  ASN n 
1 79  ASP n 
1 80  LEU n 
1 81  GLU n 
1 82  ASN n 
1 83  LEU n 
1 84  ARG n 
1 85  ASP n 
1 86  LEU n 
1 87  LEU n 
1 88  HIS n 
1 89  VAL n 
1 90  LEU n 
1 91  ALA n 
1 92  PHE n 
1 93  SER n 
1 94  LYS n 
1 95  SER n 
1 96  CYS n 
1 97  HIS n 
1 98  LEU n 
1 99  PRO n 
1 100 GLU n 
1 101 ALA n 
1 102 SER n 
1 103 GLY n 
1 104 LEU n 
1 105 GLU n 
1 106 THR n 
1 107 LEU n 
1 108 ASP n 
1 109 SER n 
1 110 LEU n 
1 111 GLY n 
1 112 GLY n 
1 113 VAL n 
1 114 LEU n 
1 115 GLU n 
1 116 ALA n 
1 117 SER n 
1 118 GLY n 
1 119 TYR n 
1 120 SER n 
1 121 THR n 
1 122 GLU n 
1 123 VAL n 
1 124 VAL n 
1 125 ALA n 
1 126 LEU n 
1 127 SER n 
1 128 ARG n 
1 129 LEU n 
1 130 GLN n 
1 131 GLY n 
1 132 SER n 
1 133 LEU n 
1 134 GLN n 
1 135 ASP n 
1 136 MET n 
1 137 LEU n 
1 138 TRP n 
1 139 GLN n 
1 140 LEU n 
1 141 ASP n 
1 142 LEU n 
1 143 SER n 
1 144 PRO n 
1 145 GLY n 
1 146 CYS n 
# 
_entity_src_gen.entity_id                          1 
_entity_src_gen.pdbx_src_id                        1 
_entity_src_gen.pdbx_alt_source_flag               sample 
_entity_src_gen.pdbx_seq_type                      ? 
_entity_src_gen.pdbx_beg_seq_num                   ? 
_entity_src_gen.pdbx_end_seq_num                   ? 
_entity_src_gen.gene_src_common_name               human 
_entity_src_gen.gene_src_genus                     Homo 
_entity_src_gen.pdbx_gene_src_gene                 'OBESE GENE' 
_entity_src_gen.gene_src_species                   ? 
_entity_src_gen.gene_src_strain                    ? 
_entity_src_gen.gene_src_tissue                    ADIPOSE 
_entity_src_gen.gene_src_tissue_fraction           ? 
_entity_src_gen.gene_src_details                   ? 
_entity_src_gen.pdbx_gene_src_fragment             ? 
_entity_src_gen.pdbx_gene_src_scientific_name      'Homo sapiens' 
_entity_src_gen.pdbx_gene_src_ncbi_taxonomy_id     9606 
_entity_src_gen.pdbx_gene_src_variant              ? 
_entity_src_gen.pdbx_gene_src_cell_line            BL21 
_entity_src_gen.pdbx_gene_src_atcc                 ? 
_entity_src_gen.pdbx_gene_src_organ                ? 
_entity_src_gen.pdbx_gene_src_organelle            ? 
_entity_src_gen.pdbx_gene_src_cell                 ? 
_entity_src_gen.pdbx_gene_src_cellular_location    ? 
_entity_src_gen.host_org_common_name               ? 
_entity_src_gen.pdbx_host_org_scientific_name      'Escherichia coli BL21(DE3)' 
_entity_src_gen.pdbx_host_org_ncbi_taxonomy_id     469008 
_entity_src_gen.host_org_genus                     Escherichia 
_entity_src_gen.pdbx_host_org_gene                 ? 
_entity_src_gen.pdbx_host_org_organ                ? 
_entity_src_gen.host_org_species                   'Escherichia coli' 
_entity_src_gen.pdbx_host_org_tissue               ? 
_entity_src_gen.pdbx_host_org_tissue_fraction      ? 
_entity_src_gen.pdbx_host_org_strain               'BL21 (DE3)' 
_entity_src_gen.pdbx_host_org_variant              ? 
_entity_src_gen.pdbx_host_org_cell_line            ? 
_entity_src_gen.pdbx_host_org_atcc                 ? 
_entity_src_gen.pdbx_host_org_culture_collection   ? 
_entity_src_gen.pdbx_host_org_cell                 ? 
_entity_src_gen.pdbx_host_org_organelle            ? 
_entity_src_gen.pdbx_host_org_cellular_location    CYTOPLASM 
_entity_src_gen.pdbx_host_org_vector_type          ? 
_entity_src_gen.pdbx_host_org_vector               ? 
_entity_src_gen.host_org_details                   ? 
_entity_src_gen.expression_system_id               ? 
_entity_src_gen.plasmid_name                       BL21 
_entity_src_gen.plasmid_details                    ? 
_entity_src_gen.pdbx_description                   ? 
# 
loop_
_chem_comp.id 
_chem_comp.type 
_chem_comp.mon_nstd_flag 
_chem_comp.name 
_chem_comp.pdbx_synonyms 
_chem_comp.formula 
_chem_comp.formula_weight 
ALA 'L-peptide linking' y ALANINE         ? 'C3 H7 N O2'     89.093  
ARG 'L-peptide linking' y ARGININE        ? 'C6 H15 N4 O2 1' 175.209 
ASN 'L-peptide linking' y ASPARAGINE      ? 'C4 H8 N2 O3'    132.118 
ASP 'L-peptide linking' y 'ASPARTIC ACID' ? 'C4 H7 N O4'     133.103 
CYS 'L-peptide linking' y CYSTEINE        ? 'C3 H7 N O2 S'   121.158 
GLN 'L-peptide linking' y GLUTAMINE       ? 'C5 H10 N2 O3'   146.144 
GLU 'L-peptide linking' y 'GLUTAMIC ACID' ? 'C5 H9 N O4'     147.129 
GLY 'peptide linking'   y GLYCINE         ? 'C2 H5 N O2'     75.067  
HIS 'L-peptide linking' y HISTIDINE       ? 'C6 H10 N3 O2 1' 156.162 
HOH non-polymer         . WATER           ? 'H2 O'           18.015  
ILE 'L-peptide linking' y ISOLEUCINE      ? 'C6 H13 N O2'    131.173 
LEU 'L-peptide linking' y LEUCINE         ? 'C6 H13 N O2'    131.173 
LYS 'L-peptide linking' y LYSINE          ? 'C6 H15 N2 O2 1' 147.195 
MET 'L-peptide linking' y METHIONINE      ? 'C5 H11 N O2 S'  149.211 
PHE 'L-peptide linking' y PHENYLALANINE   ? 'C9 H11 N O2'    165.189 
PRO 'L-peptide linking' y PROLINE         ? 'C5 H9 N O2'     115.130 
SER 'L-peptide linking' y SERINE          ? 'C3 H7 N O3'     105.093 
THR 'L-peptide linking' y THREONINE       ? 'C4 H9 N O3'     119.119 
TRP 'L-peptide linking' y TRYPTOPHAN      ? 'C11 H12 N2 O2'  204.225 
TYR 'L-peptide linking' y TYROSINE        ? 'C9 H11 N O3'    181.189 
VAL 'L-peptide linking' y VALINE          ? 'C5 H11 N O2'    117.146 
# 
loop_
_pdbx_poly_seq_scheme.asym_id 
_pdbx_poly_seq_scheme.entity_id 
_pdbx_poly_seq_scheme.seq_id 
_pdbx_poly_seq_scheme.mon_id 
_pdbx_poly_seq_scheme.ndb_seq_num 
_pdbx_poly_seq_scheme.pdb_seq_num 
_pdbx_poly_seq_scheme.auth_seq_num 
_pdbx_poly_seq_scheme.pdb_mon_id 
_pdbx_poly_seq_scheme.auth_mon_id 
_pdbx_poly_seq_scheme.pdb_strand_id 
_pdbx_poly_seq_scheme.pdb_ins_code 
_pdbx_poly_seq_scheme.hetero 
A 1 1   VAL 1   1   ?   ?   ?   A . n 
A 1 2   PRO 2   2   ?   ?   ?   A . n 
A 1 3   ILE 3   3   3   ILE ILE A . n 
A 1 4   GLN 4   4   4   GLN GLN A . n 
A 1 5   LYS 5   5   5   LYS LYS A . n 
A 1 6   VAL 6   6   6   VAL VAL A . n 
A 1 7   GLN 7   7   7   GLN GLN A . n 
A 1 8   ASP 8   8   8   ASP ASP A . n 
A 1 9   ASP 9   9   9   ASP ASP A . n 
A 1 10  THR 10  10  10  THR THR A . n 
A 1 11  LYS 11  11  11  LYS LYS A . n 
A 1 12  THR 12  12  12  THR THR A . n 
A 1 13  LEU 13  13  13  LEU LEU A . n 
A 1 14  ILE 14  14  14  ILE ILE A . n 
A 1 15  LYS 15  15  15  LYS LYS A . n 
A 1 16  THR 16  16  16  THR THR A . n 
A 1 17  ILE 17  17  17  ILE ILE A . n 
A 1 18  VAL 18  18  18  VAL VAL A . n 
A 1 19  THR 19  19  19  THR THR A . n 
A 1 20  ARG 20  20  20  ARG ARG A . n 
A 1 21  ILE 21  21  21  ILE ILE A . n 
A 1 22  ASN 22  22  22  ASN ASN A . n 
A 1 23  ASP 23  23  23  ASP ASP A . n 
A 1 24  ILE 24  24  24  ILE ILE A . n 
A 1 25  SER 25  25  ?   ?   ?   A . n 
A 1 26  HIS 26  26  ?   ?   ?   A . n 
A 1 27  THR 27  27  ?   ?   ?   A . n 
A 1 28  GLN 28  28  ?   ?   ?   A . n 
A 1 29  SER 29  29  ?   ?   ?   A . n 
A 1 30  VAL 30  30  ?   ?   ?   A . n 
A 1 31  SER 31  31  ?   ?   ?   A . n 
A 1 32  SER 32  32  ?   ?   ?   A . n 
A 1 33  LYS 33  33  ?   ?   ?   A . n 
A 1 34  GLN 34  34  ?   ?   ?   A . n 
A 1 35  LYS 35  35  ?   ?   ?   A . n 
A 1 36  VAL 36  36  ?   ?   ?   A . n 
A 1 37  THR 37  37  ?   ?   ?   A . n 
A 1 38  GLY 38  38  ?   ?   ?   A . n 
A 1 39  LEU 39  39  39  LEU LEU A . n 
A 1 40  ASP 40  40  40  ASP ASP A . n 
A 1 41  PHE 41  41  41  PHE PHE A . n 
A 1 42  ILE 42  42  42  ILE ILE A . n 
A 1 43  PRO 43  43  43  PRO PRO A . n 
A 1 44  GLY 44  44  44  GLY GLY A . n 
A 1 45  LEU 45  45  45  LEU LEU A . n 
A 1 46  HIS 46  46  46  HIS HIS A . n 
A 1 47  PRO 47  47  47  PRO PRO A . n 
A 1 48  ILE 48  48  48  ILE ILE A . n 
A 1 49  LEU 49  49  49  LEU LEU A . n 
A 1 50  THR 50  50  50  THR THR A . n 
A 1 51  LEU 51  51  51  LEU LEU A . n 
A 1 52  SER 52  52  52  SER SER A . n 
A 1 53  LYS 53  53  53  LYS LYS A . n 
A 1 54  MET 54  54  54  MET MET A . n 
A 1 55  ASP 55  55  55  ASP ASP A . n 
A 1 56  GLN 56  56  56  GLN GLN A . n 
A 1 57  THR 57  57  57  THR THR A . n 
A 1 58  LEU 58  58  58  LEU LEU A . n 
A 1 59  ALA 59  59  59  ALA ALA A . n 
A 1 60  VAL 60  60  60  VAL VAL A . n 
A 1 61  TYR 61  61  61  TYR TYR A . n 
A 1 62  GLN 62  62  62  GLN GLN A . n 
A 1 63  GLN 63  63  63  GLN GLN A . n 
A 1 64  ILE 64  64  64  ILE ILE A . n 
A 1 65  LEU 65  65  65  LEU LEU A . n 
A 1 66  THR 66  66  66  THR THR A . n 
A 1 67  SER 67  67  67  SER SER A . n 
A 1 68  MET 68  68  68  MET MET A . n 
A 1 69  PRO 69  69  69  PRO PRO A . n 
A 1 70  SER 70  70  70  SER SER A . n 
A 1 71  ARG 71  71  71  ARG ARG A . n 
A 1 72  ASN 72  72  72  ASN ASN A . n 
A 1 73  VAL 73  73  73  VAL VAL A . n 
A 1 74  ILE 74  74  74  ILE ILE A . n 
A 1 75  GLN 75  75  75  GLN GLN A . n 
A 1 76  ILE 76  76  76  ILE ILE A . n 
A 1 77  SER 77  77  77  SER SER A . n 
A 1 78  ASN 78  78  78  ASN ASN A . n 
A 1 79  ASP 79  79  79  ASP ASP A . n 
A 1 80  LEU 80  80  80  LEU LEU A . n 
A 1 81  GLU 81  81  81  GLU GLU A . n 
A 1 82  ASN 82  82  82  ASN ASN A . n 
A 1 83  LEU 83  83  83  LEU LEU A . n 
A 1 84  ARG 84  84  84  ARG ARG A . n 
A 1 85  ASP 85  85  85  ASP ASP A . n 
A 1 86  LEU 86  86  86  LEU LEU A . n 
A 1 87  LEU 87  87  87  LEU LEU A . n 
A 1 88  HIS 88  88  88  HIS HIS A . n 
A 1 89  VAL 89  89  89  VAL VAL A . n 
A 1 90  LEU 90  90  90  LEU LEU A . n 
A 1 91  ALA 91  91  91  ALA ALA A . n 
A 1 92  PHE 92  92  92  PHE PHE A . n 
A 1 93  SER 93  93  93  SER SER A . n 
A 1 94  LYS 94  94  94  LYS LYS A . n 
A 1 95  SER 95  95  95  SER SER A . n 
A 1 96  CYS 96  96  96  CYS CYS A . n 
A 1 97  HIS 97  97  97  HIS HIS A . n 
A 1 98  LEU 98  98  98  LEU LEU A . n 
A 1 99  PRO 99  99  99  PRO PRO A . n 
A 1 100 GLU 100 100 100 GLU GLU A . n 
A 1 101 ALA 101 101 101 ALA ALA A . n 
A 1 102 SER 102 102 102 SER SER A . n 
A 1 103 GLY 103 103 103 GLY GLY A . n 
A 1 104 LEU 104 104 104 LEU LEU A . n 
A 1 105 GLU 105 105 105 GLU GLU A . n 
A 1 106 THR 106 106 106 THR THR A . n 
A 1 107 LEU 107 107 107 LEU LEU A . n 
A 1 108 ASP 108 108 108 ASP ASP A . n 
A 1 109 SER 109 109 109 SER SER A . n 
A 1 110 LEU 110 110 110 LEU LEU A . n 
A 1 111 GLY 111 111 111 GLY GLY A . n 
A 1 112 GLY 112 112 112 GLY GLY A . n 
A 1 113 VAL 113 113 113 VAL VAL A . n 
A 1 114 LEU 114 114 114 LEU LEU A . n 
A 1 115 GLU 115 115 115 GLU GLU A . n 
A 1 116 ALA 116 116 116 ALA ALA A . n 
A 1 117 SER 117 117 117 SER SER A . n 
A 1 118 GLY 118 118 118 GLY GLY A . n 
A 1 119 TYR 119 119 119 TYR TYR A . n 
A 1 120 SER 120 120 120 SER SER A . n 
A 1 121 THR 121 121 121 THR THR A . n 
A 1 122 GLU 122 122 122 GLU GLU A . n 
A 1 123 VAL 123 123 123 VAL VAL A . n 
A 1 124 VAL 124 124 124 VAL VAL A . n 
A 1 125 ALA 125 125 125 ALA ALA A . n 
A 1 126 LEU 126 126 126 LEU LEU A . n 
A 1 127 SER 127 127 127 SER SER A . n 
A 1 128 ARG 128 128 128 ARG ARG A . n 
A 1 129 LEU 129 129 129 LEU LEU A . n 
A 1 130 GLN 130 130 130 GLN GLN A . n 
A 1 131 GLY 131 131 131 GLY GLY A . n 
A 1 132 SER 132 132 132 SER SER A . n 
A 1 133 LEU 133 133 133 LEU LEU A . n 
A 1 134 GLN 134 134 134 GLN GLN A . n 
A 1 135 ASP 135 135 135 ASP ASP A . n 
A 1 136 MET 136 136 136 MET MET A . n 
A 1 137 LEU 137 137 137 LEU LEU A . n 
A 1 138 TRP 138 138 138 TRP TRP A . n 
A 1 139 GLN 139 139 139 GLN GLN A . n 
A 1 140 LEU 140 140 140 LEU LEU A . n 
A 1 141 ASP 141 141 141 ASP ASP A . n 
A 1 142 LEU 142 142 142 LEU LEU A . n 
A 1 143 SER 143 143 143 SER SER A . n 
A 1 144 PRO 144 144 144 PRO PRO A . n 
A 1 145 GLY 145 145 145 GLY GLY A . n 
A 1 146 CYS 146 146 146 CYS CYS A . n 
# 
loop_
_pdbx_nonpoly_scheme.asym_id 
_pdbx_nonpoly_scheme.entity_id 
_pdbx_nonpoly_scheme.mon_id 
_pdbx_nonpoly_scheme.ndb_seq_num 
_pdbx_nonpoly_scheme.pdb_seq_num 
_pdbx_nonpoly_scheme.auth_seq_num 
_pdbx_nonpoly_scheme.pdb_mon_id 
_pdbx_nonpoly_scheme.auth_mon_id 
_pdbx_nonpoly_scheme.pdb_strand_id 
_pdbx_nonpoly_scheme.pdb_ins_code 
B 2 HOH 1  147 1  HOH HOH A . 
B 2 HOH 2  148 2  HOH HOH A . 
B 2 HOH 3  149 3  HOH HOH A . 
B 2 HOH 4  150 4  HOH HOH A . 
B 2 HOH 5  151 5  HOH HOH A . 
B 2 HOH 6  152 6  HOH HOH A . 
B 2 HOH 7  153 7  HOH HOH A . 
B 2 HOH 8  154 8  HOH HOH A . 
B 2 HOH 9  155 9  HOH HOH A . 
B 2 HOH 10 156 10 HOH HOH A . 
B 2 HOH 11 157 11 HOH HOH A . 
B 2 HOH 12 158 12 HOH HOH A . 
B 2 HOH 13 159 13 HOH HOH A . 
B 2 HOH 14 160 14 HOH HOH A . 
B 2 HOH 15 161 15 HOH HOH A . 
B 2 HOH 16 162 16 HOH HOH A . 
B 2 HOH 17 163 17 HOH HOH A . 
B 2 HOH 18 164 18 HOH HOH A . 
B 2 HOH 19 165 19 HOH HOH A . 
B 2 HOH 20 166 20 HOH HOH A . 
B 2 HOH 21 167 21 HOH HOH A . 
B 2 HOH 22 168 22 HOH HOH A . 
B 2 HOH 23 169 23 HOH HOH A . 
B 2 HOH 24 170 24 HOH HOH A . 
B 2 HOH 25 171 25 HOH HOH A . 
B 2 HOH 26 172 26 HOH HOH A . 
B 2 HOH 27 173 27 HOH HOH A . 
B 2 HOH 28 174 28 HOH HOH A . 
B 2 HOH 29 175 29 HOH HOH A . 
B 2 HOH 30 176 30 HOH HOH A . 
B 2 HOH 31 177 31 HOH HOH A . 
B 2 HOH 32 178 32 HOH HOH A . 
B 2 HOH 33 179 33 HOH HOH A . 
B 2 HOH 34 180 34 HOH HOH A . 
B 2 HOH 35 181 35 HOH HOH A . 
B 2 HOH 36 182 36 HOH HOH A . 
B 2 HOH 37 183 37 HOH HOH A . 
B 2 HOH 38 184 38 HOH HOH A . 
B 2 HOH 39 185 39 HOH HOH A . 
B 2 HOH 40 186 40 HOH HOH A . 
B 2 HOH 41 187 41 HOH HOH A . 
B 2 HOH 42 188 42 HOH HOH A . 
B 2 HOH 43 189 43 HOH HOH A . 
B 2 HOH 44 190 44 HOH HOH A . 
B 2 HOH 45 191 45 HOH HOH A . 
B 2 HOH 46 192 46 HOH HOH A . 
B 2 HOH 47 193 47 HOH HOH A . 
B 2 HOH 48 194 48 HOH HOH A . 
B 2 HOH 49 195 49 HOH HOH A . 
B 2 HOH 50 196 50 HOH HOH A . 
B 2 HOH 51 197 51 HOH HOH A . 
B 2 HOH 52 198 52 HOH HOH A . 
B 2 HOH 53 199 53 HOH HOH A . 
B 2 HOH 54 200 54 HOH HOH A . 
B 2 HOH 55 201 55 HOH HOH A . 
B 2 HOH 56 202 56 HOH HOH A . 
B 2 HOH 57 203 57 HOH HOH A . 
B 2 HOH 58 204 58 HOH HOH A . 
B 2 HOH 59 205 59 HOH HOH A . 
B 2 HOH 60 206 60 HOH HOH A . 
B 2 HOH 61 207 61 HOH HOH A . 
B 2 HOH 62 208 62 HOH HOH A . 
B 2 HOH 63 209 63 HOH HOH A . 
B 2 HOH 64 210 64 HOH HOH A . 
B 2 HOH 65 211 65 HOH HOH A . 
B 2 HOH 66 212 66 HOH HOH A . 
B 2 HOH 67 213 67 HOH HOH A . 
B 2 HOH 68 214 68 HOH HOH A . 
B 2 HOH 69 215 69 HOH HOH A . 
B 2 HOH 70 216 70 HOH HOH A . 
B 2 HOH 71 217 71 HOH HOH A . 
# 
loop_
_software.name 
_software.classification 
_software.version 
_software.citation_id 
_software.pdbx_ordinal 
DENZO     'data reduction' .   ? 1 
SCALEPACK 'data scaling'   .   ? 2 
MLPHARE   phasing          .   ? 3 
X-PLOR    refinement       3.1 ? 4 
# 
_cell.entry_id           1AX8 
_cell.length_a           88.140 
_cell.length_b           88.140 
_cell.length_c           48.050 
_cell.angle_alpha        90.00 
_cell.angle_beta         90.00 
_cell.angle_gamma        120.00 
_cell.Z_PDB              6 
_cell.pdbx_unique_axis   ? 
_cell.length_a_esd       ? 
_cell.length_b_esd       ? 
_cell.length_c_esd       ? 
_cell.angle_alpha_esd    ? 
_cell.angle_beta_esd     ? 
_cell.angle_gamma_esd    ? 
# 
_symmetry.entry_id                         1AX8 
_symmetry.space_group_name_H-M             'P 63' 
_symmetry.pdbx_full_space_group_name_H-M   ? 
_symmetry.cell_setting                     ? 
_symmetry.Int_Tables_number                173 
_symmetry.space_group_name_Hall            ? 
# 
_exptl.entry_id          1AX8 
_exptl.method            'X-RAY DIFFRACTION' 
_exptl.crystals_number   1 
# 
_exptl_crystal.id                    1 
_exptl_crystal.density_meas          ? 
_exptl_crystal.density_Matthews      3.5 
_exptl_crystal.density_percent_sol   65.4 
_exptl_crystal.description           ? 
_exptl_crystal.F_000                 ? 
_exptl_crystal.preparation           ? 
# 
_exptl_crystal_grow.crystal_id      1 
_exptl_crystal_grow.method          ? 
_exptl_crystal_grow.temp            ? 
_exptl_crystal_grow.temp_details    ? 
_exptl_crystal_grow.pH              7.5 
_exptl_crystal_grow.pdbx_pH_range   ? 
_exptl_crystal_grow.pdbx_details    'PROTEIN WAS CRYSTALLIZED FROM 1.8M NA FORMATE, 100MM TRIS, PH 7.5' 
# 
_diffrn.id                     1 
_diffrn.ambient_temp           100 
_diffrn.ambient_temp_details   ? 
_diffrn.crystal_id             1 
# 
_diffrn_detector.diffrn_id              1 
_diffrn_detector.detector               'IMAGE PLATE' 
_diffrn_detector.type                   RIGAKU 
_diffrn_detector.pdbx_collection_date   1996-09 
_diffrn_detector.details                MIRRORS 
# 
_diffrn_radiation.diffrn_id                        1 
_diffrn_radiation.wavelength_id                    1 
_diffrn_radiation.pdbx_monochromatic_or_laue_m_l   M 
_diffrn_radiation.monochromator                    'NI FILTER' 
_diffrn_radiation.pdbx_diffrn_protocol             ? 
_diffrn_radiation.pdbx_scattering_type             x-ray 
# 
_diffrn_radiation_wavelength.id           1 
_diffrn_radiation_wavelength.wavelength   1.5418 
_diffrn_radiation_wavelength.wt           1.0 
# 
_diffrn_source.diffrn_id                   1 
_diffrn_source.source                      'ROTATING ANODE' 
_diffrn_source.type                        'RIGAKU RUH2R' 
_diffrn_source.pdbx_synchrotron_site       ? 
_diffrn_source.pdbx_synchrotron_beamline   ? 
_diffrn_source.pdbx_wavelength             1.5418 
_diffrn_source.pdbx_wavelength_list        ? 
# 
_reflns.entry_id                     1AX8 
_reflns.observed_criterion_sigma_I   1 
_reflns.observed_criterion_sigma_F   ? 
_reflns.d_resolution_low             15.0 
_reflns.d_resolution_high            2.4 
_reflns.number_obs                   8404 
_reflns.number_all                   ? 
_reflns.percent_possible_obs         99.2 
_reflns.pdbx_Rmerge_I_obs            0.052 
_reflns.pdbx_Rsym_value              0.054 
_reflns.pdbx_netI_over_sigmaI        14.5 
_reflns.B_iso_Wilson_estimate        ? 
_reflns.pdbx_redundancy              5.4 
_reflns.R_free_details               ? 
_reflns.limit_h_max                  ? 
_reflns.limit_h_min                  ? 
_reflns.limit_k_max                  ? 
_reflns.limit_k_min                  ? 
_reflns.limit_l_max                  ? 
_reflns.limit_l_min                  ? 
_reflns.observed_criterion_F_max     ? 
_reflns.observed_criterion_F_min     ? 
_reflns.pdbx_chi_squared             ? 
_reflns.pdbx_scaling_rejects         ? 
_reflns.pdbx_ordinal                 1 
_reflns.pdbx_diffrn_id               1 
# 
_reflns_shell.d_res_high             2.40 
_reflns_shell.d_res_low              2.44 
_reflns_shell.percent_possible_all   99.5 
_reflns_shell.Rmerge_I_obs           0.221 
_reflns_shell.pdbx_Rsym_value        0.263 
_reflns_shell.meanI_over_sigI_obs    8.5 
_reflns_shell.pdbx_redundancy        4.5 
_reflns_shell.percent_possible_obs   ? 
_reflns_shell.number_unique_all      ? 
_reflns_shell.number_measured_all    ? 
_reflns_shell.number_measured_obs    ? 
_reflns_shell.number_unique_obs      ? 
_reflns_shell.pdbx_chi_squared       ? 
_reflns_shell.pdbx_ordinal           1 
_reflns_shell.pdbx_diffrn_id         1 
# 
_refine.entry_id                                 1AX8 
_refine.ls_number_reflns_obs                     8253 
_refine.ls_number_reflns_all                     ? 
_refine.pdbx_ls_sigma_I                          ? 
_refine.pdbx_ls_sigma_F                          0 
_refine.pdbx_data_cutoff_high_absF               10000000 
_refine.pdbx_data_cutoff_low_absF                0.001 
_refine.pdbx_data_cutoff_high_rms_absF           ? 
_refine.ls_d_res_low                             8.0 
_refine.ls_d_res_high                            2.4 
_refine.ls_percent_reflns_obs                    99.0 
_refine.ls_R_factor_obs                          0.185 
_refine.ls_R_factor_all                          ? 
_refine.ls_R_factor_R_work                       0.185 
_refine.ls_R_factor_R_free                       0.283 
_refine.ls_R_factor_R_free_error                 0.0095 
_refine.ls_R_factor_R_free_error_details         ? 
_refine.ls_percent_reflns_R_free                 10.6 
_refine.ls_number_reflns_R_free                  877 
_refine.ls_number_parameters                     ? 
_refine.ls_number_restraints                     ? 
_refine.occupancy_min                            ? 
_refine.occupancy_max                            ? 
_refine.B_iso_mean                               39.3 
_refine.aniso_B[1][1]                            1.27 
_refine.aniso_B[2][2]                            5.74 
_refine.aniso_B[3][3]                            0.81 
_refine.aniso_B[1][2]                            0.00 
_refine.aniso_B[1][3]                            0.00 
_refine.aniso_B[2][3]                            0.00 
_refine.solvent_model_details                    ? 
_refine.solvent_model_param_ksol                 ? 
_refine.solvent_model_param_bsol                 ? 
_refine.pdbx_ls_cross_valid_method               THROUGHOUT 
_refine.details                                  ? 
_refine.pdbx_starting_model                      ? 
_refine.pdbx_method_to_determine_struct          MIR 
_refine.pdbx_isotropic_thermal_model             ? 
_refine.pdbx_stereochemistry_target_values       ? 
_refine.pdbx_stereochem_target_val_spec_case     ? 
_refine.pdbx_R_Free_selection_details            RANDOM 
_refine.pdbx_overall_ESU_R_Free                  ? 
_refine.overall_SU_ML                            ? 
_refine.overall_SU_B                             ? 
_refine.pdbx_refine_id                           'X-RAY DIFFRACTION' 
_refine.ls_redundancy_reflns_obs                 ? 
_refine.pdbx_overall_ESU_R                       ? 
_refine.pdbx_overall_phase_error                 ? 
_refine.B_iso_min                                ? 
_refine.B_iso_max                                ? 
_refine.correlation_coeff_Fo_to_Fc               ? 
_refine.correlation_coeff_Fo_to_Fc_free          ? 
_refine.pdbx_solvent_vdw_probe_radii             ? 
_refine.pdbx_solvent_ion_probe_radii             ? 
_refine.pdbx_solvent_shrinkage_radii             ? 
_refine.overall_SU_R_Cruickshank_DPI             ? 
_refine.overall_SU_R_free                        ? 
_refine.ls_wR_factor_R_free                      ? 
_refine.ls_wR_factor_R_work                      ? 
_refine.overall_FOM_free_R_set                   ? 
_refine.overall_FOM_work_R_set                   ? 
_refine.pdbx_diffrn_id                           1 
_refine.pdbx_TLS_residual_ADP_flag               ? 
_refine.pdbx_overall_SU_R_free_Cruickshank_DPI   ? 
_refine.pdbx_overall_SU_R_Blow_DPI               ? 
_refine.pdbx_overall_SU_R_free_Blow_DPI          ? 
# 
_refine_analyze.entry_id                        1AX8 
_refine_analyze.Luzzati_coordinate_error_obs    0.25 
_refine_analyze.Luzzati_sigma_a_obs             ? 
_refine_analyze.Luzzati_d_res_low_obs           8.0 
_refine_analyze.Luzzati_coordinate_error_free   0.32 
_refine_analyze.Luzzati_sigma_a_free            ? 
_refine_analyze.Luzzati_d_res_low_free          ? 
_refine_analyze.number_disordered_residues      ? 
_refine_analyze.occupancy_sum_hydrogen          ? 
_refine_analyze.occupancy_sum_non_hydrogen      ? 
_refine_analyze.pdbx_refine_id                  'X-RAY DIFFRACTION' 
_refine_analyze.pdbx_Luzzati_d_res_high_obs     ? 
# 
_refine_hist.pdbx_refine_id                   'X-RAY DIFFRACTION' 
_refine_hist.cycle_id                         LAST 
_refine_hist.pdbx_number_atoms_protein        1003 
_refine_hist.pdbx_number_atoms_nucleic_acid   0 
_refine_hist.pdbx_number_atoms_ligand         0 
_refine_hist.number_atoms_solvent             71 
_refine_hist.number_atoms_total               1074 
_refine_hist.d_res_high                       2.4 
_refine_hist.d_res_low                        8.0 
# 
loop_
_refine_ls_restr.type 
_refine_ls_restr.dev_ideal 
_refine_ls_restr.dev_ideal_target 
_refine_ls_restr.weight 
_refine_ls_restr.number 
_refine_ls_restr.pdbx_refine_id 
_refine_ls_restr.pdbx_restraint_function 
x_bond_d                0.009 ? ? ? 'X-RAY DIFFRACTION' ? 
x_bond_d_na             ?     ? ? ? 'X-RAY DIFFRACTION' ? 
x_bond_d_prot           ?     ? ? ? 'X-RAY DIFFRACTION' ? 
x_angle_d               ?     ? ? ? 'X-RAY DIFFRACTION' ? 
x_angle_d_na            ?     ? ? ? 'X-RAY DIFFRACTION' ? 
x_angle_d_prot          ?     ? ? ? 'X-RAY DIFFRACTION' ? 
x_angle_deg             1.77  ? ? ? 'X-RAY DIFFRACTION' ? 
x_angle_deg_na          ?     ? ? ? 'X-RAY DIFFRACTION' ? 
x_angle_deg_prot        ?     ? ? ? 'X-RAY DIFFRACTION' ? 
x_dihedral_angle_d      20.38 ? ? ? 'X-RAY DIFFRACTION' ? 
x_dihedral_angle_d_na   ?     ? ? ? 'X-RAY DIFFRACTION' ? 
x_dihedral_angle_d_prot ?     ? ? ? 'X-RAY DIFFRACTION' ? 
x_improper_angle_d      1.38  ? ? ? 'X-RAY DIFFRACTION' ? 
x_improper_angle_d_na   ?     ? ? ? 'X-RAY DIFFRACTION' ? 
x_improper_angle_d_prot ?     ? ? ? 'X-RAY DIFFRACTION' ? 
x_mcbond_it             ?     ? ? ? 'X-RAY DIFFRACTION' ? 
x_mcangle_it            ?     ? ? ? 'X-RAY DIFFRACTION' ? 
x_scbond_it             ?     ? ? ? 'X-RAY DIFFRACTION' ? 
x_scangle_it            ?     ? ? ? 'X-RAY DIFFRACTION' ? 
# 
_refine_ls_shell.pdbx_total_number_of_bins_used   8 
_refine_ls_shell.d_res_high                       2.40 
_refine_ls_shell.d_res_low                        2.51 
_refine_ls_shell.number_reflns_R_work             873 
_refine_ls_shell.R_factor_R_work                  0.322 
_refine_ls_shell.percent_reflns_obs               90 
_refine_ls_shell.R_factor_R_free                  0.342 
_refine_ls_shell.R_factor_R_free_error            0.035 
_refine_ls_shell.percent_reflns_R_free            10.0 
_refine_ls_shell.number_reflns_R_free             97 
_refine_ls_shell.pdbx_refine_id                   'X-RAY DIFFRACTION' 
_refine_ls_shell.redundancy_reflns_obs            ? 
_refine_ls_shell.number_reflns_all                ? 
_refine_ls_shell.number_reflns_obs                ? 
_refine_ls_shell.R_factor_all                     ? 
# 
loop_
_pdbx_xplor_file.serial_no 
_pdbx_xplor_file.param_file 
_pdbx_xplor_file.topol_file 
_pdbx_xplor_file.pdbx_refine_id 
1 PARAM19X.PRO TOPH19X.PRO  'X-RAY DIFFRACTION' 
2 PARAM19.SOL  TOPH19.SOL   'X-RAY DIFFRACTION' 
3 PARHCSDX.PRO TOPHCSDX.PRO 'X-RAY DIFFRACTION' 
# 
_struct.entry_id                  1AX8 
_struct.title                     'Human obesity protein, leptin' 
_struct.pdbx_model_details        ? 
_struct.pdbx_CASP_flag            ? 
_struct.pdbx_model_type_details   ? 
# 
_struct_keywords.entry_id        1AX8 
_struct_keywords.pdbx_keywords   CYTOKINE 
_struct_keywords.text            'HELICAL CYTOKINE, HEMATOPOIETIC FACTOR, DIABETES, OBESITY, CYTOKINE' 
# 
loop_
_struct_asym.id 
_struct_asym.pdbx_blank_PDB_chainid_flag 
_struct_asym.pdbx_modified 
_struct_asym.entity_id 
_struct_asym.details 
A N N 1 ? 
B N N 2 ? 
# 
_struct_ref.id                         1 
_struct_ref.db_name                    UNP 
_struct_ref.db_code                    OB_HUMAN 
_struct_ref.entity_id                  1 
_struct_ref.pdbx_db_accession          P41159 
_struct_ref.pdbx_align_begin           22 
_struct_ref.pdbx_seq_one_letter_code   
;VPIQKVQDDTKTLIKTIVTRINDISHTQSVSSKQKVTGLDFIPGLHPILTLSKMDQTLAVYQQILTSMPSRNVIQISNDL
ENLRDLLHVLAFSKSCHLPWASGLETLDSLGGVLEASGYSTEVVALSRLQGSLQDMLWQLDLSPGC
;
_struct_ref.pdbx_db_isoform            ? 
# 
_struct_ref_seq.align_id                      1 
_struct_ref_seq.ref_id                        1 
_struct_ref_seq.pdbx_PDB_id_code              1AX8 
_struct_ref_seq.pdbx_strand_id                A 
_struct_ref_seq.seq_align_beg                 1 
_struct_ref_seq.pdbx_seq_align_beg_ins_code   ? 
_struct_ref_seq.seq_align_end                 146 
_struct_ref_seq.pdbx_seq_align_end_ins_code   ? 
_struct_ref_seq.pdbx_db_accession             P41159 
_struct_ref_seq.db_align_beg                  22 
_struct_ref_seq.pdbx_db_align_beg_ins_code    ? 
_struct_ref_seq.db_align_end                  167 
_struct_ref_seq.pdbx_db_align_end_ins_code    ? 
_struct_ref_seq.pdbx_auth_seq_align_beg       1 
_struct_ref_seq.pdbx_auth_seq_align_end       146 
# 
_struct_ref_seq_dif.align_id                     1 
_struct_ref_seq_dif.pdbx_pdb_id_code             1AX8 
_struct_ref_seq_dif.mon_id                       GLU 
_struct_ref_seq_dif.pdbx_pdb_strand_id           A 
_struct_ref_seq_dif.seq_num                      100 
_struct_ref_seq_dif.pdbx_pdb_ins_code            ? 
_struct_ref_seq_dif.pdbx_seq_db_name             UNP 
_struct_ref_seq_dif.pdbx_seq_db_accession_code   P41159 
_struct_ref_seq_dif.db_mon_id                    TRP 
_struct_ref_seq_dif.pdbx_seq_db_seq_num          121 
_struct_ref_seq_dif.details                      'engineered mutation' 
_struct_ref_seq_dif.pdbx_auth_seq_num            100 
_struct_ref_seq_dif.pdbx_ordinal                 1 
# 
loop_
_pdbx_struct_assembly.id 
_pdbx_struct_assembly.details 
_pdbx_struct_assembly.method_details 
_pdbx_struct_assembly.oligomeric_details 
_pdbx_struct_assembly.oligomeric_count 
1 author_defined_assembly   ?    monomeric 1 
2 software_defined_assembly PISA trimeric  3 
# 
loop_
_pdbx_struct_assembly_prop.biol_id 
_pdbx_struct_assembly_prop.type 
_pdbx_struct_assembly_prop.value 
_pdbx_struct_assembly_prop.details 
2 'ABSA (A^2)' 4040  ? 
2 MORE         -34   ? 
2 'SSA (A^2)'  17190 ? 
# 
loop_
_pdbx_struct_assembly_gen.assembly_id 
_pdbx_struct_assembly_gen.oper_expression 
_pdbx_struct_assembly_gen.asym_id_list 
1 1     A,B 
2 1,2,3 A,B 
# 
loop_
_pdbx_struct_oper_list.id 
_pdbx_struct_oper_list.type 
_pdbx_struct_oper_list.name 
_pdbx_struct_oper_list.symmetry_operation 
_pdbx_struct_oper_list.matrix[1][1] 
_pdbx_struct_oper_list.matrix[1][2] 
_pdbx_struct_oper_list.matrix[1][3] 
_pdbx_struct_oper_list.vector[1] 
_pdbx_struct_oper_list.matrix[2][1] 
_pdbx_struct_oper_list.matrix[2][2] 
_pdbx_struct_oper_list.matrix[2][3] 
_pdbx_struct_oper_list.vector[2] 
_pdbx_struct_oper_list.matrix[3][1] 
_pdbx_struct_oper_list.matrix[3][2] 
_pdbx_struct_oper_list.matrix[3][3] 
_pdbx_struct_oper_list.vector[3] 
1 'identity operation'         1_555 x,y,z       1.0000000000 0.0000000000 0.0000000000  0.0000000000  0.0000000000 1.0000000000  0.0000000000  0.0000000000   0.0000000000  0.0000000000  1.0000000000  0.0000000000   
2 'crystal symmetry operation' 2_545 -y,x-y-1,z  0.6938776771 0.5298135658 -0.4876795615 -1.1744181263 0.6619167390 -0.2026033013 0.7216773053  -2.0212741646  0.2835489374  -0.8235590372 -0.4912743758 -25.5377499933 
3 'crystal symmetry operation' 3_655 -x+y+1,-x,z 0.6938776771 0.6619167390 0.2835489374  9.3940195990  0.5298135658 -0.2026033013 -0.8235590372 -20.8191389612 -0.4876795615 0.7216773053  -0.4912743758 -11.6600742108 
# 
_struct_biol.id        1 
_struct_biol.details   ? 
# 
loop_
_struct_conf.conf_type_id 
_struct_conf.id 
_struct_conf.pdbx_PDB_helix_id 
_struct_conf.beg_label_comp_id 
_struct_conf.beg_label_asym_id 
_struct_conf.beg_label_seq_id 
_struct_conf.pdbx_beg_PDB_ins_code 
_struct_conf.end_label_comp_id 
_struct_conf.end_label_asym_id 
_struct_conf.end_label_seq_id 
_struct_conf.pdbx_end_PDB_ins_code 
_struct_conf.beg_auth_comp_id 
_struct_conf.beg_auth_asym_id 
_struct_conf.beg_auth_seq_id 
_struct_conf.end_auth_comp_id 
_struct_conf.end_auth_asym_id 
_struct_conf.end_auth_seq_id 
_struct_conf.pdbx_PDB_helix_class 
_struct_conf.details 
_struct_conf.pdbx_PDB_helix_length 
HELX_P HELX_P1 HA GLN A 4   ? ASP A 23  ? GLN A 4   ASP A 23  1 ?                               20 
HELX_P HELX_P2 HB LEU A 51  ? SER A 67  ? LEU A 51  SER A 67  1 ?                               17 
HELX_P HELX_P3 HC ARG A 71  ? LYS A 94  ? ARG A 71  LYS A 94  1 ?                               24 
HELX_P HELX_P4 HD SER A 120 ? SER A 143 ? SER A 120 SER A 143 1 'ENDS WITH 1 BEND TURN OF 3/10' 24 
HELX_P HELX_P5 HE THR A 106 ? GLU A 115 ? THR A 106 GLU A 115 5 'BEND AT MIDDLE GLY 111'        10 
# 
_struct_conf_type.id          HELX_P 
_struct_conf_type.criteria    ? 
_struct_conf_type.reference   ? 
# 
_struct_conn.id                            disulf1 
_struct_conn.conn_type_id                  disulf 
_struct_conn.pdbx_leaving_atom_flag        ? 
_struct_conn.pdbx_PDB_id                   ? 
_struct_conn.ptnr1_label_asym_id           A 
_struct_conn.ptnr1_label_comp_id           CYS 
_struct_conn.ptnr1_label_seq_id            96 
_struct_conn.ptnr1_label_atom_id           SG 
_struct_conn.pdbx_ptnr1_label_alt_id       ? 
_struct_conn.pdbx_ptnr1_PDB_ins_code       ? 
_struct_conn.pdbx_ptnr1_standard_comp_id   ? 
_struct_conn.ptnr1_symmetry                1_555 
_struct_conn.ptnr2_label_asym_id           A 
_struct_conn.ptnr2_label_comp_id           CYS 
_struct_conn.ptnr2_label_seq_id            146 
_struct_conn.ptnr2_label_atom_id           SG 
_struct_conn.pdbx_ptnr2_label_alt_id       ? 
_struct_conn.pdbx_ptnr2_PDB_ins_code       ? 
_struct_conn.ptnr1_auth_asym_id            A 
_struct_conn.ptnr1_auth_comp_id            CYS 
_struct_conn.ptnr1_auth_seq_id             96 
_struct_conn.ptnr2_auth_asym_id            A 
_struct_conn.ptnr2_auth_comp_id            CYS 
_struct_conn.ptnr2_auth_seq_id             146 
_struct_conn.ptnr2_symmetry                1_555 
_struct_conn.pdbx_ptnr3_label_atom_id      ? 
_struct_conn.pdbx_ptnr3_label_seq_id       ? 
_struct_conn.pdbx_ptnr3_label_comp_id      ? 
_struct_conn.pdbx_ptnr3_label_asym_id      ? 
_struct_conn.pdbx_ptnr3_label_alt_id       ? 
_struct_conn.pdbx_ptnr3_PDB_ins_code       ? 
_struct_conn.details                       ? 
_struct_conn.pdbx_dist_value               2.016 
_struct_conn.pdbx_value_order              ? 
_struct_conn.pdbx_role                     ? 
# 
_struct_conn_type.id          disulf 
_struct_conn_type.criteria    ? 
_struct_conn_type.reference   ? 
# 
_pdbx_modification_feature.ordinal                            1 
_pdbx_modification_feature.label_comp_id                      CYS 
_pdbx_modification_feature.label_asym_id                      A 
_pdbx_modification_feature.label_seq_id                       96 
_pdbx_modification_feature.label_alt_id                       ? 
_pdbx_modification_feature.modified_residue_label_comp_id     CYS 
_pdbx_modification_feature.modified_residue_label_asym_id     A 
_pdbx_modification_feature.modified_residue_label_seq_id      146 
_pdbx_modification_feature.modified_residue_label_alt_id      ? 
_pdbx_modification_feature.auth_comp_id                       CYS 
_pdbx_modification_feature.auth_asym_id                       A 
_pdbx_modification_feature.auth_seq_id                        96 
_pdbx_modification_feature.PDB_ins_code                       ? 
_pdbx_modification_feature.symmetry                           1_555 
_pdbx_modification_feature.modified_residue_auth_comp_id      CYS 
_pdbx_modification_feature.modified_residue_auth_asym_id      A 
_pdbx_modification_feature.modified_residue_auth_seq_id       146 
_pdbx_modification_feature.modified_residue_PDB_ins_code      ? 
_pdbx_modification_feature.modified_residue_symmetry          1_555 
_pdbx_modification_feature.comp_id_linking_atom               SG 
_pdbx_modification_feature.modified_residue_id_linking_atom   SG 
_pdbx_modification_feature.modified_residue_id                . 
_pdbx_modification_feature.ref_pcm_id                         . 
_pdbx_modification_feature.ref_comp_id                        . 
_pdbx_modification_feature.type                               None 
_pdbx_modification_feature.category                           'Disulfide bridge' 
# 
_pdbx_entry_details.entry_id                   1AX8 
_pdbx_entry_details.compound_details           ? 
_pdbx_entry_details.source_details             ? 
_pdbx_entry_details.nonpolymer_details         ? 
_pdbx_entry_details.sequence_details           ? 
_pdbx_entry_details.has_ligand_of_interest     ? 
_pdbx_entry_details.has_protein_modification   Y 
# 
loop_
_pdbx_validate_close_contact.id 
_pdbx_validate_close_contact.PDB_model_num 
_pdbx_validate_close_contact.auth_atom_id_1 
_pdbx_validate_close_contact.auth_asym_id_1 
_pdbx_validate_close_contact.auth_comp_id_1 
_pdbx_validate_close_contact.auth_seq_id_1 
_pdbx_validate_close_contact.PDB_ins_code_1 
_pdbx_validate_close_contact.label_alt_id_1 
_pdbx_validate_close_contact.auth_atom_id_2 
_pdbx_validate_close_contact.auth_asym_id_2 
_pdbx_validate_close_contact.auth_comp_id_2 
_pdbx_validate_close_contact.auth_seq_id_2 
_pdbx_validate_close_contact.PDB_ins_code_2 
_pdbx_validate_close_contact.label_alt_id_2 
_pdbx_validate_close_contact.dist 
1 1 NZ  A LYS 11  ? ? O A HOH 167 ? ? 1.67 
2 1 OE2 A GLU 115 ? ? O A HOH 213 ? ? 2.10 
3 1 ND1 A HIS 46  ? ? O A HOH 164 ? ? 2.19 
# 
loop_
_pdbx_validate_symm_contact.id 
_pdbx_validate_symm_contact.PDB_model_num 
_pdbx_validate_symm_contact.auth_atom_id_1 
_pdbx_validate_symm_contact.auth_asym_id_1 
_pdbx_validate_symm_contact.auth_comp_id_1 
_pdbx_validate_symm_contact.auth_seq_id_1 
_pdbx_validate_symm_contact.PDB_ins_code_1 
_pdbx_validate_symm_contact.label_alt_id_1 
_pdbx_validate_symm_contact.site_symmetry_1 
_pdbx_validate_symm_contact.auth_atom_id_2 
_pdbx_validate_symm_contact.auth_asym_id_2 
_pdbx_validate_symm_contact.auth_comp_id_2 
_pdbx_validate_symm_contact.auth_seq_id_2 
_pdbx_validate_symm_contact.PDB_ins_code_2 
_pdbx_validate_symm_contact.label_alt_id_2 
_pdbx_validate_symm_contact.site_symmetry_2 
_pdbx_validate_symm_contact.dist 
1 1 O   A HOH 207 ? ? 1_555 O A HOH 217 ? ? 3_655 0.13 
2 1 O   A HOH 161 ? ? 1_555 O A HOH 192 ? ? 4_644 0.31 
3 1 O   A THR 106 ? ? 1_555 O A HOH 180 ? ? 3_655 1.20 
4 1 OG  A SER 109 ? ? 1_555 O A HOH 180 ? ? 3_655 1.94 
5 1 OE2 A GLU 81  ? ? 1_555 O A HOH 151 ? ? 4_645 2.13 
# 
_pdbx_validate_rmsd_angle.id                         1 
_pdbx_validate_rmsd_angle.PDB_model_num              1 
_pdbx_validate_rmsd_angle.auth_atom_id_1             CG 
_pdbx_validate_rmsd_angle.auth_asym_id_1             A 
_pdbx_validate_rmsd_angle.auth_comp_id_1             MET 
_pdbx_validate_rmsd_angle.auth_seq_id_1              136 
_pdbx_validate_rmsd_angle.PDB_ins_code_1             ? 
_pdbx_validate_rmsd_angle.label_alt_id_1             ? 
_pdbx_validate_rmsd_angle.auth_atom_id_2             SD 
_pdbx_validate_rmsd_angle.auth_asym_id_2             A 
_pdbx_validate_rmsd_angle.auth_comp_id_2             MET 
_pdbx_validate_rmsd_angle.auth_seq_id_2              136 
_pdbx_validate_rmsd_angle.PDB_ins_code_2             ? 
_pdbx_validate_rmsd_angle.label_alt_id_2             ? 
_pdbx_validate_rmsd_angle.auth_atom_id_3             CE 
_pdbx_validate_rmsd_angle.auth_asym_id_3             A 
_pdbx_validate_rmsd_angle.auth_comp_id_3             MET 
_pdbx_validate_rmsd_angle.auth_seq_id_3              136 
_pdbx_validate_rmsd_angle.PDB_ins_code_3             ? 
_pdbx_validate_rmsd_angle.label_alt_id_3             ? 
_pdbx_validate_rmsd_angle.angle_value                109.94 
_pdbx_validate_rmsd_angle.angle_target_value         100.20 
_pdbx_validate_rmsd_angle.angle_deviation            9.74 
_pdbx_validate_rmsd_angle.angle_standard_deviation   1.60 
_pdbx_validate_rmsd_angle.linker_flag                N 
# 
loop_
_pdbx_validate_torsion.id 
_pdbx_validate_torsion.PDB_model_num 
_pdbx_validate_torsion.auth_comp_id 
_pdbx_validate_torsion.auth_asym_id 
_pdbx_validate_torsion.auth_seq_id 
_pdbx_validate_torsion.PDB_ins_code 
_pdbx_validate_torsion.label_alt_id 
_pdbx_validate_torsion.phi 
_pdbx_validate_torsion.psi 
1 1 HIS A 46  ? ? 34.49   37.22   
2 1 ILE A 48  ? ? -97.40  -148.29 
3 1 MET A 68  ? ? -141.54 59.39   
4 1 SER A 143 ? ? 43.72   70.91   
# 
loop_
_pdbx_unobs_or_zero_occ_residues.id 
_pdbx_unobs_or_zero_occ_residues.PDB_model_num 
_pdbx_unobs_or_zero_occ_residues.polymer_flag 
_pdbx_unobs_or_zero_occ_residues.occupancy_flag 
_pdbx_unobs_or_zero_occ_residues.auth_asym_id 
_pdbx_unobs_or_zero_occ_residues.auth_comp_id 
_pdbx_unobs_or_zero_occ_residues.auth_seq_id 
_pdbx_unobs_or_zero_occ_residues.PDB_ins_code 
_pdbx_unobs_or_zero_occ_residues.label_asym_id 
_pdbx_unobs_or_zero_occ_residues.label_comp_id 
_pdbx_unobs_or_zero_occ_residues.label_seq_id 
1  1 Y 1 A VAL 1  ? A VAL 1  
2  1 Y 1 A PRO 2  ? A PRO 2  
3  1 Y 1 A SER 25 ? A SER 25 
4  1 Y 1 A HIS 26 ? A HIS 26 
5  1 Y 1 A THR 27 ? A THR 27 
6  1 Y 1 A GLN 28 ? A GLN 28 
7  1 Y 1 A SER 29 ? A SER 29 
8  1 Y 1 A VAL 30 ? A VAL 30 
9  1 Y 1 A SER 31 ? A SER 31 
10 1 Y 1 A SER 32 ? A SER 32 
11 1 Y 1 A LYS 33 ? A LYS 33 
12 1 Y 1 A GLN 34 ? A GLN 34 
13 1 Y 1 A LYS 35 ? A LYS 35 
14 1 Y 1 A VAL 36 ? A VAL 36 
15 1 Y 1 A THR 37 ? A THR 37 
16 1 Y 1 A GLY 38 ? A GLY 38 
# 
loop_
_chem_comp_atom.comp_id 
_chem_comp_atom.atom_id 
_chem_comp_atom.type_symbol 
_chem_comp_atom.pdbx_aromatic_flag 
_chem_comp_atom.pdbx_stereo_config 
_chem_comp_atom.pdbx_ordinal 
ALA N    N N N 1   
ALA CA   C N S 2   
ALA C    C N N 3   
ALA O    O N N 4   
ALA CB   C N N 5   
ALA OXT  O N N 6   
ALA H    H N N 7   
ALA H2   H N N 8   
ALA HA   H N N 9   
ALA HB1  H N N 10  
ALA HB2  H N N 11  
ALA HB3  H N N 12  
ALA HXT  H N N 13  
ARG N    N N N 14  
ARG CA   C N S 15  
ARG C    C N N 16  
ARG O    O N N 17  
ARG CB   C N N 18  
ARG CG   C N N 19  
ARG CD   C N N 20  
ARG NE   N N N 21  
ARG CZ   C N N 22  
ARG NH1  N N N 23  
ARG NH2  N N N 24  
ARG OXT  O N N 25  
ARG H    H N N 26  
ARG H2   H N N 27  
ARG HA   H N N 28  
ARG HB2  H N N 29  
ARG HB3  H N N 30  
ARG HG2  H N N 31  
ARG HG3  H N N 32  
ARG HD2  H N N 33  
ARG HD3  H N N 34  
ARG HE   H N N 35  
ARG HH11 H N N 36  
ARG HH12 H N N 37  
ARG HH21 H N N 38  
ARG HH22 H N N 39  
ARG HXT  H N N 40  
ASN N    N N N 41  
ASN CA   C N S 42  
ASN C    C N N 43  
ASN O    O N N 44  
ASN CB   C N N 45  
ASN CG   C N N 46  
ASN OD1  O N N 47  
ASN ND2  N N N 48  
ASN OXT  O N N 49  
ASN H    H N N 50  
ASN H2   H N N 51  
ASN HA   H N N 52  
ASN HB2  H N N 53  
ASN HB3  H N N 54  
ASN HD21 H N N 55  
ASN HD22 H N N 56  
ASN HXT  H N N 57  
ASP N    N N N 58  
ASP CA   C N S 59  
ASP C    C N N 60  
ASP O    O N N 61  
ASP CB   C N N 62  
ASP CG   C N N 63  
ASP OD1  O N N 64  
ASP OD2  O N N 65  
ASP OXT  O N N 66  
ASP H    H N N 67  
ASP H2   H N N 68  
ASP HA   H N N 69  
ASP HB2  H N N 70  
ASP HB3  H N N 71  
ASP HD2  H N N 72  
ASP HXT  H N N 73  
CYS N    N N N 74  
CYS CA   C N R 75  
CYS C    C N N 76  
CYS O    O N N 77  
CYS CB   C N N 78  
CYS SG   S N N 79  
CYS OXT  O N N 80  
CYS H    H N N 81  
CYS H2   H N N 82  
CYS HA   H N N 83  
CYS HB2  H N N 84  
CYS HB3  H N N 85  
CYS HG   H N N 86  
CYS HXT  H N N 87  
GLN N    N N N 88  
GLN CA   C N S 89  
GLN C    C N N 90  
GLN O    O N N 91  
GLN CB   C N N 92  
GLN CG   C N N 93  
GLN CD   C N N 94  
GLN OE1  O N N 95  
GLN NE2  N N N 96  
GLN OXT  O N N 97  
GLN H    H N N 98  
GLN H2   H N N 99  
GLN HA   H N N 100 
GLN HB2  H N N 101 
GLN HB3  H N N 102 
GLN HG2  H N N 103 
GLN HG3  H N N 104 
GLN HE21 H N N 105 
GLN HE22 H N N 106 
GLN HXT  H N N 107 
GLU N    N N N 108 
GLU CA   C N S 109 
GLU C    C N N 110 
GLU O    O N N 111 
GLU CB   C N N 112 
GLU CG   C N N 113 
GLU CD   C N N 114 
GLU OE1  O N N 115 
GLU OE2  O N N 116 
GLU OXT  O N N 117 
GLU H    H N N 118 
GLU H2   H N N 119 
GLU HA   H N N 120 
GLU HB2  H N N 121 
GLU HB3  H N N 122 
GLU HG2  H N N 123 
GLU HG3  H N N 124 
GLU HE2  H N N 125 
GLU HXT  H N N 126 
GLY N    N N N 127 
GLY CA   C N N 128 
GLY C    C N N 129 
GLY O    O N N 130 
GLY OXT  O N N 131 
GLY H    H N N 132 
GLY H2   H N N 133 
GLY HA2  H N N 134 
GLY HA3  H N N 135 
GLY HXT  H N N 136 
HIS N    N N N 137 
HIS CA   C N S 138 
HIS C    C N N 139 
HIS O    O N N 140 
HIS CB   C N N 141 
HIS CG   C Y N 142 
HIS ND1  N Y N 143 
HIS CD2  C Y N 144 
HIS CE1  C Y N 145 
HIS NE2  N Y N 146 
HIS OXT  O N N 147 
HIS H    H N N 148 
HIS H2   H N N 149 
HIS HA   H N N 150 
HIS HB2  H N N 151 
HIS HB3  H N N 152 
HIS HD1  H N N 153 
HIS HD2  H N N 154 
HIS HE1  H N N 155 
HIS HE2  H N N 156 
HIS HXT  H N N 157 
HOH O    O N N 158 
HOH H1   H N N 159 
HOH H2   H N N 160 
ILE N    N N N 161 
ILE CA   C N S 162 
ILE C    C N N 163 
ILE O    O N N 164 
ILE CB   C N S 165 
ILE CG1  C N N 166 
ILE CG2  C N N 167 
ILE CD1  C N N 168 
ILE OXT  O N N 169 
ILE H    H N N 170 
ILE H2   H N N 171 
ILE HA   H N N 172 
ILE HB   H N N 173 
ILE HG12 H N N 174 
ILE HG13 H N N 175 
ILE HG21 H N N 176 
ILE HG22 H N N 177 
ILE HG23 H N N 178 
ILE HD11 H N N 179 
ILE HD12 H N N 180 
ILE HD13 H N N 181 
ILE HXT  H N N 182 
LEU N    N N N 183 
LEU CA   C N S 184 
LEU C    C N N 185 
LEU O    O N N 186 
LEU CB   C N N 187 
LEU CG   C N N 188 
LEU CD1  C N N 189 
LEU CD2  C N N 190 
LEU OXT  O N N 191 
LEU H    H N N 192 
LEU H2   H N N 193 
LEU HA   H N N 194 
LEU HB2  H N N 195 
LEU HB3  H N N 196 
LEU HG   H N N 197 
LEU HD11 H N N 198 
LEU HD12 H N N 199 
LEU HD13 H N N 200 
LEU HD21 H N N 201 
LEU HD22 H N N 202 
LEU HD23 H N N 203 
LEU HXT  H N N 204 
LYS N    N N N 205 
LYS CA   C N S 206 
LYS C    C N N 207 
LYS O    O N N 208 
LYS CB   C N N 209 
LYS CG   C N N 210 
LYS CD   C N N 211 
LYS CE   C N N 212 
LYS NZ   N N N 213 
LYS OXT  O N N 214 
LYS H    H N N 215 
LYS H2   H N N 216 
LYS HA   H N N 217 
LYS HB2  H N N 218 
LYS HB3  H N N 219 
LYS HG2  H N N 220 
LYS HG3  H N N 221 
LYS HD2  H N N 222 
LYS HD3  H N N 223 
LYS HE2  H N N 224 
LYS HE3  H N N 225 
LYS HZ1  H N N 226 
LYS HZ2  H N N 227 
LYS HZ3  H N N 228 
LYS HXT  H N N 229 
MET N    N N N 230 
MET CA   C N S 231 
MET C    C N N 232 
MET O    O N N 233 
MET CB   C N N 234 
MET CG   C N N 235 
MET SD   S N N 236 
MET CE   C N N 237 
MET OXT  O N N 238 
MET H    H N N 239 
MET H2   H N N 240 
MET HA   H N N 241 
MET HB2  H N N 242 
MET HB3  H N N 243 
MET HG2  H N N 244 
MET HG3  H N N 245 
MET HE1  H N N 246 
MET HE2  H N N 247 
MET HE3  H N N 248 
MET HXT  H N N 249 
PHE N    N N N 250 
PHE CA   C N S 251 
PHE C    C N N 252 
PHE O    O N N 253 
PHE CB   C N N 254 
PHE CG   C Y N 255 
PHE CD1  C Y N 256 
PHE CD2  C Y N 257 
PHE CE1  C Y N 258 
PHE CE2  C Y N 259 
PHE CZ   C Y N 260 
PHE OXT  O N N 261 
PHE H    H N N 262 
PHE H2   H N N 263 
PHE HA   H N N 264 
PHE HB2  H N N 265 
PHE HB3  H N N 266 
PHE HD1  H N N 267 
PHE HD2  H N N 268 
PHE HE1  H N N 269 
PHE HE2  H N N 270 
PHE HZ   H N N 271 
PHE HXT  H N N 272 
PRO N    N N N 273 
PRO CA   C N S 274 
PRO C    C N N 275 
PRO O    O N N 276 
PRO CB   C N N 277 
PRO CG   C N N 278 
PRO CD   C N N 279 
PRO OXT  O N N 280 
PRO H    H N N 281 
PRO HA   H N N 282 
PRO HB2  H N N 283 
PRO HB3  H N N 284 
PRO HG2  H N N 285 
PRO HG3  H N N 286 
PRO HD2  H N N 287 
PRO HD3  H N N 288 
PRO HXT  H N N 289 
SER N    N N N 290 
SER CA   C N S 291 
SER C    C N N 292 
SER O    O N N 293 
SER CB   C N N 294 
SER OG   O N N 295 
SER OXT  O N N 296 
SER H    H N N 297 
SER H2   H N N 298 
SER HA   H N N 299 
SER HB2  H N N 300 
SER HB3  H N N 301 
SER HG   H N N 302 
SER HXT  H N N 303 
THR N    N N N 304 
THR CA   C N S 305 
THR C    C N N 306 
THR O    O N N 307 
THR CB   C N R 308 
THR OG1  O N N 309 
THR CG2  C N N 310 
THR OXT  O N N 311 
THR H    H N N 312 
THR H2   H N N 313 
THR HA   H N N 314 
THR HB   H N N 315 
THR HG1  H N N 316 
THR HG21 H N N 317 
THR HG22 H N N 318 
THR HG23 H N N 319 
THR HXT  H N N 320 
TRP N    N N N 321 
TRP CA   C N S 322 
TRP C    C N N 323 
TRP O    O N N 324 
TRP CB   C N N 325 
TRP CG   C Y N 326 
TRP CD1  C Y N 327 
TRP CD2  C Y N 328 
TRP NE1  N Y N 329 
TRP CE2  C Y N 330 
TRP CE3  C Y N 331 
TRP CZ2  C Y N 332 
TRP CZ3  C Y N 333 
TRP CH2  C Y N 334 
TRP OXT  O N N 335 
TRP H    H N N 336 
TRP H2   H N N 337 
TRP HA   H N N 338 
TRP HB2  H N N 339 
TRP HB3  H N N 340 
TRP HD1  H N N 341 
TRP HE1  H N N 342 
TRP HE3  H N N 343 
TRP HZ2  H N N 344 
TRP HZ3  H N N 345 
TRP HH2  H N N 346 
TRP HXT  H N N 347 
TYR N    N N N 348 
TYR CA   C N S 349 
TYR C    C N N 350 
TYR O    O N N 351 
TYR CB   C N N 352 
TYR CG   C Y N 353 
TYR CD1  C Y N 354 
TYR CD2  C Y N 355 
TYR CE1  C Y N 356 
TYR CE2  C Y N 357 
TYR CZ   C Y N 358 
TYR OH   O N N 359 
TYR OXT  O N N 360 
TYR H    H N N 361 
TYR H2   H N N 362 
TYR HA   H N N 363 
TYR HB2  H N N 364 
TYR HB3  H N N 365 
TYR HD1  H N N 366 
TYR HD2  H N N 367 
TYR HE1  H N N 368 
TYR HE2  H N N 369 
TYR HH   H N N 370 
TYR HXT  H N N 371 
VAL N    N N N 372 
VAL CA   C N S 373 
VAL C    C N N 374 
VAL O    O N N 375 
VAL CB   C N N 376 
VAL CG1  C N N 377 
VAL CG2  C N N 378 
VAL OXT  O N N 379 
VAL H    H N N 380 
VAL H2   H N N 381 
VAL HA   H N N 382 
VAL HB   H N N 383 
VAL HG11 H N N 384 
VAL HG12 H N N 385 
VAL HG13 H N N 386 
VAL HG21 H N N 387 
VAL HG22 H N N 388 
VAL HG23 H N N 389 
VAL HXT  H N N 390 
# 
loop_
_chem_comp_bond.comp_id 
_chem_comp_bond.atom_id_1 
_chem_comp_bond.atom_id_2 
_chem_comp_bond.value_order 
_chem_comp_bond.pdbx_aromatic_flag 
_chem_comp_bond.pdbx_stereo_config 
_chem_comp_bond.pdbx_ordinal 
ALA N   CA   sing N N 1   
ALA N   H    sing N N 2   
ALA N   H2   sing N N 3   
ALA CA  C    sing N N 4   
ALA CA  CB   sing N N 5   
ALA CA  HA   sing N N 6   
ALA C   O    doub N N 7   
ALA C   OXT  sing N N 8   
ALA CB  HB1  sing N N 9   
ALA CB  HB2  sing N N 10  
ALA CB  HB3  sing N N 11  
ALA OXT HXT  sing N N 12  
ARG N   CA   sing N N 13  
ARG N   H    sing N N 14  
ARG N   H2   sing N N 15  
ARG CA  C    sing N N 16  
ARG CA  CB   sing N N 17  
ARG CA  HA   sing N N 18  
ARG C   O    doub N N 19  
ARG C   OXT  sing N N 20  
ARG CB  CG   sing N N 21  
ARG CB  HB2  sing N N 22  
ARG CB  HB3  sing N N 23  
ARG CG  CD   sing N N 24  
ARG CG  HG2  sing N N 25  
ARG CG  HG3  sing N N 26  
ARG CD  NE   sing N N 27  
ARG CD  HD2  sing N N 28  
ARG CD  HD3  sing N N 29  
ARG NE  CZ   sing N N 30  
ARG NE  HE   sing N N 31  
ARG CZ  NH1  sing N N 32  
ARG CZ  NH2  doub N N 33  
ARG NH1 HH11 sing N N 34  
ARG NH1 HH12 sing N N 35  
ARG NH2 HH21 sing N N 36  
ARG NH2 HH22 sing N N 37  
ARG OXT HXT  sing N N 38  
ASN N   CA   sing N N 39  
ASN N   H    sing N N 40  
ASN N   H2   sing N N 41  
ASN CA  C    sing N N 42  
ASN CA  CB   sing N N 43  
ASN CA  HA   sing N N 44  
ASN C   O    doub N N 45  
ASN C   OXT  sing N N 46  
ASN CB  CG   sing N N 47  
ASN CB  HB2  sing N N 48  
ASN CB  HB3  sing N N 49  
ASN CG  OD1  doub N N 50  
ASN CG  ND2  sing N N 51  
ASN ND2 HD21 sing N N 52  
ASN ND2 HD22 sing N N 53  
ASN OXT HXT  sing N N 54  
ASP N   CA   sing N N 55  
ASP N   H    sing N N 56  
ASP N   H2   sing N N 57  
ASP CA  C    sing N N 58  
ASP CA  CB   sing N N 59  
ASP CA  HA   sing N N 60  
ASP C   O    doub N N 61  
ASP C   OXT  sing N N 62  
ASP CB  CG   sing N N 63  
ASP CB  HB2  sing N N 64  
ASP CB  HB3  sing N N 65  
ASP CG  OD1  doub N N 66  
ASP CG  OD2  sing N N 67  
ASP OD2 HD2  sing N N 68  
ASP OXT HXT  sing N N 69  
CYS N   CA   sing N N 70  
CYS N   H    sing N N 71  
CYS N   H2   sing N N 72  
CYS CA  C    sing N N 73  
CYS CA  CB   sing N N 74  
CYS CA  HA   sing N N 75  
CYS C   O    doub N N 76  
CYS C   OXT  sing N N 77  
CYS CB  SG   sing N N 78  
CYS CB  HB2  sing N N 79  
CYS CB  HB3  sing N N 80  
CYS SG  HG   sing N N 81  
CYS OXT HXT  sing N N 82  
GLN N   CA   sing N N 83  
GLN N   H    sing N N 84  
GLN N   H2   sing N N 85  
GLN CA  C    sing N N 86  
GLN CA  CB   sing N N 87  
GLN CA  HA   sing N N 88  
GLN C   O    doub N N 89  
GLN C   OXT  sing N N 90  
GLN CB  CG   sing N N 91  
GLN CB  HB2  sing N N 92  
GLN CB  HB3  sing N N 93  
GLN CG  CD   sing N N 94  
GLN CG  HG2  sing N N 95  
GLN CG  HG3  sing N N 96  
GLN CD  OE1  doub N N 97  
GLN CD  NE2  sing N N 98  
GLN NE2 HE21 sing N N 99  
GLN NE2 HE22 sing N N 100 
GLN OXT HXT  sing N N 101 
GLU N   CA   sing N N 102 
GLU N   H    sing N N 103 
GLU N   H2   sing N N 104 
GLU CA  C    sing N N 105 
GLU CA  CB   sing N N 106 
GLU CA  HA   sing N N 107 
GLU C   O    doub N N 108 
GLU C   OXT  sing N N 109 
GLU CB  CG   sing N N 110 
GLU CB  HB2  sing N N 111 
GLU CB  HB3  sing N N 112 
GLU CG  CD   sing N N 113 
GLU CG  HG2  sing N N 114 
GLU CG  HG3  sing N N 115 
GLU CD  OE1  doub N N 116 
GLU CD  OE2  sing N N 117 
GLU OE2 HE2  sing N N 118 
GLU OXT HXT  sing N N 119 
GLY N   CA   sing N N 120 
GLY N   H    sing N N 121 
GLY N   H2   sing N N 122 
GLY CA  C    sing N N 123 
GLY CA  HA2  sing N N 124 
GLY CA  HA3  sing N N 125 
GLY C   O    doub N N 126 
GLY C   OXT  sing N N 127 
GLY OXT HXT  sing N N 128 
HIS N   CA   sing N N 129 
HIS N   H    sing N N 130 
HIS N   H2   sing N N 131 
HIS CA  C    sing N N 132 
HIS CA  CB   sing N N 133 
HIS CA  HA   sing N N 134 
HIS C   O    doub N N 135 
HIS C   OXT  sing N N 136 
HIS CB  CG   sing N N 137 
HIS CB  HB2  sing N N 138 
HIS CB  HB3  sing N N 139 
HIS CG  ND1  sing Y N 140 
HIS CG  CD2  doub Y N 141 
HIS ND1 CE1  doub Y N 142 
HIS ND1 HD1  sing N N 143 
HIS CD2 NE2  sing Y N 144 
HIS CD2 HD2  sing N N 145 
HIS CE1 NE2  sing Y N 146 
HIS CE1 HE1  sing N N 147 
HIS NE2 HE2  sing N N 148 
HIS OXT HXT  sing N N 149 
HOH O   H1   sing N N 150 
HOH O   H2   sing N N 151 
ILE N   CA   sing N N 152 
ILE N   H    sing N N 153 
ILE N   H2   sing N N 154 
ILE CA  C    sing N N 155 
ILE CA  CB   sing N N 156 
ILE CA  HA   sing N N 157 
ILE C   O    doub N N 158 
ILE C   OXT  sing N N 159 
ILE CB  CG1  sing N N 160 
ILE CB  CG2  sing N N 161 
ILE CB  HB   sing N N 162 
ILE CG1 CD1  sing N N 163 
ILE CG1 HG12 sing N N 164 
ILE CG1 HG13 sing N N 165 
ILE CG2 HG21 sing N N 166 
ILE CG2 HG22 sing N N 167 
ILE CG2 HG23 sing N N 168 
ILE CD1 HD11 sing N N 169 
ILE CD1 HD12 sing N N 170 
ILE CD1 HD13 sing N N 171 
ILE OXT HXT  sing N N 172 
LEU N   CA   sing N N 173 
LEU N   H    sing N N 174 
LEU N   H2   sing N N 175 
LEU CA  C    sing N N 176 
LEU CA  CB   sing N N 177 
LEU CA  HA   sing N N 178 
LEU C   O    doub N N 179 
LEU C   OXT  sing N N 180 
LEU CB  CG   sing N N 181 
LEU CB  HB2  sing N N 182 
LEU CB  HB3  sing N N 183 
LEU CG  CD1  sing N N 184 
LEU CG  CD2  sing N N 185 
LEU CG  HG   sing N N 186 
LEU CD1 HD11 sing N N 187 
LEU CD1 HD12 sing N N 188 
LEU CD1 HD13 sing N N 189 
LEU CD2 HD21 sing N N 190 
LEU CD2 HD22 sing N N 191 
LEU CD2 HD23 sing N N 192 
LEU OXT HXT  sing N N 193 
LYS N   CA   sing N N 194 
LYS N   H    sing N N 195 
LYS N   H2   sing N N 196 
LYS CA  C    sing N N 197 
LYS CA  CB   sing N N 198 
LYS CA  HA   sing N N 199 
LYS C   O    doub N N 200 
LYS C   OXT  sing N N 201 
LYS CB  CG   sing N N 202 
LYS CB  HB2  sing N N 203 
LYS CB  HB3  sing N N 204 
LYS CG  CD   sing N N 205 
LYS CG  HG2  sing N N 206 
LYS CG  HG3  sing N N 207 
LYS CD  CE   sing N N 208 
LYS CD  HD2  sing N N 209 
LYS CD  HD3  sing N N 210 
LYS CE  NZ   sing N N 211 
LYS CE  HE2  sing N N 212 
LYS CE  HE3  sing N N 213 
LYS NZ  HZ1  sing N N 214 
LYS NZ  HZ2  sing N N 215 
LYS NZ  HZ3  sing N N 216 
LYS OXT HXT  sing N N 217 
MET N   CA   sing N N 218 
MET N   H    sing N N 219 
MET N   H2   sing N N 220 
MET CA  C    sing N N 221 
MET CA  CB   sing N N 222 
MET CA  HA   sing N N 223 
MET C   O    doub N N 224 
MET C   OXT  sing N N 225 
MET CB  CG   sing N N 226 
MET CB  HB2  sing N N 227 
MET CB  HB3  sing N N 228 
MET CG  SD   sing N N 229 
MET CG  HG2  sing N N 230 
MET CG  HG3  sing N N 231 
MET SD  CE   sing N N 232 
MET CE  HE1  sing N N 233 
MET CE  HE2  sing N N 234 
MET CE  HE3  sing N N 235 
MET OXT HXT  sing N N 236 
PHE N   CA   sing N N 237 
PHE N   H    sing N N 238 
PHE N   H2   sing N N 239 
PHE CA  C    sing N N 240 
PHE CA  CB   sing N N 241 
PHE CA  HA   sing N N 242 
PHE C   O    doub N N 243 
PHE C   OXT  sing N N 244 
PHE CB  CG   sing N N 245 
PHE CB  HB2  sing N N 246 
PHE CB  HB3  sing N N 247 
PHE CG  CD1  doub Y N 248 
PHE CG  CD2  sing Y N 249 
PHE CD1 CE1  sing Y N 250 
PHE CD1 HD1  sing N N 251 
PHE CD2 CE2  doub Y N 252 
PHE CD2 HD2  sing N N 253 
PHE CE1 CZ   doub Y N 254 
PHE CE1 HE1  sing N N 255 
PHE CE2 CZ   sing Y N 256 
PHE CE2 HE2  sing N N 257 
PHE CZ  HZ   sing N N 258 
PHE OXT HXT  sing N N 259 
PRO N   CA   sing N N 260 
PRO N   CD   sing N N 261 
PRO N   H    sing N N 262 
PRO CA  C    sing N N 263 
PRO CA  CB   sing N N 264 
PRO CA  HA   sing N N 265 
PRO C   O    doub N N 266 
PRO C   OXT  sing N N 267 
PRO CB  CG   sing N N 268 
PRO CB  HB2  sing N N 269 
PRO CB  HB3  sing N N 270 
PRO CG  CD   sing N N 271 
PRO CG  HG2  sing N N 272 
PRO CG  HG3  sing N N 273 
PRO CD  HD2  sing N N 274 
PRO CD  HD3  sing N N 275 
PRO OXT HXT  sing N N 276 
SER N   CA   sing N N 277 
SER N   H    sing N N 278 
SER N   H2   sing N N 279 
SER CA  C    sing N N 280 
SER CA  CB   sing N N 281 
SER CA  HA   sing N N 282 
SER C   O    doub N N 283 
SER C   OXT  sing N N 284 
SER CB  OG   sing N N 285 
SER CB  HB2  sing N N 286 
SER CB  HB3  sing N N 287 
SER OG  HG   sing N N 288 
SER OXT HXT  sing N N 289 
THR N   CA   sing N N 290 
THR N   H    sing N N 291 
THR N   H2   sing N N 292 
THR CA  C    sing N N 293 
THR CA  CB   sing N N 294 
THR CA  HA   sing N N 295 
THR C   O    doub N N 296 
THR C   OXT  sing N N 297 
THR CB  OG1  sing N N 298 
THR CB  CG2  sing N N 299 
THR CB  HB   sing N N 300 
THR OG1 HG1  sing N N 301 
THR CG2 HG21 sing N N 302 
THR CG2 HG22 sing N N 303 
THR CG2 HG23 sing N N 304 
THR OXT HXT  sing N N 305 
TRP N   CA   sing N N 306 
TRP N   H    sing N N 307 
TRP N   H2   sing N N 308 
TRP CA  C    sing N N 309 
TRP CA  CB   sing N N 310 
TRP CA  HA   sing N N 311 
TRP C   O    doub N N 312 
TRP C   OXT  sing N N 313 
TRP CB  CG   sing N N 314 
TRP CB  HB2  sing N N 315 
TRP CB  HB3  sing N N 316 
TRP CG  CD1  doub Y N 317 
TRP CG  CD2  sing Y N 318 
TRP CD1 NE1  sing Y N 319 
TRP CD1 HD1  sing N N 320 
TRP CD2 CE2  doub Y N 321 
TRP CD2 CE3  sing Y N 322 
TRP NE1 CE2  sing Y N 323 
TRP NE1 HE1  sing N N 324 
TRP CE2 CZ2  sing Y N 325 
TRP CE3 CZ3  doub Y N 326 
TRP CE3 HE3  sing N N 327 
TRP CZ2 CH2  doub Y N 328 
TRP CZ2 HZ2  sing N N 329 
TRP CZ3 CH2  sing Y N 330 
TRP CZ3 HZ3  sing N N 331 
TRP CH2 HH2  sing N N 332 
TRP OXT HXT  sing N N 333 
TYR N   CA   sing N N 334 
TYR N   H    sing N N 335 
TYR N   H2   sing N N 336 
TYR CA  C    sing N N 337 
TYR CA  CB   sing N N 338 
TYR CA  HA   sing N N 339 
TYR C   O    doub N N 340 
TYR C   OXT  sing N N 341 
TYR CB  CG   sing N N 342 
TYR CB  HB2  sing N N 343 
TYR CB  HB3  sing N N 344 
TYR CG  CD1  doub Y N 345 
TYR CG  CD2  sing Y N 346 
TYR CD1 CE1  sing Y N 347 
TYR CD1 HD1  sing N N 348 
TYR CD2 CE2  doub Y N 349 
TYR CD2 HD2  sing N N 350 
TYR CE1 CZ   doub Y N 351 
TYR CE1 HE1  sing N N 352 
TYR CE2 CZ   sing Y N 353 
TYR CE2 HE2  sing N N 354 
TYR CZ  OH   sing N N 355 
TYR OH  HH   sing N N 356 
TYR OXT HXT  sing N N 357 
VAL N   CA   sing N N 358 
VAL N   H    sing N N 359 
VAL N   H2   sing N N 360 
VAL CA  C    sing N N 361 
VAL CA  CB   sing N N 362 
VAL CA  HA   sing N N 363 
VAL C   O    doub N N 364 
VAL C   OXT  sing N N 365 
VAL CB  CG1  sing N N 366 
VAL CB  CG2  sing N N 367 
VAL CB  HB   sing N N 368 
VAL CG1 HG11 sing N N 369 
VAL CG1 HG12 sing N N 370 
VAL CG1 HG13 sing N N 371 
VAL CG2 HG21 sing N N 372 
VAL CG2 HG22 sing N N 373 
VAL CG2 HG23 sing N N 374 
VAL OXT HXT  sing N N 375 
# 
_atom_sites.entry_id                    1AX8 
_atom_sites.fract_transf_matrix[1][1]   -0.00579512 
_atom_sites.fract_transf_matrix[1][2]   0.01172925 
_atom_sites.fract_transf_matrix[1][3]   0.00068960 
_atom_sites.fract_transf_matrix[2][1]   -0.00393806 
_atom_sites.fract_transf_matrix[2][2]   0.00601427 
_atom_sites.fract_transf_matrix[2][3]   -0.01095247 
_atom_sites.fract_transf_matrix[3][1]   -0.01856727 
_atom_sites.fract_transf_matrix[3][2]   -0.00926694 
_atom_sites.fract_transf_matrix[3][3]   0.00158733 
_atom_sites.fract_transf_vector[1]      0.447090 
_atom_sites.fract_transf_vector[2]      -0.412563 
_atom_sites.fract_transf_vector[3]      0.093686 
# 
loop_
_atom_type.symbol 
C 
N 
O 
S 
# 
loop_
_atom_site.group_PDB 
_atom_site.id 
_atom_site.type_symbol 
_atom_site.label_atom_id 
_atom_site.label_alt_id 
_atom_site.label_comp_id 
_atom_site.label_asym_id 
_atom_site.label_entity_id 
_atom_site.label_seq_id 
_atom_site.pdbx_PDB_ins_code 
_atom_site.Cartn_x 
_atom_site.Cartn_y 
_atom_site.Cartn_z 
_atom_site.occupancy 
_atom_site.B_iso_or_equiv 
_atom_site.pdbx_formal_charge 
_atom_site.auth_seq_id 
_atom_site.auth_comp_id 
_atom_site.auth_asym_id 
_atom_site.auth_atom_id 
_atom_site.pdbx_PDB_model_num 
ATOM   1    N N   . ILE A 1 3   ? -19.778 8.212   -2.494  1.00 93.21  ? 3   ILE A N   1 
ATOM   2    C CA  . ILE A 1 3   ? -18.723 7.400   -3.091  1.00 88.73  ? 3   ILE A CA  1 
ATOM   3    C C   . ILE A 1 3   ? -17.644 8.196   -3.830  1.00 86.65  ? 3   ILE A C   1 
ATOM   4    O O   . ILE A 1 3   ? -16.466 7.841   -3.781  1.00 87.76  ? 3   ILE A O   1 
ATOM   5    C CB  . ILE A 1 3   ? -19.314 6.349   -4.033  1.00 88.76  ? 3   ILE A CB  1 
ATOM   6    C CG1 . ILE A 1 3   ? -18.211 5.455   -4.591  1.00 88.20  ? 3   ILE A CG1 1 
ATOM   7    C CG2 . ILE A 1 3   ? -20.075 7.029   -5.153  1.00 92.60  ? 3   ILE A CG2 1 
ATOM   8    C CD1 . ILE A 1 3   ? -18.729 4.339   -5.468  1.00 91.58  ? 3   ILE A CD1 1 
ATOM   9    N N   . GLN A 1 4   ? -18.034 9.279   -4.493  1.00 82.63  ? 4   GLN A N   1 
ATOM   10   C CA  . GLN A 1 4   ? -17.066 10.097  -5.215  1.00 78.44  ? 4   GLN A CA  1 
ATOM   11   C C   . GLN A 1 4   ? -16.129 10.787  -4.238  1.00 72.80  ? 4   GLN A C   1 
ATOM   12   O O   . GLN A 1 4   ? -14.939 10.926  -4.500  1.00 71.37  ? 4   GLN A O   1 
ATOM   13   C CB  . GLN A 1 4   ? -17.763 11.148  -6.081  1.00 83.87  ? 4   GLN A CB  1 
ATOM   14   C CG  . GLN A 1 4   ? -16.800 12.065  -6.846  1.00 87.00  ? 4   GLN A CG  1 
ATOM   15   C CD  . GLN A 1 4   ? -15.925 11.312  -7.843  1.00 90.30  ? 4   GLN A CD  1 
ATOM   16   O OE1 . GLN A 1 4   ? -16.428 10.705  -8.794  1.00 94.15  ? 4   GLN A OE1 1 
ATOM   17   N NE2 . GLN A 1 4   ? -14.614 11.342  -7.626  1.00 88.29  ? 4   GLN A NE2 1 
ATOM   18   N N   . LYS A 1 5   ? -16.673 11.233  -3.118  1.00 69.22  ? 5   LYS A N   1 
ATOM   19   C CA  . LYS A 1 5   ? -15.872 11.907  -2.104  1.00 70.49  ? 5   LYS A CA  1 
ATOM   20   C C   . LYS A 1 5   ? -14.973 10.911  -1.391  1.00 64.15  ? 5   LYS A C   1 
ATOM   21   O O   . LYS A 1 5   ? -13.925 11.274  -0.869  1.00 63.97  ? 5   LYS A O   1 
ATOM   22   C CB  . LYS A 1 5   ? -16.766 12.643  -1.114  1.00 75.57  ? 5   LYS A CB  1 
ATOM   23   C CG  . LYS A 1 5   ? -17.889 13.427  -1.804  1.00 88.53  ? 5   LYS A CG  1 
ATOM   24   C CD  . LYS A 1 5   ? -17.402 14.239  -3.019  1.00 88.31  ? 5   LYS A CD  1 
ATOM   25   C CE  . LYS A 1 5   ? -18.565 14.928  -3.715  1.00 87.46  ? 5   LYS A CE  1 
ATOM   26   N NZ  . LYS A 1 5   ? -18.138 15.534  -4.995  1.00 91.29  ? 5   LYS A NZ  1 
ATOM   27   N N   . VAL A 1 6   ? -15.395 9.654   -1.367  1.00 57.71  ? 6   VAL A N   1 
ATOM   28   C CA  . VAL A 1 6   ? -14.597 8.599   -0.765  1.00 55.69  ? 6   VAL A CA  1 
ATOM   29   C C   . VAL A 1 6   ? -13.371 8.490   -1.677  1.00 55.35  ? 6   VAL A C   1 
ATOM   30   O O   . VAL A 1 6   ? -12.229 8.482   -1.212  1.00 52.71  ? 6   VAL A O   1 
ATOM   31   C CB  . VAL A 1 6   ? -15.369 7.252   -0.752  1.00 52.78  ? 6   VAL A CB  1 
ATOM   32   C CG1 . VAL A 1 6   ? -14.437 6.095   -0.381  1.00 52.80  ? 6   VAL A CG1 1 
ATOM   33   C CG2 . VAL A 1 6   ? -16.531 7.330   0.224   1.00 50.88  ? 6   VAL A CG2 1 
ATOM   34   N N   . GLN A 1 7   ? -13.628 8.484   -2.986  1.00 53.93  ? 7   GLN A N   1 
ATOM   35   C CA  . GLN A 1 7   ? -12.581 8.400   -3.999  1.00 52.82  ? 7   GLN A CA  1 
ATOM   36   C C   . GLN A 1 7   ? -11.664 9.629   -3.968  1.00 50.80  ? 7   GLN A C   1 
ATOM   37   O O   . GLN A 1 7   ? -10.443 9.496   -4.065  1.00 48.09  ? 7   GLN A O   1 
ATOM   38   C CB  . GLN A 1 7   ? -13.205 8.226   -5.382  1.00 52.68  ? 7   GLN A CB  1 
ATOM   39   C CG  . GLN A 1 7   ? -13.966 6.921   -5.551  1.00 55.75  ? 7   GLN A CG  1 
ATOM   40   C CD  . GLN A 1 7   ? -14.640 6.814   -6.907  1.00 56.95  ? 7   GLN A CD  1 
ATOM   41   O OE1 . GLN A 1 7   ? -15.655 7.455   -7.152  1.00 61.06  ? 7   GLN A OE1 1 
ATOM   42   N NE2 . GLN A 1 7   ? -14.072 6.017   -7.797  1.00 53.51  ? 7   GLN A NE2 1 
ATOM   43   N N   . ASP A 1 8   ? -12.253 10.811  -3.788  1.00 50.57  ? 8   ASP A N   1 
ATOM   44   C CA  . ASP A 1 8   ? -11.491 12.060  -3.714  1.00 53.70  ? 8   ASP A CA  1 
ATOM   45   C C   . ASP A 1 8   ? -10.568 11.993  -2.494  1.00 53.24  ? 8   ASP A C   1 
ATOM   46   O O   . ASP A 1 8   ? -9.393  12.364  -2.556  1.00 55.71  ? 8   ASP A O   1 
ATOM   47   C CB  . ASP A 1 8   ? -12.431 13.274  -3.567  1.00 56.31  ? 8   ASP A CB  1 
ATOM   48   C CG  . ASP A 1 8   ? -13.295 13.529  -4.804  1.00 57.48  ? 8   ASP A CG  1 
ATOM   49   O OD1 . ASP A 1 8   ? -12.930 13.095  -5.917  1.00 58.63  ? 8   ASP A OD1 1 
ATOM   50   O OD2 . ASP A 1 8   ? -14.348 14.187  -4.658  1.00 63.75  ? 8   ASP A OD2 1 
ATOM   51   N N   . ASP A 1 9   ? -11.119 11.505  -1.388  1.00 49.60  ? 9   ASP A N   1 
ATOM   52   C CA  . ASP A 1 9   ? -10.379 11.363  -0.151  1.00 44.53  ? 9   ASP A CA  1 
ATOM   53   C C   . ASP A 1 9   ? -9.299  10.304  -0.244  1.00 43.22  ? 9   ASP A C   1 
ATOM   54   O O   . ASP A 1 9   ? -8.260  10.423  0.396   1.00 44.47  ? 9   ASP A O   1 
ATOM   55   C CB  . ASP A 1 9   ? -11.335 11.048  0.995   1.00 49.25  ? 9   ASP A CB  1 
ATOM   56   C CG  . ASP A 1 9   ? -12.090 12.285  1.492   1.00 58.16  ? 9   ASP A CG  1 
ATOM   57   O OD1 . ASP A 1 9   ? -11.874 13.408  0.963   1.00 55.05  ? 9   ASP A OD1 1 
ATOM   58   O OD2 . ASP A 1 9   ? -12.900 12.129  2.433   1.00 62.67  ? 9   ASP A OD2 1 
ATOM   59   N N   . THR A 1 10  ? -9.532  9.279   -1.056  1.00 43.78  ? 10  THR A N   1 
ATOM   60   C CA  . THR A 1 10  ? -8.557  8.205   -1.232  1.00 44.87  ? 10  THR A CA  1 
ATOM   61   C C   . THR A 1 10  ? -7.375  8.706   -2.076  1.00 43.91  ? 10  THR A C   1 
ATOM   62   O O   . THR A 1 10  ? -6.210  8.540   -1.697  1.00 43.07  ? 10  THR A O   1 
ATOM   63   C CB  . THR A 1 10  ? -9.200  6.950   -1.910  1.00 43.04  ? 10  THR A CB  1 
ATOM   64   O OG1 . THR A 1 10  ? -10.364 6.546   -1.178  1.00 44.27  ? 10  THR A OG1 1 
ATOM   65   C CG2 . THR A 1 10  ? -8.223  5.778   -1.922  1.00 34.30  ? 10  THR A CG2 1 
ATOM   66   N N   . LYS A 1 11  ? -7.694  9.343   -3.201  1.00 42.93  ? 11  LYS A N   1 
ATOM   67   C CA  . LYS A 1 11  ? -6.708  9.886   -4.134  1.00 43.57  ? 11  LYS A CA  1 
ATOM   68   C C   . LYS A 1 11  ? -5.782  10.881  -3.427  1.00 42.82  ? 11  LYS A C   1 
ATOM   69   O O   . LYS A 1 11  ? -4.552  10.840  -3.569  1.00 43.55  ? 11  LYS A O   1 
ATOM   70   C CB  . LYS A 1 11  ? -7.458  10.562  -5.277  1.00 48.67  ? 11  LYS A CB  1 
ATOM   71   C CG  . LYS A 1 11  ? -6.597  11.162  -6.357  1.00 56.69  ? 11  LYS A CG  1 
ATOM   72   C CD  . LYS A 1 11  ? -7.444  11.569  -7.557  1.00 55.84  ? 11  LYS A CD  1 
ATOM   73   C CE  . LYS A 1 11  ? -8.068  10.358  -8.219  1.00 56.24  ? 11  LYS A CE  1 
ATOM   74   N NZ  . LYS A 1 11  ? -7.015  9.432   -8.718  1.00 61.76  ? 11  LYS A NZ  1 
ATOM   75   N N   . THR A 1 12  ? -6.388  11.732  -2.613  1.00 37.73  ? 12  THR A N   1 
ATOM   76   C CA  . THR A 1 12  ? -5.659  12.719  -1.847  1.00 36.64  ? 12  THR A CA  1 
ATOM   77   C C   . THR A 1 12  ? -4.706  12.069  -0.855  1.00 37.16  ? 12  THR A C   1 
ATOM   78   O O   . THR A 1 12  ? -3.526  12.406  -0.818  1.00 39.59  ? 12  THR A O   1 
ATOM   79   C CB  . THR A 1 12  ? -6.639  13.621  -1.096  1.00 39.28  ? 12  THR A CB  1 
ATOM   80   O OG1 . THR A 1 12  ? -7.388  14.392  -2.050  1.00 45.91  ? 12  THR A OG1 1 
ATOM   81   C CG2 . THR A 1 12  ? -5.914  14.545  -0.127  1.00 30.53  ? 12  THR A CG2 1 
ATOM   82   N N   . LEU A 1 13  ? -5.210  11.136  -0.051  1.00 35.23  ? 13  LEU A N   1 
ATOM   83   C CA  . LEU A 1 13  ? -4.367  10.468  0.930   1.00 33.94  ? 13  LEU A CA  1 
ATOM   84   C C   . LEU A 1 13  ? -3.187  9.764   0.264   1.00 39.14  ? 13  LEU A C   1 
ATOM   85   O O   . LEU A 1 13  ? -2.073  9.769   0.805   1.00 42.37  ? 13  LEU A O   1 
ATOM   86   C CB  . LEU A 1 13  ? -5.179  9.469   1.773   1.00 37.58  ? 13  LEU A CB  1 
ATOM   87   C CG  . LEU A 1 13  ? -4.404  8.612   2.797   1.00 38.12  ? 13  LEU A CG  1 
ATOM   88   C CD1 . LEU A 1 13  ? -3.627  9.506   3.735   1.00 33.87  ? 13  LEU A CD1 1 
ATOM   89   C CD2 . LEU A 1 13  ? -5.321  7.685   3.574   1.00 33.23  ? 13  LEU A CD2 1 
ATOM   90   N N   . ILE A 1 14  ? -3.425  9.151   -0.896  1.00 37.79  ? 14  ILE A N   1 
ATOM   91   C CA  . ILE A 1 14  ? -2.362  8.443   -1.611  1.00 38.22  ? 14  ILE A CA  1 
ATOM   92   C C   . ILE A 1 14  ? -1.238  9.412   -2.030  1.00 38.89  ? 14  ILE A C   1 
ATOM   93   O O   . ILE A 1 14  ? -0.055  9.122   -1.825  1.00 33.10  ? 14  ILE A O   1 
ATOM   94   C CB  . ILE A 1 14  ? -2.921  7.655   -2.848  1.00 34.63  ? 14  ILE A CB  1 
ATOM   95   C CG1 . ILE A 1 14  ? -3.724  6.430   -2.383  1.00 29.57  ? 14  ILE A CG1 1 
ATOM   96   C CG2 . ILE A 1 14  ? -1.786  7.216   -3.771  1.00 34.92  ? 14  ILE A CG2 1 
ATOM   97   C CD1 . ILE A 1 14  ? -4.447  5.692   -3.503  1.00 13.35  ? 14  ILE A CD1 1 
ATOM   98   N N   . LYS A 1 15  ? -1.610  10.574  -2.569  1.00 37.95  ? 15  LYS A N   1 
ATOM   99   C CA  . LYS A 1 15  ? -0.626  11.561  -3.006  1.00 35.58  ? 15  LYS A CA  1 
ATOM   100  C C   . LYS A 1 15  ? 0.227   11.971  -1.821  1.00 33.95  ? 15  LYS A C   1 
ATOM   101  O O   . LYS A 1 15  ? 1.450   12.064  -1.920  1.00 35.47  ? 15  LYS A O   1 
ATOM   102  C CB  . LYS A 1 15  ? -1.314  12.769  -3.635  1.00 37.16  ? 15  LYS A CB  1 
ATOM   103  C CG  . LYS A 1 15  ? -2.178  12.414  -4.851  1.00 39.35  ? 15  LYS A CG  1 
ATOM   104  C CD  . LYS A 1 15  ? -2.550  13.655  -5.635  1.00 43.44  ? 15  LYS A CD  1 
ATOM   105  C CE  . LYS A 1 15  ? -3.738  13.439  -6.555  1.00 48.68  ? 15  LYS A CE  1 
ATOM   106  N NZ  . LYS A 1 15  ? -5.025  13.737  -5.861  1.00 53.90  ? 15  LYS A NZ  1 
ATOM   107  N N   . THR A 1 16  ? -0.424  12.134  -0.681  1.00 34.59  ? 16  THR A N   1 
ATOM   108  C CA  . THR A 1 16  ? 0.241   12.491  0.561   1.00 36.82  ? 16  THR A CA  1 
ATOM   109  C C   . THR A 1 16  ? 1.329   11.477  0.963   1.00 40.86  ? 16  THR A C   1 
ATOM   110  O O   . THR A 1 16  ? 2.446   11.864  1.318   1.00 47.85  ? 16  THR A O   1 
ATOM   111  C CB  . THR A 1 16  ? -0.793  12.580  1.666   1.00 35.68  ? 16  THR A CB  1 
ATOM   112  O OG1 . THR A 1 16  ? -1.708  13.630  1.349   1.00 44.59  ? 16  THR A OG1 1 
ATOM   113  C CG2 . THR A 1 16  ? -0.150  12.840  2.994   1.00 37.67  ? 16  THR A CG2 1 
ATOM   114  N N   . ILE A 1 17  ? 1.000   10.188  0.908   1.00 37.61  ? 17  ILE A N   1 
ATOM   115  C CA  . ILE A 1 17  ? 1.942   9.139   1.264   1.00 31.83  ? 17  ILE A CA  1 
ATOM   116  C C   . ILE A 1 17  ? 3.071   9.013   0.231   1.00 32.96  ? 17  ILE A C   1 
ATOM   117  O O   . ILE A 1 17  ? 4.201   8.686   0.587   1.00 32.43  ? 17  ILE A O   1 
ATOM   118  C CB  . ILE A 1 17  ? 1.246   7.775   1.398   1.00 30.96  ? 17  ILE A CB  1 
ATOM   119  C CG1 . ILE A 1 17  ? 0.009   7.882   2.297   1.00 30.75  ? 17  ILE A CG1 1 
ATOM   120  C CG2 . ILE A 1 17  ? 2.226   6.748   1.963   1.00 27.39  ? 17  ILE A CG2 1 
ATOM   121  C CD1 . ILE A 1 17  ? -0.755  6.573   2.448   1.00 22.76  ? 17  ILE A CD1 1 
ATOM   122  N N   . VAL A 1 18  ? 2.756   9.224   -1.045  1.00 30.65  ? 18  VAL A N   1 
ATOM   123  C CA  . VAL A 1 18  ? 3.749   9.156   -2.107  1.00 29.50  ? 18  VAL A CA  1 
ATOM   124  C C   . VAL A 1 18  ? 4.750   10.314  -1.920  1.00 34.76  ? 18  VAL A C   1 
ATOM   125  O O   . VAL A 1 18  ? 5.968   10.153  -2.084  1.00 32.80  ? 18  VAL A O   1 
ATOM   126  C CB  . VAL A 1 18  ? 3.069   9.259   -3.483  1.00 32.86  ? 18  VAL A CB  1 
ATOM   127  C CG1 . VAL A 1 18  ? 4.088   9.412   -4.585  1.00 29.06  ? 18  VAL A CG1 1 
ATOM   128  C CG2 . VAL A 1 18  ? 2.239   8.030   -3.732  1.00 34.44  ? 18  VAL A CG2 1 
ATOM   129  N N   . THR A 1 19  ? 4.227   11.469  -1.530  1.00 35.92  ? 19  THR A N   1 
ATOM   130  C CA  . THR A 1 19  ? 5.034   12.650  -1.292  1.00 33.82  ? 19  THR A CA  1 
ATOM   131  C C   . THR A 1 19  ? 5.874   12.450  -0.054  1.00 35.74  ? 19  THR A C   1 
ATOM   132  O O   . THR A 1 19  ? 7.048   12.788  -0.017  1.00 38.83  ? 19  THR A O   1 
ATOM   133  C CB  . THR A 1 19  ? 4.144   13.840  -1.087  1.00 39.94  ? 19  THR A CB  1 
ATOM   134  O OG1 . THR A 1 19  ? 3.509   14.164  -2.334  1.00 45.47  ? 19  THR A OG1 1 
ATOM   135  C CG2 . THR A 1 19  ? 4.936   15.019  -0.550  1.00 43.27  ? 19  THR A CG2 1 
ATOM   136  N N   . ARG A 1 20  ? 5.267   11.901  0.976   1.00 37.86  ? 20  ARG A N   1 
ATOM   137  C CA  . ARG A 1 20  ? 5.997   11.641  2.197   1.00 43.23  ? 20  ARG A CA  1 
ATOM   138  C C   . ARG A 1 20  ? 7.178   10.716  1.923   1.00 45.65  ? 20  ARG A C   1 
ATOM   139  O O   . ARG A 1 20  ? 8.240   10.886  2.521   1.00 52.13  ? 20  ARG A O   1 
ATOM   140  C CB  . ARG A 1 20  ? 5.068   11.012  3.215   1.00 47.08  ? 20  ARG A CB  1 
ATOM   141  C CG  . ARG A 1 20  ? 5.727   10.527  4.485   1.00 53.79  ? 20  ARG A CG  1 
ATOM   142  C CD  . ARG A 1 20  ? 4.637   10.127  5.447   1.00 60.69  ? 20  ARG A CD  1 
ATOM   143  N NE  . ARG A 1 20  ? 3.837   11.287  5.841   1.00 64.67  ? 20  ARG A NE  1 
ATOM   144  C CZ  . ARG A 1 20  ? 2.615   11.559  5.406   1.00 63.56  ? 20  ARG A CZ  1 
ATOM   145  N NH1 . ARG A 1 20  ? 2.021   10.759  4.529   1.00 62.53  ? 20  ARG A NH1 1 
ATOM   146  N NH2 . ARG A 1 20  ? 1.976   12.619  5.883   1.00 62.21  ? 20  ARG A NH2 1 
ATOM   147  N N   . ILE A 1 21  ? 6.987   9.742   1.028   1.00 46.19  ? 21  ILE A N   1 
ATOM   148  C CA  . ILE A 1 21  ? 8.041   8.784   0.672   1.00 46.75  ? 21  ILE A CA  1 
ATOM   149  C C   . ILE A 1 21  ? 9.163   9.452   -0.146  1.00 50.21  ? 21  ILE A C   1 
ATOM   150  O O   . ILE A 1 21  ? 10.343  9.127   0.022   1.00 48.12  ? 21  ILE A O   1 
ATOM   151  C CB  . ILE A 1 21  ? 7.471   7.543   -0.087  1.00 44.84  ? 21  ILE A CB  1 
ATOM   152  C CG1 . ILE A 1 21  ? 6.531   6.744   0.835   1.00 41.55  ? 21  ILE A CG1 1 
ATOM   153  C CG2 . ILE A 1 21  ? 8.613   6.640   -0.581  1.00 36.16  ? 21  ILE A CG2 1 
ATOM   154  C CD1 . ILE A 1 21  ? 5.708   5.643   0.122   1.00 27.56  ? 21  ILE A CD1 1 
ATOM   155  N N   . ASN A 1 22  ? 8.797   10.383  -1.026  1.00 51.58  ? 22  ASN A N   1 
ATOM   156  C CA  . ASN A 1 22  ? 9.793   11.106  -1.818  1.00 51.69  ? 22  ASN A CA  1 
ATOM   157  C C   . ASN A 1 22  ? 10.684  11.852  -0.841  1.00 52.44  ? 22  ASN A C   1 
ATOM   158  O O   . ASN A 1 22  ? 11.895  11.653  -0.791  1.00 56.03  ? 22  ASN A O   1 
ATOM   159  C CB  . ASN A 1 22  ? 9.126   12.132  -2.737  1.00 49.53  ? 22  ASN A CB  1 
ATOM   160  C CG  . ASN A 1 22  ? 8.462   11.499  -3.919  1.00 49.92  ? 22  ASN A CG  1 
ATOM   161  O OD1 . ASN A 1 22  ? 8.942   10.498  -4.440  1.00 59.30  ? 22  ASN A OD1 1 
ATOM   162  N ND2 . ASN A 1 22  ? 7.361   12.076  -4.362  1.00 51.44  ? 22  ASN A ND2 1 
ATOM   163  N N   . ASP A 1 23  ? 10.056  12.667  -0.011  1.00 50.40  ? 23  ASP A N   1 
ATOM   164  C CA  . ASP A 1 23  ? 10.778  13.447  0.958   1.00 52.92  ? 23  ASP A CA  1 
ATOM   165  C C   . ASP A 1 23  ? 11.734  12.623  1.807   1.00 57.07  ? 23  ASP A C   1 
ATOM   166  O O   . ASP A 1 23  ? 12.755  13.139  2.254   1.00 63.10  ? 23  ASP A O   1 
ATOM   167  C CB  . ASP A 1 23  ? 9.797   14.257  1.799   1.00 50.69  ? 23  ASP A CB  1 
ATOM   168  C CG  . ASP A 1 23  ? 8.955   15.214  0.948   1.00 54.78  ? 23  ASP A CG  1 
ATOM   169  O OD1 . ASP A 1 23  ? 9.185   15.301  -0.281  1.00 53.19  ? 23  ASP A OD1 1 
ATOM   170  O OD2 . ASP A 1 23  ? 8.055   15.882  1.503   1.00 57.93  ? 23  ASP A OD2 1 
ATOM   171  N N   . ILE A 1 24  ? 11.462  11.335  1.973   1.00 59.84  ? 24  ILE A N   1 
ATOM   172  C CA  . ILE A 1 24  ? 12.358  10.489  2.752   1.00 65.48  ? 24  ILE A CA  1 
ATOM   173  C C   . ILE A 1 24  ? 13.710  10.469  2.055   1.00 75.22  ? 24  ILE A C   1 
ATOM   174  O O   . ILE A 1 24  ? 14.748  10.618  2.696   1.00 73.90  ? 24  ILE A O   1 
ATOM   175  C CB  . ILE A 1 24  ? 11.828  9.045   2.889   1.00 64.00  ? 24  ILE A CB  1 
ATOM   176  C CG1 . ILE A 1 24  ? 10.644  9.012   3.857   1.00 62.30  ? 24  ILE A CG1 1 
ATOM   177  C CG2 . ILE A 1 24  ? 12.935  8.107   3.355   1.00 64.54  ? 24  ILE A CG2 1 
ATOM   178  C CD1 . ILE A 1 24  ? 10.170  7.626   4.197   1.00 58.42  ? 24  ILE A CD1 1 
ATOM   179  N N   . LEU A 1 39  ? 15.611  2.976   -8.735  1.00 76.50  ? 39  LEU A N   1 
ATOM   180  C CA  . LEU A 1 39  ? 14.433  2.316   -8.154  1.00 69.16  ? 39  LEU A CA  1 
ATOM   181  C C   . LEU A 1 39  ? 13.158  3.039   -8.628  1.00 65.31  ? 39  LEU A C   1 
ATOM   182  O O   . LEU A 1 39  ? 12.116  2.987   -7.961  1.00 62.76  ? 39  LEU A O   1 
ATOM   183  C CB  . LEU A 1 39  ? 14.494  2.382   -6.623  1.00 62.94  ? 39  LEU A CB  1 
ATOM   184  C CG  . LEU A 1 39  ? 15.573  1.628   -5.861  1.00 51.12  ? 39  LEU A CG  1 
ATOM   185  C CD1 . LEU A 1 39  ? 15.779  2.298   -4.529  1.00 50.74  ? 39  LEU A CD1 1 
ATOM   186  C CD2 . LEU A 1 39  ? 15.163  0.200   -5.672  1.00 46.81  ? 39  LEU A CD2 1 
ATOM   187  N N   . ASP A 1 40  ? 13.273  3.726   -9.765  1.00 60.43  ? 40  ASP A N   1 
ATOM   188  C CA  . ASP A 1 40  ? 12.190  4.499   -10.354 1.00 59.22  ? 40  ASP A CA  1 
ATOM   189  C C   . ASP A 1 40  ? 11.015  3.656   -10.785 1.00 58.67  ? 40  ASP A C   1 
ATOM   190  O O   . ASP A 1 40  ? 9.858   4.063   -10.657 1.00 58.60  ? 40  ASP A O   1 
ATOM   191  C CB  . ASP A 1 40  ? 12.697  5.248   -11.590 1.00 66.89  ? 40  ASP A CB  1 
ATOM   192  C CG  . ASP A 1 40  ? 13.541  6.456   -11.243 1.00 72.70  ? 40  ASP A CG  1 
ATOM   193  O OD1 . ASP A 1 40  ? 13.084  7.275   -10.421 1.00 77.43  ? 40  ASP A OD1 1 
ATOM   194  O OD2 . ASP A 1 40  ? 14.647  6.604   -11.811 1.00 74.98  ? 40  ASP A OD2 1 
ATOM   195  N N   . PHE A 1 41  ? 11.320  2.480   -11.310 1.00 53.44  ? 41  PHE A N   1 
ATOM   196  C CA  . PHE A 1 41  ? 10.289  1.605   -11.823 1.00 50.05  ? 41  PHE A CA  1 
ATOM   197  C C   . PHE A 1 41  ? 10.164  0.287   -11.103 1.00 48.83  ? 41  PHE A C   1 
ATOM   198  O O   . PHE A 1 41  ? 9.572   -0.646  -11.651 1.00 52.31  ? 41  PHE A O   1 
ATOM   199  C CB  . PHE A 1 41  ? 10.601  1.314   -13.275 1.00 48.43  ? 41  PHE A CB  1 
ATOM   200  C CG  . PHE A 1 41  ? 11.025  2.513   -14.033 1.00 49.66  ? 41  PHE A CG  1 
ATOM   201  C CD1 . PHE A 1 41  ? 10.186  3.609   -14.130 1.00 49.06  ? 41  PHE A CD1 1 
ATOM   202  C CD2 . PHE A 1 41  ? 12.263  2.547   -14.658 1.00 52.41  ? 41  PHE A CD2 1 
ATOM   203  C CE1 . PHE A 1 41  ? 10.569  4.723   -14.843 1.00 55.42  ? 41  PHE A CE1 1 
ATOM   204  C CE2 . PHE A 1 41  ? 12.661  3.656   -15.376 1.00 48.76  ? 41  PHE A CE2 1 
ATOM   205  C CZ  . PHE A 1 41  ? 11.813  4.747   -15.471 1.00 53.79  ? 41  PHE A CZ  1 
ATOM   206  N N   . ILE A 1 42  ? 10.735  0.191   -9.905  1.00 44.43  ? 42  ILE A N   1 
ATOM   207  C CA  . ILE A 1 42  ? 10.704  -1.053  -9.135  1.00 36.31  ? 42  ILE A CA  1 
ATOM   208  C C   . ILE A 1 42  ? 9.255   -1.479  -8.906  1.00 36.72  ? 42  ILE A C   1 
ATOM   209  O O   . ILE A 1 42  ? 8.425   -0.687  -8.444  1.00 34.50  ? 42  ILE A O   1 
ATOM   210  C CB  . ILE A 1 42  ? 11.514  -0.927  -7.813  1.00 25.71  ? 42  ILE A CB  1 
ATOM   211  C CG1 . ILE A 1 42  ? 11.562  -2.251  -7.054  1.00 24.45  ? 42  ILE A CG1 1 
ATOM   212  C CG2 . ILE A 1 42  ? 10.930  0.112   -6.855  1.00 28.93  ? 42  ILE A CG2 1 
ATOM   213  C CD1 . ILE A 1 42  ? 12.240  -2.140  -5.697  1.00 27.94  ? 42  ILE A CD1 1 
ATOM   214  N N   . PRO A 1 43  ? 8.905   -2.698  -9.355  1.00 36.74  ? 43  PRO A N   1 
ATOM   215  C CA  . PRO A 1 43  ? 7.534   -3.193  -9.186  1.00 35.15  ? 43  PRO A CA  1 
ATOM   216  C C   . PRO A 1 43  ? 7.088   -3.354  -7.727  1.00 34.74  ? 43  PRO A C   1 
ATOM   217  O O   . PRO A 1 43  ? 7.879   -3.738  -6.868  1.00 34.76  ? 43  PRO A O   1 
ATOM   218  C CB  . PRO A 1 43  ? 7.553   -4.521  -9.952  1.00 32.61  ? 43  PRO A CB  1 
ATOM   219  C CG  . PRO A 1 43  ? 9.006   -4.936  -9.943  1.00 34.72  ? 43  PRO A CG  1 
ATOM   220  C CD  . PRO A 1 43  ? 9.728   -3.643  -10.137 1.00 35.27  ? 43  PRO A CD  1 
ATOM   221  N N   . GLY A 1 44  ? 5.851   -2.976  -7.425  1.00 32.14  ? 44  GLY A N   1 
ATOM   222  C CA  . GLY A 1 44  ? 5.377   -3.153  -6.067  1.00 28.50  ? 44  GLY A CA  1 
ATOM   223  C C   . GLY A 1 44  ? 5.097   -4.633  -5.856  1.00 29.60  ? 44  GLY A C   1 
ATOM   224  O O   . GLY A 1 44  ? 5.123   -5.425  -6.808  1.00 31.41  ? 44  GLY A O   1 
ATOM   225  N N   . LEU A 1 45  ? 4.855   -5.012  -4.610  1.00 34.58  ? 45  LEU A N   1 
ATOM   226  C CA  . LEU A 1 45  ? 4.525   -6.394  -4.244  1.00 39.42  ? 45  LEU A CA  1 
ATOM   227  C C   . LEU A 1 45  ? 3.129   -6.711  -4.766  1.00 45.80  ? 45  LEU A C   1 
ATOM   228  O O   . LEU A 1 45  ? 2.126   -6.333  -4.151  1.00 45.07  ? 45  LEU A O   1 
ATOM   229  C CB  . LEU A 1 45  ? 4.493   -6.545  -2.725  1.00 35.67  ? 45  LEU A CB  1 
ATOM   230  C CG  . LEU A 1 45  ? 5.768   -6.255  -1.957  1.00 29.65  ? 45  LEU A CG  1 
ATOM   231  C CD1 . LEU A 1 45  ? 5.457   -6.278  -0.490  1.00 32.40  ? 45  LEU A CD1 1 
ATOM   232  C CD2 . LEU A 1 45  ? 6.789   -7.291  -2.310  1.00 32.08  ? 45  LEU A CD2 1 
ATOM   233  N N   . HIS A 1 46  ? 3.066   -7.346  -5.927  1.00 57.00  ? 46  HIS A N   1 
ATOM   234  C CA  . HIS A 1 46  ? 1.803   -7.713  -6.568  1.00 68.86  ? 46  HIS A CA  1 
ATOM   235  C C   . HIS A 1 46  ? 0.635   -6.719  -6.366  1.00 76.71  ? 46  HIS A C   1 
ATOM   236  O O   . HIS A 1 46  ? -0.509  -7.146  -6.201  1.00 81.23  ? 46  HIS A O   1 
ATOM   237  C CB  . HIS A 1 46  ? 1.398   -9.158  -6.180  1.00 69.32  ? 46  HIS A CB  1 
ATOM   238  C CG  . HIS A 1 46  ? 0.523   -9.262  -4.960  1.00 79.95  ? 46  HIS A CG  1 
ATOM   239  N ND1 . HIS A 1 46  ? -0.831  -9.516  -5.038  1.00 87.93  ? 46  HIS A ND1 1 
ATOM   240  C CD2 . HIS A 1 46  ? 0.800   -9.147  -3.638  1.00 87.91  ? 46  HIS A CD2 1 
ATOM   241  C CE1 . HIS A 1 46  ? -1.351  -9.547  -3.822  1.00 87.53  ? 46  HIS A CE1 1 
ATOM   242  N NE2 . HIS A 1 46  ? -0.382  -9.327  -2.953  1.00 86.94  ? 46  HIS A NE2 1 
ATOM   243  N N   . PRO A 1 47  ? 0.898   -5.383  -6.354  1.00 79.48  ? 47  PRO A N   1 
ATOM   244  C CA  . PRO A 1 47  ? -0.252  -4.496  -6.166  1.00 81.88  ? 47  PRO A CA  1 
ATOM   245  C C   . PRO A 1 47  ? -1.150  -4.691  -7.395  1.00 85.95  ? 47  PRO A C   1 
ATOM   246  O O   . PRO A 1 47  ? -0.782  -4.305  -8.526  1.00 88.26  ? 47  PRO A O   1 
ATOM   247  C CB  . PRO A 1 47  ? 0.394   -3.115  -6.151  1.00 77.35  ? 47  PRO A CB  1 
ATOM   248  C CG  . PRO A 1 47  ? 1.473   -3.261  -7.139  1.00 76.54  ? 47  PRO A CG  1 
ATOM   249  C CD  . PRO A 1 47  ? 2.080   -4.581  -6.714  1.00 81.54  ? 47  PRO A CD  1 
ATOM   250  N N   . ILE A 1 48  ? -2.299  -5.327  -7.186  1.00 80.51  ? 48  ILE A N   1 
ATOM   251  C CA  . ILE A 1 48  ? -3.168  -5.612  -8.306  1.00 73.07  ? 48  ILE A CA  1 
ATOM   252  C C   . ILE A 1 48  ? -4.323  -4.645  -8.560  1.00 68.33  ? 48  ILE A C   1 
ATOM   253  O O   . ILE A 1 48  ? -4.229  -3.468  -8.218  1.00 64.72  ? 48  ILE A O   1 
ATOM   254  C CB  . ILE A 1 48  ? -3.545  -7.128  -8.346  1.00 75.31  ? 48  ILE A CB  1 
ATOM   255  C CG1 . ILE A 1 48  ? -2.284  -7.976  -8.100  1.00 73.38  ? 48  ILE A CG1 1 
ATOM   256  C CG2 . ILE A 1 48  ? -4.011  -7.536  -9.740  1.00 71.84  ? 48  ILE A CG2 1 
ATOM   257  C CD1 . ILE A 1 48  ? -2.530  -9.448  -7.876  1.00 73.46  ? 48  ILE A CD1 1 
ATOM   258  N N   . LEU A 1 49  ? -5.430  -5.160  -9.081  1.00 64.29  ? 49  LEU A N   1 
ATOM   259  C CA  . LEU A 1 49  ? -6.548  -4.339  -9.502  1.00 58.27  ? 49  LEU A CA  1 
ATOM   260  C C   . LEU A 1 49  ? -7.868  -4.256  -8.753  1.00 53.01  ? 49  LEU A C   1 
ATOM   261  O O   . LEU A 1 49  ? -8.576  -3.263  -8.902  1.00 53.52  ? 49  LEU A O   1 
ATOM   262  C CB  . LEU A 1 49  ? -6.830  -4.646  -10.976 1.00 62.96  ? 49  LEU A CB  1 
ATOM   263  C CG  . LEU A 1 49  ? -6.477  -6.045  -11.514 1.00 66.20  ? 49  LEU A CG  1 
ATOM   264  C CD1 . LEU A 1 49  ? -7.144  -7.155  -10.696 1.00 68.50  ? 49  LEU A CD1 1 
ATOM   265  C CD2 . LEU A 1 49  ? -6.875  -6.144  -12.984 1.00 68.38  ? 49  LEU A CD2 1 
ATOM   266  N N   . THR A 1 50  ? -8.268  -5.304  -8.044  1.00 46.81  ? 50  THR A N   1 
ATOM   267  C CA  . THR A 1 50  ? -9.544  -5.241  -7.326  1.00 39.07  ? 50  THR A CA  1 
ATOM   268  C C   . THR A 1 50  ? -9.330  -4.602  -5.964  1.00 35.80  ? 50  THR A C   1 
ATOM   269  O O   . THR A 1 50  ? -8.184  -4.460  -5.518  1.00 34.95  ? 50  THR A O   1 
ATOM   270  C CB  . THR A 1 50  ? -10.193 -6.632  -7.174  1.00 29.37  ? 50  THR A CB  1 
ATOM   271  O OG1 . THR A 1 50  ? -9.350  -7.490  -6.402  1.00 29.50  ? 50  THR A OG1 1 
ATOM   272  C CG2 . THR A 1 50  ? -10.386 -7.258  -8.518  1.00 30.67  ? 50  THR A CG2 1 
ATOM   273  N N   . LEU A 1 51  ? -10.418 -4.213  -5.301  1.00 34.42  ? 51  LEU A N   1 
ATOM   274  C CA  . LEU A 1 51  ? -10.291 -3.596  -3.990  1.00 31.46  ? 51  LEU A CA  1 
ATOM   275  C C   . LEU A 1 51  ? -9.700  -4.578  -2.986  1.00 31.65  ? 51  LEU A C   1 
ATOM   276  O O   . LEU A 1 51  ? -8.983  -4.187  -2.078  1.00 32.75  ? 51  LEU A O   1 
ATOM   277  C CB  . LEU A 1 51  ? -11.631 -3.051  -3.503  1.00 30.80  ? 51  LEU A CB  1 
ATOM   278  C CG  . LEU A 1 51  ? -12.270 -1.953  -4.356  1.00 28.29  ? 51  LEU A CG  1 
ATOM   279  C CD1 . LEU A 1 51  ? -13.620 -1.562  -3.745  1.00 24.05  ? 51  LEU A CD1 1 
ATOM   280  C CD2 . LEU A 1 51  ? -11.360 -0.747  -4.438  1.00 27.28  ? 51  LEU A CD2 1 
ATOM   281  N N   . SER A 1 52  ? -9.956  -5.861  -3.178  1.00 33.29  ? 52  SER A N   1 
ATOM   282  C CA  . SER A 1 52  ? -9.425  -6.866  -2.280  1.00 35.93  ? 52  SER A CA  1 
ATOM   283  C C   . SER A 1 52  ? -7.927  -7.054  -2.426  1.00 37.72  ? 52  SER A C   1 
ATOM   284  O O   . SER A 1 52  ? -7.244  -7.272  -1.416  1.00 47.08  ? 52  SER A O   1 
ATOM   285  C CB  . SER A 1 52  ? -10.137 -8.202  -2.471  1.00 41.38  ? 52  SER A CB  1 
ATOM   286  O OG  . SER A 1 52  ? -11.426 -8.158  -1.889  1.00 54.26  ? 52  SER A OG  1 
ATOM   287  N N   . LYS A 1 53  ? -7.413  -7.030  -3.661  1.00 32.39  ? 53  LYS A N   1 
ATOM   288  C CA  . LYS A 1 53  ? -5.968  -7.182  -3.881  1.00 26.91  ? 53  LYS A CA  1 
ATOM   289  C C   . LYS A 1 53  ? -5.230  -5.959  -3.374  1.00 23.80  ? 53  LYS A C   1 
ATOM   290  O O   . LYS A 1 53  ? -4.159  -6.089  -2.810  1.00 25.98  ? 53  LYS A O   1 
ATOM   291  C CB  . LYS A 1 53  ? -5.643  -7.399  -5.339  1.00 29.36  ? 53  LYS A CB  1 
ATOM   292  C CG  . LYS A 1 53  ? -5.989  -8.763  -5.815  1.00 37.60  ? 53  LYS A CG  1 
ATOM   293  C CD  . LYS A 1 53  ? -6.098  -8.767  -7.319  1.00 51.70  ? 53  LYS A CD  1 
ATOM   294  C CE  . LYS A 1 53  ? -6.300  -10.177 -7.860  1.00 64.17  ? 53  LYS A CE  1 
ATOM   295  N NZ  . LYS A 1 53  ? -6.404  -10.168 -9.351  1.00 75.42  ? 53  LYS A NZ  1 
ATOM   296  N N   . MET A 1 54  ? -5.820  -4.777  -3.547  1.00 18.22  ? 54  MET A N   1 
ATOM   297  C CA  . MET A 1 54  ? -5.214  -3.547  -3.059  1.00 20.75  ? 54  MET A CA  1 
ATOM   298  C C   . MET A 1 54  ? -5.060  -3.645  -1.555  1.00 24.53  ? 54  MET A C   1 
ATOM   299  O O   . MET A 1 54  ? -3.978  -3.430  -1.019  1.00 31.22  ? 54  MET A O   1 
ATOM   300  C CB  . MET A 1 54  ? -6.077  -2.338  -3.410  1.00 21.09  ? 54  MET A CB  1 
ATOM   301  C CG  . MET A 1 54  ? -6.252  -2.176  -4.919  1.00 16.03  ? 54  MET A CG  1 
ATOM   302  S SD  . MET A 1 54  ? -6.998  -0.634  -5.394  1.00 27.23  ? 54  MET A SD  1 
ATOM   303  C CE  . MET A 1 54  ? -7.118  -0.567  -7.170  1.00 16.51  ? 54  MET A CE  1 
ATOM   304  N N   . ASP A 1 55  ? -6.137  -4.045  -0.891  1.00 29.57  ? 55  ASP A N   1 
ATOM   305  C CA  . ASP A 1 55  ? -6.185  -4.202  0.563   1.00 24.49  ? 55  ASP A CA  1 
ATOM   306  C C   . ASP A 1 55  ? -5.219  -5.272  1.053   1.00 21.12  ? 55  ASP A C   1 
ATOM   307  O O   . ASP A 1 55  ? -4.523  -5.078  2.042   1.00 27.20  ? 55  ASP A O   1 
ATOM   308  C CB  . ASP A 1 55  ? -7.617  -4.550  0.990   1.00 34.27  ? 55  ASP A CB  1 
ATOM   309  C CG  . ASP A 1 55  ? -7.773  -4.642  2.497   1.00 38.80  ? 55  ASP A CG  1 
ATOM   310  O OD1 . ASP A 1 55  ? -7.706  -3.578  3.135   1.00 38.17  ? 55  ASP A OD1 1 
ATOM   311  O OD2 . ASP A 1 55  ? -7.970  -5.761  3.037   1.00 37.92  ? 55  ASP A OD2 1 
ATOM   312  N N   . GLN A 1 56  ? -5.219  -6.429  0.407   1.00 23.06  ? 56  GLN A N   1 
ATOM   313  C CA  . GLN A 1 56  ? -4.314  -7.497  0.798   1.00 26.30  ? 56  GLN A CA  1 
ATOM   314  C C   . GLN A 1 56  ? -2.841  -7.062  0.614   1.00 30.54  ? 56  GLN A C   1 
ATOM   315  O O   . GLN A 1 56  ? -1.967  -7.522  1.339   1.00 38.61  ? 56  GLN A O   1 
ATOM   316  C CB  . GLN A 1 56  ? -4.629  -8.768  -0.001  1.00 26.67  ? 56  GLN A CB  1 
ATOM   317  C CG  . GLN A 1 56  ? -3.566  -9.882  0.040   1.00 31.16  ? 56  GLN A CG  1 
ATOM   318  C CD  . GLN A 1 56  ? -3.310  -10.468 1.421   1.00 34.45  ? 56  GLN A CD  1 
ATOM   319  O OE1 . GLN A 1 56  ? -2.533  -9.931  2.210   1.00 35.54  ? 56  GLN A OE1 1 
ATOM   320  N NE2 . GLN A 1 56  ? -3.923  -11.608 1.697   1.00 43.21  ? 56  GLN A NE2 1 
ATOM   321  N N   . THR A 1 57  ? -2.558  -6.192  -0.356  1.00 30.11  ? 57  THR A N   1 
ATOM   322  C CA  . THR A 1 57  ? -1.195  -5.705  -0.580  1.00 29.64  ? 57  THR A CA  1 
ATOM   323  C C   . THR A 1 57  ? -0.798  -4.710  0.536   1.00 28.01  ? 57  THR A C   1 
ATOM   324  O O   . THR A 1 57  ? 0.290   -4.788  1.117   1.00 29.03  ? 57  THR A O   1 
ATOM   325  C CB  . THR A 1 57  ? -1.079  -4.997  -1.941  1.00 31.69  ? 57  THR A CB  1 
ATOM   326  O OG1 . THR A 1 57  ? -1.444  -5.892  -2.992  1.00 35.50  ? 57  THR A OG1 1 
ATOM   327  C CG2 . THR A 1 57  ? 0.337   -4.539  -2.176  1.00 38.27  ? 57  THR A CG2 1 
ATOM   328  N N   . LEU A 1 58  ? -1.709  -3.792  0.853   1.00 28.88  ? 58  LEU A N   1 
ATOM   329  C CA  . LEU A 1 58  ? -1.465  -2.801  1.891   1.00 25.74  ? 58  LEU A CA  1 
ATOM   330  C C   . LEU A 1 58  ? -1.219  -3.507  3.204   1.00 27.19  ? 58  LEU A C   1 
ATOM   331  O O   . LEU A 1 58  ? -0.340  -3.117  3.962   1.00 34.71  ? 58  LEU A O   1 
ATOM   332  C CB  . LEU A 1 58  ? -2.634  -1.820  2.011   1.00 21.18  ? 58  LEU A CB  1 
ATOM   333  C CG  . LEU A 1 58  ? -2.872  -0.920  0.790   1.00 23.67  ? 58  LEU A CG  1 
ATOM   334  C CD1 . LEU A 1 58  ? -4.005  0.042   1.079   1.00 19.94  ? 58  LEU A CD1 1 
ATOM   335  C CD2 . LEU A 1 58  ? -1.596  -0.142  0.418   1.00 20.36  ? 58  LEU A CD2 1 
ATOM   336  N N   . ALA A 1 59  ? -1.944  -4.592  3.438   1.00 28.38  ? 59  ALA A N   1 
ATOM   337  C CA  . ALA A 1 59  ? -1.785  -5.359  4.665   1.00 28.63  ? 59  ALA A CA  1 
ATOM   338  C C   . ALA A 1 59  ? -0.371  -5.964  4.764   1.00 32.55  ? 59  ALA A C   1 
ATOM   339  O O   . ALA A 1 59  ? 0.217   -6.006  5.860   1.00 32.08  ? 59  ALA A O   1 
ATOM   340  C CB  . ALA A 1 59  ? -2.861  -6.436  4.748   1.00 27.12  ? 59  ALA A CB  1 
ATOM   341  N N   . VAL A 1 60  ? 0.185   -6.393  3.624   1.00 31.29  ? 60  VAL A N   1 
ATOM   342  C CA  . VAL A 1 60  ? 1.532   -6.962  3.590   1.00 24.75  ? 60  VAL A CA  1 
ATOM   343  C C   . VAL A 1 60  ? 2.561   -5.865  3.826   1.00 23.76  ? 60  VAL A C   1 
ATOM   344  O O   . VAL A 1 60  ? 3.561   -6.097  4.483   1.00 26.27  ? 60  VAL A O   1 
ATOM   345  C CB  . VAL A 1 60  ? 1.826   -7.694  2.264   1.00 28.11  ? 60  VAL A CB  1 
ATOM   346  C CG1 . VAL A 1 60  ? 3.324   -7.996  2.147   1.00 21.38  ? 60  VAL A CG1 1 
ATOM   347  C CG2 . VAL A 1 60  ? 1.026   -9.012  2.207   1.00 22.69  ? 60  VAL A CG2 1 
ATOM   348  N N   . TYR A 1 61  ? 2.321   -4.671  3.298   1.00 25.43  ? 61  TYR A N   1 
ATOM   349  C CA  . TYR A 1 61  ? 3.251   -3.559  3.543   1.00 31.27  ? 61  TYR A CA  1 
ATOM   350  C C   . TYR A 1 61  ? 3.235   -3.155  5.015   1.00 31.18  ? 61  TYR A C   1 
ATOM   351  O O   . TYR A 1 61  ? 4.275   -2.903  5.599   1.00 33.98  ? 61  TYR A O   1 
ATOM   352  C CB  . TYR A 1 61  ? 2.927   -2.354  2.670   1.00 27.13  ? 61  TYR A CB  1 
ATOM   353  C CG  . TYR A 1 61  ? 3.416   -2.511  1.257   1.00 21.63  ? 61  TYR A CG  1 
ATOM   354  C CD1 . TYR A 1 61  ? 4.773   -2.728  0.992   1.00 21.10  ? 61  TYR A CD1 1 
ATOM   355  C CD2 . TYR A 1 61  ? 2.532   -2.426  0.184   1.00 23.39  ? 61  TYR A CD2 1 
ATOM   356  C CE1 . TYR A 1 61  ? 5.233   -2.856  -0.316  1.00 18.98  ? 61  TYR A CE1 1 
ATOM   357  C CE2 . TYR A 1 61  ? 2.977   -2.544  -1.126  1.00 20.75  ? 61  TYR A CE2 1 
ATOM   358  C CZ  . TYR A 1 61  ? 4.326   -2.757  -1.365  1.00 22.95  ? 61  TYR A CZ  1 
ATOM   359  O OH  . TYR A 1 61  ? 4.776   -2.839  -2.660  1.00 28.80  ? 61  TYR A OH  1 
ATOM   360  N N   . GLN A 1 62  ? 2.058   -3.135  5.631   1.00 32.50  ? 62  GLN A N   1 
ATOM   361  C CA  . GLN A 1 62  ? 1.967   -2.792  7.042   1.00 34.26  ? 62  GLN A CA  1 
ATOM   362  C C   . GLN A 1 62  ? 2.786   -3.725  7.907   1.00 33.33  ? 62  GLN A C   1 
ATOM   363  O O   . GLN A 1 62  ? 3.453   -3.278  8.828   1.00 38.84  ? 62  GLN A O   1 
ATOM   364  C CB  . GLN A 1 62  ? 0.519   -2.727  7.502   1.00 33.39  ? 62  GLN A CB  1 
ATOM   365  C CG  . GLN A 1 62  ? -0.152  -1.453  7.039   1.00 44.39  ? 62  GLN A CG  1 
ATOM   366  C CD  . GLN A 1 62  ? -1.579  -1.343  7.493   1.00 50.35  ? 62  GLN A CD  1 
ATOM   367  O OE1 . GLN A 1 62  ? -2.345  -2.300  7.391   1.00 51.02  ? 62  GLN A OE1 1 
ATOM   368  N NE2 . GLN A 1 62  ? -1.954  -0.170  8.007   1.00 53.15  ? 62  GLN A NE2 1 
ATOM   369  N N   . GLN A 1 63  ? 2.769   -5.013  7.595   1.00 38.05  ? 63  GLN A N   1 
ATOM   370  C CA  . GLN A 1 63  ? 3.559   -5.977  8.346   1.00 35.84  ? 63  GLN A CA  1 
ATOM   371  C C   . GLN A 1 63  ? 5.038   -5.691  8.173   1.00 34.70  ? 63  GLN A C   1 
ATOM   372  O O   . GLN A 1 63  ? 5.830   -5.915  9.079   1.00 40.66  ? 63  GLN A O   1 
ATOM   373  C CB  . GLN A 1 63  ? 3.319   -7.386  7.849   1.00 36.20  ? 63  GLN A CB  1 
ATOM   374  C CG  . GLN A 1 63  ? 1.973   -7.947  8.135   1.00 39.31  ? 63  GLN A CG  1 
ATOM   375  C CD  . GLN A 1 63  ? 1.962   -9.424  7.853   1.00 43.05  ? 63  GLN A CD  1 
ATOM   376  O OE1 . GLN A 1 63  ? 1.490   -9.876  6.807   1.00 43.80  ? 63  GLN A OE1 1 
ATOM   377  N NE2 . GLN A 1 63  ? 2.536   -10.191 8.763   1.00 47.97  ? 63  GLN A NE2 1 
ATOM   378  N N   . ILE A 1 64  ? 5.420   -5.280  6.973   1.00 32.85  ? 64  ILE A N   1 
ATOM   379  C CA  . ILE A 1 64  ? 6.814   -4.972  6.681   1.00 35.54  ? 64  ILE A CA  1 
ATOM   380  C C   . ILE A 1 64  ? 7.251   -3.735  7.465   1.00 33.94  ? 64  ILE A C   1 
ATOM   381  O O   . ILE A 1 64  ? 8.218   -3.777  8.216   1.00 38.58  ? 64  ILE A O   1 
ATOM   382  C CB  . ILE A 1 64  ? 7.028   -4.727  5.165   1.00 36.78  ? 64  ILE A CB  1 
ATOM   383  C CG1 . ILE A 1 64  ? 6.815   -6.030  4.380   1.00 39.67  ? 64  ILE A CG1 1 
ATOM   384  C CG2 . ILE A 1 64  ? 8.421   -4.180  4.918   1.00 39.38  ? 64  ILE A CG2 1 
ATOM   385  C CD1 . ILE A 1 64  ? 6.762   -5.872  2.850   1.00 34.12  ? 64  ILE A CD1 1 
ATOM   386  N N   . LEU A 1 65  ? 6.487   -2.659  7.334   1.00 33.79  ? 65  LEU A N   1 
ATOM   387  C CA  . LEU A 1 65  ? 6.778   -1.410  8.017   1.00 31.09  ? 65  LEU A CA  1 
ATOM   388  C C   . LEU A 1 65  ? 6.790   -1.528  9.519   1.00 32.94  ? 65  LEU A C   1 
ATOM   389  O O   . LEU A 1 65  ? 7.404   -0.718  10.204  1.00 39.68  ? 65  LEU A O   1 
ATOM   390  C CB  . LEU A 1 65  ? 5.775   -0.328  7.641   1.00 21.09  ? 65  LEU A CB  1 
ATOM   391  C CG  . LEU A 1 65  ? 5.651   0.056   6.178   1.00 20.35  ? 65  LEU A CG  1 
ATOM   392  C CD1 . LEU A 1 65  ? 4.931   1.398   6.105   1.00 21.08  ? 65  LEU A CD1 1 
ATOM   393  C CD2 . LEU A 1 65  ? 7.017   0.118   5.524   1.00 21.21  ? 65  LEU A CD2 1 
ATOM   394  N N   . THR A 1 66  ? 6.064   -2.484  10.054  1.00 35.55  ? 66  THR A N   1 
ATOM   395  C CA  . THR A 1 66  ? 6.053   -2.624  11.488  1.00 42.59  ? 66  THR A CA  1 
ATOM   396  C C   . THR A 1 66  ? 7.386   -3.192  11.969  1.00 44.73  ? 66  THR A C   1 
ATOM   397  O O   . THR A 1 66  ? 7.787   -2.943  13.109  1.00 50.55  ? 66  THR A O   1 
ATOM   398  C CB  . THR A 1 66  ? 4.833   -3.446  11.972  1.00 46.74  ? 66  THR A CB  1 
ATOM   399  O OG1 . THR A 1 66  ? 3.626   -2.750  11.606  1.00 54.88  ? 66  THR A OG1 1 
ATOM   400  C CG2 . THR A 1 66  ? 4.858   -3.612  13.485  1.00 48.57  ? 66  THR A CG2 1 
ATOM   401  N N   . SER A 1 67  ? 8.119   -3.854  11.076  1.00 42.49  ? 67  SER A N   1 
ATOM   402  C CA  . SER A 1 67  ? 9.417   -4.427  11.434  1.00 41.56  ? 67  SER A CA  1 
ATOM   403  C C   . SER A 1 67  ? 10.580  -3.452  11.229  1.00 42.86  ? 67  SER A C   1 
ATOM   404  O O   . SER A 1 67  ? 11.740  -3.817  11.437  1.00 47.57  ? 67  SER A O   1 
ATOM   405  C CB  . SER A 1 67  ? 9.710   -5.658  10.586  1.00 40.15  ? 67  SER A CB  1 
ATOM   406  O OG  . SER A 1 67  ? 10.283  -5.276  9.340   1.00 38.34  ? 67  SER A OG  1 
ATOM   407  N N   . MET A 1 68  ? 10.283  -2.243  10.763  1.00 39.37  ? 68  MET A N   1 
ATOM   408  C CA  . MET A 1 68  ? 11.325  -1.258  10.497  1.00 38.31  ? 68  MET A CA  1 
ATOM   409  C C   . MET A 1 68  ? 10.869  0.144   10.892  1.00 38.02  ? 68  MET A C   1 
ATOM   410  O O   . MET A 1 68  ? 10.831  1.074   10.060  1.00 35.98  ? 68  MET A O   1 
ATOM   411  C CB  . MET A 1 68  ? 11.728  -1.299  9.006   1.00 38.63  ? 68  MET A CB  1 
ATOM   412  C CG  . MET A 1 68  ? 10.537  -1.344  8.030   1.00 35.54  ? 68  MET A CG  1 
ATOM   413  S SD  . MET A 1 68  ? 10.924  -1.106  6.294   1.00 39.31  ? 68  MET A SD  1 
ATOM   414  C CE  . MET A 1 68  ? 11.782  -2.680  5.985   1.00 37.23  ? 68  MET A CE  1 
ATOM   415  N N   . PRO A 1 69  ? 10.530  0.332   12.177  1.00 36.73  ? 69  PRO A N   1 
ATOM   416  C CA  . PRO A 1 69  ? 10.088  1.662   12.595  1.00 35.16  ? 69  PRO A CA  1 
ATOM   417  C C   . PRO A 1 69  ? 11.155  2.750   12.438  1.00 34.95  ? 69  PRO A C   1 
ATOM   418  O O   . PRO A 1 69  ? 12.363  2.504   12.528  1.00 34.72  ? 69  PRO A O   1 
ATOM   419  C CB  . PRO A 1 69  ? 9.708   1.451   14.062  1.00 32.64  ? 69  PRO A CB  1 
ATOM   420  C CG  . PRO A 1 69  ? 10.616  0.365   14.502  1.00 27.96  ? 69  PRO A CG  1 
ATOM   421  C CD  . PRO A 1 69  ? 10.577  -0.589  13.327  1.00 34.13  ? 69  PRO A CD  1 
ATOM   422  N N   . SER A 1 70  ? 10.675  3.949   12.172  1.00 32.12  ? 70  SER A N   1 
ATOM   423  C CA  . SER A 1 70  ? 11.497  5.126   12.023  1.00 30.79  ? 70  SER A CA  1 
ATOM   424  C C   . SER A 1 70  ? 10.456  6.239   12.076  1.00 35.24  ? 70  SER A C   1 
ATOM   425  O O   . SER A 1 70  ? 9.257   5.964   12.152  1.00 40.56  ? 70  SER A O   1 
ATOM   426  C CB  . SER A 1 70  ? 12.234  5.108   10.687  1.00 30.08  ? 70  SER A CB  1 
ATOM   427  O OG  . SER A 1 70  ? 11.428  5.604   9.632   1.00 30.20  ? 70  SER A OG  1 
ATOM   428  N N   . ARG A 1 71  ? 10.883  7.491   12.029  1.00 38.08  ? 71  ARG A N   1 
ATOM   429  C CA  . ARG A 1 71  ? 9.940   8.594   12.092  1.00 35.17  ? 71  ARG A CA  1 
ATOM   430  C C   . ARG A 1 71  ? 8.947   8.629   10.932  1.00 36.24  ? 71  ARG A C   1 
ATOM   431  O O   . ARG A 1 71  ? 7.748   8.871   11.126  1.00 38.83  ? 71  ARG A O   1 
ATOM   432  C CB  . ARG A 1 71  ? 10.684  9.915   12.174  1.00 24.69  ? 71  ARG A CB  1 
ATOM   433  C CG  . ARG A 1 71  ? 9.780   11.071  12.463  1.00 30.05  ? 71  ARG A CG  1 
ATOM   434  C CD  . ARG A 1 71  ? 10.606  12.281  12.720  1.00 38.25  ? 71  ARG A CD  1 
ATOM   435  N NE  . ARG A 1 71  ? 11.500  12.517  11.599  1.00 40.60  ? 71  ARG A NE  1 
ATOM   436  C CZ  . ARG A 1 71  ? 11.216  13.330  10.595  1.00 35.97  ? 71  ARG A CZ  1 
ATOM   437  N NH1 . ARG A 1 71  ? 10.073  13.986  10.582  1.00 35.31  ? 71  ARG A NH1 1 
ATOM   438  N NH2 . ARG A 1 71  ? 12.059  13.450  9.590   1.00 40.37  ? 71  ARG A NH2 1 
ATOM   439  N N   . ASN A 1 72  ? 9.441   8.374   9.730   1.00 36.91  ? 72  ASN A N   1 
ATOM   440  C CA  . ASN A 1 72  ? 8.585   8.402   8.565   1.00 38.05  ? 72  ASN A CA  1 
ATOM   441  C C   . ASN A 1 72  ? 7.812   7.107   8.357   1.00 34.12  ? 72  ASN A C   1 
ATOM   442  O O   . ASN A 1 72  ? 6.700   7.142   7.867   1.00 38.84  ? 72  ASN A O   1 
ATOM   443  C CB  . ASN A 1 72  ? 9.388   8.784   7.319   1.00 43.61  ? 72  ASN A CB  1 
ATOM   444  C CG  . ASN A 1 72  ? 10.096  10.135  7.466   1.00 49.05  ? 72  ASN A CG  1 
ATOM   445  O OD1 . ASN A 1 72  ? 11.216  10.215  7.994   1.00 54.64  ? 72  ASN A OD1 1 
ATOM   446  N ND2 . ASN A 1 72  ? 9.442   11.199  7.019   1.00 44.40  ? 72  ASN A ND2 1 
ATOM   447  N N   . VAL A 1 73  ? 8.378   5.968   8.735   1.00 33.94  ? 73  VAL A N   1 
ATOM   448  C CA  . VAL A 1 73  ? 7.680   4.686   8.569   1.00 35.21  ? 73  VAL A CA  1 
ATOM   449  C C   . VAL A 1 73  ? 6.479   4.617   9.497   1.00 36.82  ? 73  VAL A C   1 
ATOM   450  O O   . VAL A 1 73  ? 5.429   4.148   9.095   1.00 42.80  ? 73  VAL A O   1 
ATOM   451  C CB  . VAL A 1 73  ? 8.606   3.451   8.826   1.00 37.69  ? 73  VAL A CB  1 
ATOM   452  C CG1 . VAL A 1 73  ? 7.784   2.227   9.191   1.00 37.98  ? 73  VAL A CG1 1 
ATOM   453  C CG2 . VAL A 1 73  ? 9.436   3.137   7.591   1.00 34.24  ? 73  VAL A CG2 1 
ATOM   454  N N   . ILE A 1 74  ? 6.635   5.065   10.740  1.00 37.02  ? 74  ILE A N   1 
ATOM   455  C CA  . ILE A 1 74  ? 5.535   5.054   11.711  1.00 33.61  ? 74  ILE A CA  1 
ATOM   456  C C   . ILE A 1 74  ? 4.449   5.993   11.183  1.00 36.58  ? 74  ILE A C   1 
ATOM   457  O O   . ILE A 1 74  ? 3.247   5.699   11.223  1.00 40.08  ? 74  ILE A O   1 
ATOM   458  C CB  . ILE A 1 74  ? 6.045   5.490   13.108  1.00 31.57  ? 74  ILE A CB  1 
ATOM   459  C CG1 . ILE A 1 74  ? 6.861   4.362   13.749  1.00 27.73  ? 74  ILE A CG1 1 
ATOM   460  C CG2 . ILE A 1 74  ? 4.903   5.878   14.010  1.00 28.35  ? 74  ILE A CG2 1 
ATOM   461  C CD1 . ILE A 1 74  ? 7.769   4.826   14.883  1.00 32.25  ? 74  ILE A CD1 1 
ATOM   462  N N   . GLN A 1 75  ? 4.899   7.096   10.614  1.00 37.86  ? 75  GLN A N   1 
ATOM   463  C CA  . GLN A 1 75  ? 4.019   8.080   10.030  1.00 42.01  ? 75  GLN A CA  1 
ATOM   464  C C   . GLN A 1 75  ? 3.292   7.396   8.855   1.00 44.31  ? 75  GLN A C   1 
ATOM   465  O O   . GLN A 1 75  ? 2.068   7.368   8.816   1.00 47.56  ? 75  GLN A O   1 
ATOM   466  C CB  . GLN A 1 75  ? 4.878   9.252   9.548   1.00 48.78  ? 75  GLN A CB  1 
ATOM   467  C CG  . GLN A 1 75  ? 4.138   10.437  8.931   1.00 65.24  ? 75  GLN A CG  1 
ATOM   468  C CD  . GLN A 1 75  ? 5.091   11.439  8.234   1.00 70.31  ? 75  GLN A CD  1 
ATOM   469  O OE1 . GLN A 1 75  ? 6.159   11.059  7.726   1.00 68.13  ? 75  GLN A OE1 1 
ATOM   470  N NE2 . GLN A 1 75  ? 4.661   12.700  8.134   1.00 66.00  ? 75  GLN A NE2 1 
ATOM   471  N N   . ILE A 1 76  ? 4.049   6.777   7.949   1.00 42.36  ? 76  ILE A N   1 
ATOM   472  C CA  . ILE A 1 76  ? 3.501   6.098   6.775   1.00 37.35  ? 76  ILE A CA  1 
ATOM   473  C C   . ILE A 1 76  ? 2.572   4.941   7.164   1.00 39.16  ? 76  ILE A C   1 
ATOM   474  O O   . ILE A 1 76  ? 1.472   4.808   6.632   1.00 39.63  ? 76  ILE A O   1 
ATOM   475  C CB  . ILE A 1 76  ? 4.646   5.576   5.852   1.00 34.69  ? 76  ILE A CB  1 
ATOM   476  C CG1 . ILE A 1 76  ? 5.374   6.758   5.211   1.00 28.36  ? 76  ILE A CG1 1 
ATOM   477  C CG2 . ILE A 1 76  ? 4.096   4.680   4.735   1.00 31.69  ? 76  ILE A CG2 1 
ATOM   478  C CD1 . ILE A 1 76  ? 6.673   6.382   4.533   1.00 32.33  ? 76  ILE A CD1 1 
ATOM   479  N N   . SER A 1 77  ? 2.980   4.165   8.155   1.00 38.31  ? 77  SER A N   1 
ATOM   480  C CA  . SER A 1 77  ? 2.215   3.026   8.599   1.00 37.76  ? 77  SER A CA  1 
ATOM   481  C C   . SER A 1 77  ? 0.817   3.440   9.059   1.00 41.30  ? 77  SER A C   1 
ATOM   482  O O   . SER A 1 77  ? -0.171  2.729   8.812   1.00 40.94  ? 77  SER A O   1 
ATOM   483  C CB  . SER A 1 77  ? 2.966   2.311   9.711   1.00 39.00  ? 77  SER A CB  1 
ATOM   484  O OG  . SER A 1 77  ? 2.688   0.918   9.692   1.00 56.18  ? 77  SER A OG  1 
ATOM   485  N N   . ASN A 1 78  ? 0.730   4.601   9.698   1.00 39.66  ? 78  ASN A N   1 
ATOM   486  C CA  . ASN A 1 78  ? -0.545  5.097   10.171  1.00 35.66  ? 78  ASN A CA  1 
ATOM   487  C C   . ASN A 1 78  ? -1.394  5.444   8.973   1.00 37.77  ? 78  ASN A C   1 
ATOM   488  O O   . ASN A 1 78  ? -2.573  5.114   8.940   1.00 44.39  ? 78  ASN A O   1 
ATOM   489  C CB  . ASN A 1 78  ? -0.367  6.333   11.031  1.00 38.61  ? 78  ASN A CB  1 
ATOM   490  C CG  . ASN A 1 78  ? -1.570  6.610   11.878  1.00 53.82  ? 78  ASN A CG  1 
ATOM   491  O OD1 . ASN A 1 78  ? -2.207  7.661   11.758  1.00 58.21  ? 78  ASN A OD1 1 
ATOM   492  N ND2 . ASN A 1 78  ? -1.910  5.659   12.742  1.00 62.33  ? 78  ASN A ND2 1 
ATOM   493  N N   . ASP A 1 79  ? -0.786  6.085   7.971   1.00 38.07  ? 79  ASP A N   1 
ATOM   494  C CA  . ASP A 1 79  ? -1.486  6.476   6.741   1.00 35.90  ? 79  ASP A CA  1 
ATOM   495  C C   . ASP A 1 79  ? -2.017  5.256   6.009   1.00 34.52  ? 79  ASP A C   1 
ATOM   496  O O   . ASP A 1 79  ? -3.100  5.300   5.444   1.00 40.00  ? 79  ASP A O   1 
ATOM   497  C CB  . ASP A 1 79  ? -0.565  7.234   5.787   1.00 36.32  ? 79  ASP A CB  1 
ATOM   498  C CG  . ASP A 1 79  ? -0.242  8.626   6.263   1.00 42.26  ? 79  ASP A CG  1 
ATOM   499  O OD1 . ASP A 1 79  ? -1.130  9.302   6.837   1.00 45.85  ? 79  ASP A OD1 1 
ATOM   500  O OD2 . ASP A 1 79  ? 0.912   9.041   6.050   1.00 42.72  ? 79  ASP A OD2 1 
ATOM   501  N N   . LEU A 1 80  ? -1.240  4.179   6.009   1.00 32.97  ? 80  LEU A N   1 
ATOM   502  C CA  . LEU A 1 80  ? -1.631  2.942   5.356   1.00 34.04  ? 80  LEU A CA  1 
ATOM   503  C C   . LEU A 1 80  ? -2.919  2.399   5.989   1.00 36.48  ? 80  LEU A C   1 
ATOM   504  O O   . LEU A 1 80  ? -3.774  1.848   5.288   1.00 39.74  ? 80  LEU A O   1 
ATOM   505  C CB  . LEU A 1 80  ? -0.495  1.912   5.428   1.00 30.11  ? 80  LEU A CB  1 
ATOM   506  C CG  . LEU A 1 80  ? 0.304   1.667   4.146   1.00 29.82  ? 80  LEU A CG  1 
ATOM   507  C CD1 . LEU A 1 80  ? 0.869   2.948   3.581   1.00 30.68  ? 80  LEU A CD1 1 
ATOM   508  C CD2 . LEU A 1 80  ? 1.397   0.677   4.415   1.00 26.26  ? 80  LEU A CD2 1 
ATOM   509  N N   . GLU A 1 81  ? -3.072  2.590   7.299   1.00 33.76  ? 81  GLU A N   1 
ATOM   510  C CA  . GLU A 1 81  ? -4.278  2.154   7.997   1.00 32.29  ? 81  GLU A CA  1 
ATOM   511  C C   . GLU A 1 81  ? -5.475  3.003   7.552   1.00 31.95  ? 81  GLU A C   1 
ATOM   512  O O   . GLU A 1 81  ? -6.576  2.479   7.363   1.00 35.48  ? 81  GLU A O   1 
ATOM   513  C CB  . GLU A 1 81  ? -4.105  2.230   9.514   1.00 32.61  ? 81  GLU A CB  1 
ATOM   514  C CG  . GLU A 1 81  ? -5.088  1.353   10.271  1.00 35.53  ? 81  GLU A CG  1 
ATOM   515  C CD  . GLU A 1 81  ? -5.099  -0.101  9.778   1.00 40.01  ? 81  GLU A CD  1 
ATOM   516  O OE1 . GLU A 1 81  ? -4.150  -0.849  10.069  1.00 40.95  ? 81  GLU A OE1 1 
ATOM   517  O OE2 . GLU A 1 81  ? -6.056  -0.505  9.086   1.00 45.05  ? 81  GLU A OE2 1 
ATOM   518  N N   . ASN A 1 82  ? -5.256  4.300   7.358   1.00 27.75  ? 82  ASN A N   1 
ATOM   519  C CA  . ASN A 1 82  ? -6.310  5.189   6.900   1.00 29.13  ? 82  ASN A CA  1 
ATOM   520  C C   . ASN A 1 82  ? -6.682  4.874   5.460   1.00 31.45  ? 82  ASN A C   1 
ATOM   521  O O   . ASN A 1 82  ? -7.812  5.100   5.047   1.00 33.59  ? 82  ASN A O   1 
ATOM   522  C CB  . ASN A 1 82  ? -5.868  6.641   6.964   1.00 35.53  ? 82  ASN A CB  1 
ATOM   523  C CG  . ASN A 1 82  ? -5.674  7.128   8.371   1.00 44.40  ? 82  ASN A CG  1 
ATOM   524  O OD1 . ASN A 1 82  ? -6.306  6.632   9.307   1.00 43.59  ? 82  ASN A OD1 1 
ATOM   525  N ND2 . ASN A 1 82  ? -4.811  8.132   8.535   1.00 52.23  ? 82  ASN A ND2 1 
ATOM   526  N N   . LEU A 1 83  ? -5.713  4.420   4.676   1.00 31.41  ? 83  LEU A N   1 
ATOM   527  C CA  . LEU A 1 83  ? -5.971  4.073   3.279   1.00 33.57  ? 83  LEU A CA  1 
ATOM   528  C C   . LEU A 1 83  ? -6.765  2.763   3.208   1.00 30.92  ? 83  LEU A C   1 
ATOM   529  O O   . LEU A 1 83  ? -7.665  2.629   2.377   1.00 34.20  ? 83  LEU A O   1 
ATOM   530  C CB  . LEU A 1 83  ? -4.667  3.960   2.470   1.00 29.60  ? 83  LEU A CB  1 
ATOM   531  C CG  . LEU A 1 83  ? -4.849  3.776   0.958   1.00 23.99  ? 83  LEU A CG  1 
ATOM   532  C CD1 . LEU A 1 83  ? -5.720  4.896   0.389   1.00 21.90  ? 83  LEU A CD1 1 
ATOM   533  C CD2 . LEU A 1 83  ? -3.498  3.739   0.276   1.00 23.16  ? 83  LEU A CD2 1 
ATOM   534  N N   . ARG A 1 84  ? -6.418  1.791   4.052   1.00 26.09  ? 84  ARG A N   1 
ATOM   535  C CA  . ARG A 1 84  ? -7.159  0.548   4.074   1.00 24.60  ? 84  ARG A CA  1 
ATOM   536  C C   . ARG A 1 84  ? -8.627  0.829   4.432   1.00 28.53  ? 84  ARG A C   1 
ATOM   537  O O   . ARG A 1 84  ? -9.535  0.273   3.811   1.00 32.41  ? 84  ARG A O   1 
ATOM   538  C CB  . ARG A 1 84  ? -6.558  -0.425  5.056   1.00 21.12  ? 84  ARG A CB  1 
ATOM   539  C CG  . ARG A 1 84  ? -5.353  -1.114  4.535   1.00 21.13  ? 84  ARG A CG  1 
ATOM   540  C CD  . ARG A 1 84  ? -5.006  -2.250  5.469   1.00 30.39  ? 84  ARG A CD  1 
ATOM   541  N NE  . ARG A 1 84  ? -5.812  -3.441  5.207   1.00 28.63  ? 84  ARG A NE  1 
ATOM   542  C CZ  . ARG A 1 84  ? -5.796  -4.546  5.945   1.00 26.88  ? 84  ARG A CZ  1 
ATOM   543  N NH1 . ARG A 1 84  ? -5.036  -4.624  7.028   1.00 29.44  ? 84  ARG A NH1 1 
ATOM   544  N NH2 . ARG A 1 84  ? -6.412  -5.634  5.511   1.00 33.95  ? 84  ARG A NH2 1 
ATOM   545  N N   . ASP A 1 85  ? -8.858  1.711   5.401   1.00 25.83  ? 85  ASP A N   1 
ATOM   546  C CA  . ASP A 1 85  ? -10.210 2.093   5.794   1.00 26.86  ? 85  ASP A CA  1 
ATOM   547  C C   . ASP A 1 85  ? -10.986 2.612   4.587   1.00 31.54  ? 85  ASP A C   1 
ATOM   548  O O   . ASP A 1 85  ? -12.132 2.202   4.344   1.00 36.96  ? 85  ASP A O   1 
ATOM   549  C CB  . ASP A 1 85  ? -10.173 3.245   6.790   1.00 25.11  ? 85  ASP A CB  1 
ATOM   550  C CG  . ASP A 1 85  ? -9.835  2.815   8.181   1.00 30.11  ? 85  ASP A CG  1 
ATOM   551  O OD1 . ASP A 1 85  ? -9.769  1.594   8.456   1.00 28.71  ? 85  ASP A OD1 1 
ATOM   552  O OD2 . ASP A 1 85  ? -9.649  3.731   9.017   1.00 40.54  ? 85  ASP A OD2 1 
ATOM   553  N N   . LEU A 1 86  ? -10.385 3.575   3.886   1.00 28.81  ? 86  LEU A N   1 
ATOM   554  C CA  . LEU A 1 86  ? -10.997 4.198   2.717   1.00 26.29  ? 86  LEU A CA  1 
ATOM   555  C C   . LEU A 1 86  ? -11.311 3.182   1.640   1.00 25.43  ? 86  LEU A C   1 
ATOM   556  O O   . LEU A 1 86  ? -12.258 3.348   0.870   1.00 29.62  ? 86  LEU A O   1 
ATOM   557  C CB  . LEU A 1 86  ? -10.100 5.307   2.159   1.00 28.07  ? 86  LEU A CB  1 
ATOM   558  C CG  . LEU A 1 86  ? -10.129 6.655   2.888   1.00 33.17  ? 86  LEU A CG  1 
ATOM   559  C CD1 . LEU A 1 86  ? -9.080  7.577   2.295   1.00 36.87  ? 86  LEU A CD1 1 
ATOM   560  C CD2 . LEU A 1 86  ? -11.497 7.302   2.769   1.00 30.68  ? 86  LEU A CD2 1 
ATOM   561  N N   . LEU A 1 87  ? -10.512 2.128   1.583   1.00 26.75  ? 87  LEU A N   1 
ATOM   562  C CA  . LEU A 1 87  ? -10.722 1.067   0.615   1.00 26.69  ? 87  LEU A CA  1 
ATOM   563  C C   . LEU A 1 87  ? -11.961 0.251   1.052   1.00 34.91  ? 87  LEU A C   1 
ATOM   564  O O   . LEU A 1 87  ? -12.752 -0.186  0.209   1.00 34.44  ? 87  LEU A O   1 
ATOM   565  C CB  . LEU A 1 87  ? -9.486  0.181   0.586   1.00 24.92  ? 87  LEU A CB  1 
ATOM   566  C CG  . LEU A 1 87  ? -8.619  0.032   -0.664  1.00 24.94  ? 87  LEU A CG  1 
ATOM   567  C CD1 . LEU A 1 87  ? -8.566  1.313   -1.461  1.00 23.86  ? 87  LEU A CD1 1 
ATOM   568  C CD2 . LEU A 1 87  ? -7.246  -0.433  -0.227  1.00 14.85  ? 87  LEU A CD2 1 
ATOM   569  N N   . HIS A 1 88  ? -12.128 0.070   2.369   1.00 34.35  ? 88  HIS A N   1 
ATOM   570  C CA  . HIS A 1 88  ? -13.255 -0.679  2.953   1.00 32.00  ? 88  HIS A CA  1 
ATOM   571  C C   . HIS A 1 88  ? -14.556 0.104   2.964   1.00 35.31  ? 88  HIS A C   1 
ATOM   572  O O   . HIS A 1 88  ? -15.637 -0.478  2.885   1.00 40.05  ? 88  HIS A O   1 
ATOM   573  C CB  . HIS A 1 88  ? -12.933 -1.126  4.367   1.00 29.10  ? 88  HIS A CB  1 
ATOM   574  C CG  . HIS A 1 88  ? -12.203 -2.423  4.430   1.00 25.44  ? 88  HIS A CG  1 
ATOM   575  N ND1 . HIS A 1 88  ? -10.863 -2.539  4.138   1.00 27.51  ? 88  HIS A ND1 1 
ATOM   576  C CD2 . HIS A 1 88  ? -12.629 -3.669  4.735   1.00 28.23  ? 88  HIS A CD2 1 
ATOM   577  C CE1 . HIS A 1 88  ? -10.495 -3.802  4.256   1.00 27.68  ? 88  HIS A CE1 1 
ATOM   578  N NE2 . HIS A 1 88  ? -11.547 -4.509  4.620   1.00 28.66  ? 88  HIS A NE2 1 
ATOM   579  N N   . VAL A 1 89  ? -14.450 1.414   3.141   1.00 33.24  ? 89  VAL A N   1 
ATOM   580  C CA  . VAL A 1 89  ? -15.605 2.286   3.115   1.00 30.82  ? 89  VAL A CA  1 
ATOM   581  C C   . VAL A 1 89  ? -16.145 2.291   1.676   1.00 36.55  ? 89  VAL A C   1 
ATOM   582  O O   . VAL A 1 89  ? -17.346 2.410   1.467   1.00 45.09  ? 89  VAL A O   1 
ATOM   583  C CB  . VAL A 1 89  ? -15.210 3.708   3.518   1.00 28.50  ? 89  VAL A CB  1 
ATOM   584  C CG1 . VAL A 1 89  ? -16.285 4.678   3.140   1.00 28.69  ? 89  VAL A CG1 1 
ATOM   585  C CG2 . VAL A 1 89  ? -14.947 3.778   4.991   1.00 28.72  ? 89  VAL A CG2 1 
ATOM   586  N N   . LEU A 1 90  ? -15.257 2.144   0.691   1.00 38.04  ? 90  LEU A N   1 
ATOM   587  C CA  . LEU A 1 90  ? -15.640 2.116   -0.719  1.00 33.37  ? 90  LEU A CA  1 
ATOM   588  C C   . LEU A 1 90  ? -16.380 0.825   -1.030  1.00 33.91  ? 90  LEU A C   1 
ATOM   589  O O   . LEU A 1 90  ? -17.428 0.843   -1.665  1.00 36.92  ? 90  LEU A O   1 
ATOM   590  C CB  . LEU A 1 90  ? -14.411 2.181   -1.607  1.00 36.79  ? 90  LEU A CB  1 
ATOM   591  C CG  . LEU A 1 90  ? -14.510 2.968   -2.916  1.00 39.24  ? 90  LEU A CG  1 
ATOM   592  C CD1 . LEU A 1 90  ? -13.382 2.512   -3.823  1.00 38.33  ? 90  LEU A CD1 1 
ATOM   593  C CD2 . LEU A 1 90  ? -15.855 2.786   -3.590  1.00 38.13  ? 90  LEU A CD2 1 
ATOM   594  N N   . ALA A 1 91  ? -15.787 -0.300  -0.647  1.00 33.87  ? 91  ALA A N   1 
ATOM   595  C CA  . ALA A 1 91  ? -16.397 -1.610  -0.848  1.00 35.56  ? 91  ALA A CA  1 
ATOM   596  C C   . ALA A 1 91  ? -17.776 -1.588  -0.217  1.00 40.49  ? 91  ALA A C   1 
ATOM   597  O O   . ALA A 1 91  ? -18.727 -2.134  -0.766  1.00 44.77  ? 91  ALA A O   1 
ATOM   598  C CB  . ALA A 1 91  ? -15.558 -2.684  -0.186  1.00 30.72  ? 91  ALA A CB  1 
ATOM   599  N N   . PHE A 1 92  ? -17.867 -0.945  0.945   1.00 44.76  ? 92  PHE A N   1 
ATOM   600  C CA  . PHE A 1 92  ? -19.110 -0.807  1.682   1.00 45.12  ? 92  PHE A CA  1 
ATOM   601  C C   . PHE A 1 92  ? -20.155 -0.148  0.790   1.00 48.27  ? 92  PHE A C   1 
ATOM   602  O O   . PHE A 1 92  ? -21.218 -0.715  0.562   1.00 49.59  ? 92  PHE A O   1 
ATOM   603  C CB  . PHE A 1 92  ? -18.872 0.034   2.935   1.00 50.29  ? 92  PHE A CB  1 
ATOM   604  C CG  . PHE A 1 92  ? -20.079 0.156   3.837   1.00 56.80  ? 92  PHE A CG  1 
ATOM   605  C CD1 . PHE A 1 92  ? -20.618 -0.963  4.464   1.00 52.04  ? 92  PHE A CD1 1 
ATOM   606  C CD2 . PHE A 1 92  ? -20.640 1.406   4.105   1.00 56.32  ? 92  PHE A CD2 1 
ATOM   607  C CE1 . PHE A 1 92  ? -21.688 -0.838  5.339   1.00 54.66  ? 92  PHE A CE1 1 
ATOM   608  C CE2 . PHE A 1 92  ? -21.718 1.534   4.985   1.00 56.42  ? 92  PHE A CE2 1 
ATOM   609  C CZ  . PHE A 1 92  ? -22.238 0.416   5.604   1.00 52.95  ? 92  PHE A CZ  1 
ATOM   610  N N   . SER A 1 93  ? -19.845 1.034   0.268   1.00 47.95  ? 93  SER A N   1 
ATOM   611  C CA  . SER A 1 93  ? -20.771 1.744   -0.604  1.00 52.28  ? 93  SER A CA  1 
ATOM   612  C C   . SER A 1 93  ? -21.021 0.980   -1.916  1.00 55.40  ? 93  SER A C   1 
ATOM   613  O O   . SER A 1 93  ? -22.010 1.225   -2.609  1.00 61.10  ? 93  SER A O   1 
ATOM   614  C CB  . SER A 1 93  ? -20.260 3.155   -0.889  1.00 48.71  ? 93  SER A CB  1 
ATOM   615  O OG  . SER A 1 93  ? -19.092 3.109   -1.689  1.00 59.15  ? 93  SER A OG  1 
ATOM   616  N N   . LYS A 1 94  ? -20.117 0.068   -2.260  1.00 55.46  ? 94  LYS A N   1 
ATOM   617  C CA  . LYS A 1 94  ? -20.261 -0.748  -3.461  1.00 51.71  ? 94  LYS A CA  1 
ATOM   618  C C   . LYS A 1 94  ? -21.000 -2.037  -3.099  1.00 53.19  ? 94  LYS A C   1 
ATOM   619  O O   . LYS A 1 94  ? -21.151 -2.946  -3.919  1.00 52.18  ? 94  LYS A O   1 
ATOM   620  C CB  . LYS A 1 94  ? -18.889 -1.085  -4.035  1.00 49.80  ? 94  LYS A CB  1 
ATOM   621  C CG  . LYS A 1 94  ? -18.134 0.106   -4.571  1.00 52.80  ? 94  LYS A CG  1 
ATOM   622  C CD  . LYS A 1 94  ? -17.675 -0.111  -6.013  1.00 60.20  ? 94  LYS A CD  1 
ATOM   623  C CE  . LYS A 1 94  ? -16.528 -1.110  -6.143  1.00 64.51  ? 94  LYS A CE  1 
ATOM   624  N NZ  . LYS A 1 94  ? -16.881 -2.512  -5.761  1.00 74.39  ? 94  LYS A NZ  1 
ATOM   625  N N   . SER A 1 95  ? -21.424 -2.124  -1.846  1.00 55.74  ? 95  SER A N   1 
ATOM   626  C CA  . SER A 1 95  ? -22.140 -3.281  -1.337  1.00 58.66  ? 95  SER A CA  1 
ATOM   627  C C   . SER A 1 95  ? -21.416 -4.588  -1.605  1.00 61.35  ? 95  SER A C   1 
ATOM   628  O O   . SER A 1 95  ? -22.046 -5.610  -1.878  1.00 67.04  ? 95  SER A O   1 
ATOM   629  C CB  . SER A 1 95  ? -23.565 -3.330  -1.897  1.00 55.39  ? 95  SER A CB  1 
ATOM   630  O OG  . SER A 1 95  ? -24.314 -2.211  -1.440  1.00 59.35  ? 95  SER A OG  1 
ATOM   631  N N   . CYS A 1 96  ? -20.092 -4.561  -1.544  1.00 62.47  ? 96  CYS A N   1 
ATOM   632  C CA  . CYS A 1 96  ? -19.340 -5.785  -1.755  1.00 63.94  ? 96  CYS A CA  1 
ATOM   633  C C   . CYS A 1 96  ? -18.423 -6.122  -0.574  1.00 64.19  ? 96  CYS A C   1 
ATOM   634  O O   . CYS A 1 96  ? -18.305 -5.340  0.380   1.00 57.82  ? 96  CYS A O   1 
ATOM   635  C CB  . CYS A 1 96  ? -18.635 -5.791  -3.119  1.00 62.53  ? 96  CYS A CB  1 
ATOM   636  S SG  . CYS A 1 96  ? -17.575 -4.369  -3.528  1.00 67.17  ? 96  CYS A SG  1 
ATOM   637  N N   . HIS A 1 97  ? -17.840 -7.320  -0.600  1.00 69.41  ? 97  HIS A N   1 
ATOM   638  C CA  . HIS A 1 97  ? -16.989 -7.772  0.501   1.00 71.64  ? 97  HIS A CA  1 
ATOM   639  C C   . HIS A 1 97  ? -15.496 -7.941  0.248   1.00 69.40  ? 97  HIS A C   1 
ATOM   640  O O   . HIS A 1 97  ? -15.068 -8.563  -0.741  1.00 68.53  ? 97  HIS A O   1 
ATOM   641  C CB  . HIS A 1 97  ? -17.583 -9.054  1.132   1.00 76.72  ? 97  HIS A CB  1 
ATOM   642  C CG  . HIS A 1 97  ? -16.735 -10.282 0.983   1.00 74.57  ? 97  HIS A CG  1 
ATOM   643  N ND1 . HIS A 1 97  ? -16.507 -10.889 -0.234  1.00 78.30  ? 97  HIS A ND1 1 
ATOM   644  C CD2 . HIS A 1 97  ? -16.095 -11.039 1.907   1.00 71.29  ? 97  HIS A CD2 1 
ATOM   645  C CE1 . HIS A 1 97  ? -15.765 -11.967 -0.056  1.00 79.08  ? 97  HIS A CE1 1 
ATOM   646  N NE2 . HIS A 1 97  ? -15.501 -12.080 1.234   1.00 76.74  ? 97  HIS A NE2 1 
ATOM   647  N N   . LEU A 1 98  ? -14.714 -7.390  1.175   1.00 62.82  ? 98  LEU A N   1 
ATOM   648  C CA  . LEU A 1 98  ? -13.271 -7.493  1.122   1.00 54.63  ? 98  LEU A CA  1 
ATOM   649  C C   . LEU A 1 98  ? -12.940 -8.521  2.191   1.00 53.62  ? 98  LEU A C   1 
ATOM   650  O O   . LEU A 1 98  ? -13.225 -8.309  3.373   1.00 52.12  ? 98  LEU A O   1 
ATOM   651  C CB  . LEU A 1 98  ? -12.594 -6.156  1.431   1.00 41.15  ? 98  LEU A CB  1 
ATOM   652  C CG  . LEU A 1 98  ? -12.988 -4.982  0.541   1.00 40.85  ? 98  LEU A CG  1 
ATOM   653  C CD1 . LEU A 1 98  ? -12.110 -3.794  0.849   1.00 41.81  ? 98  LEU A CD1 1 
ATOM   654  C CD2 . LEU A 1 98  ? -12.863 -5.351  -0.907  1.00 36.09  ? 98  LEU A CD2 1 
ATOM   655  N N   . PRO A 1 99  ? -12.439 -9.699  1.773   1.00 52.96  ? 99  PRO A N   1 
ATOM   656  C CA  . PRO A 1 99  ? -12.071 -10.780 2.691   1.00 52.10  ? 99  PRO A CA  1 
ATOM   657  C C   . PRO A 1 99  ? -11.045 -10.296 3.706   1.00 55.07  ? 99  PRO A C   1 
ATOM   658  O O   . PRO A 1 99  ? -10.401 -9.263  3.526   1.00 59.96  ? 99  PRO A O   1 
ATOM   659  C CB  . PRO A 1 99  ? -11.427 -11.815 1.760   1.00 47.66  ? 99  PRO A CB  1 
ATOM   660  C CG  . PRO A 1 99  ? -12.096 -11.592 0.466   1.00 45.58  ? 99  PRO A CG  1 
ATOM   661  C CD  . PRO A 1 99  ? -12.188 -10.092 0.373   1.00 49.71  ? 99  PRO A CD  1 
ATOM   662  N N   . GLU A 1 100 ? -10.902 -11.035 4.789   1.00 59.57  ? 100 GLU A N   1 
ATOM   663  C CA  . GLU A 1 100 ? -9.905  -10.694 5.785   1.00 60.99  ? 100 GLU A CA  1 
ATOM   664  C C   . GLU A 1 100 ? -8.597  -11.063 5.068   1.00 58.99  ? 100 GLU A C   1 
ATOM   665  O O   . GLU A 1 100 ? -8.493  -12.145 4.478   1.00 55.01  ? 100 GLU A O   1 
ATOM   666  C CB  . GLU A 1 100 ? -10.108 -11.583 7.007   1.00 69.78  ? 100 GLU A CB  1 
ATOM   667  C CG  . GLU A 1 100 ? -9.598  -11.035 8.320   1.00 81.05  ? 100 GLU A CG  1 
ATOM   668  C CD  . GLU A 1 100 ? -10.083 -11.867 9.501   1.00 89.50  ? 100 GLU A CD  1 
ATOM   669  O OE1 . GLU A 1 100 ? -10.020 -13.121 9.426   1.00 92.29  ? 100 GLU A OE1 1 
ATOM   670  O OE2 . GLU A 1 100 ? -10.543 -11.265 10.496  1.00 94.20  ? 100 GLU A OE2 1 
ATOM   671  N N   . ALA A 1 101 ? -7.655  -10.126 5.012   1.00 57.01  ? 101 ALA A N   1 
ATOM   672  C CA  . ALA A 1 101 ? -6.373  -10.378 4.361   1.00 50.34  ? 101 ALA A CA  1 
ATOM   673  C C   . ALA A 1 101 ? -5.575  -11.419 5.161   1.00 48.13  ? 101 ALA A C   1 
ATOM   674  O O   . ALA A 1 101 ? -5.717  -11.535 6.380   1.00 44.59  ? 101 ALA A O   1 
ATOM   675  C CB  . ALA A 1 101 ? -5.584  -9.069  4.214   1.00 45.40  ? 101 ALA A CB  1 
ATOM   676  N N   . SER A 1 102 ? -4.810  -12.239 4.459   1.00 46.55  ? 102 SER A N   1 
ATOM   677  C CA  . SER A 1 102 ? -4.005  -13.251 5.115   1.00 51.20  ? 102 SER A CA  1 
ATOM   678  C C   . SER A 1 102 ? -2.757  -12.552 5.636   1.00 52.99  ? 102 SER A C   1 
ATOM   679  O O   . SER A 1 102 ? -2.335  -11.530 5.086   1.00 57.40  ? 102 SER A O   1 
ATOM   680  C CB  . SER A 1 102 ? -3.606  -14.338 4.115   1.00 53.76  ? 102 SER A CB  1 
ATOM   681  O OG  . SER A 1 102 ? -4.685  -14.674 3.258   1.00 61.51  ? 102 SER A OG  1 
ATOM   682  N N   . GLY A 1 103 ? -2.178  -13.075 6.704   1.00 51.66  ? 103 GLY A N   1 
ATOM   683  C CA  . GLY A 1 103 ? -0.982  -12.466 7.236   1.00 48.90  ? 103 GLY A CA  1 
ATOM   684  C C   . GLY A 1 103 ? 0.192   -13.399 7.055   1.00 51.96  ? 103 GLY A C   1 
ATOM   685  O O   . GLY A 1 103 ? 0.025   -14.619 6.935   1.00 52.73  ? 103 GLY A O   1 
ATOM   686  N N   . LEU A 1 104 ? 1.373   -12.818 6.924   1.00 49.53  ? 104 LEU A N   1 
ATOM   687  C CA  . LEU A 1 104 ? 2.589   -13.596 6.808   1.00 49.25  ? 104 LEU A CA  1 
ATOM   688  C C   . LEU A 1 104 ? 2.902   -13.903 8.249   1.00 54.43  ? 104 LEU A C   1 
ATOM   689  O O   . LEU A 1 104 ? 2.808   -13.011 9.093   1.00 56.42  ? 104 LEU A O   1 
ATOM   690  C CB  . LEU A 1 104 ? 3.713   -12.729 6.272   1.00 44.72  ? 104 LEU A CB  1 
ATOM   691  C CG  . LEU A 1 104 ? 3.489   -12.230 4.861   1.00 45.19  ? 104 LEU A CG  1 
ATOM   692  C CD1 . LEU A 1 104 ? 4.191   -10.913 4.673   1.00 46.25  ? 104 LEU A CD1 1 
ATOM   693  C CD2 . LEU A 1 104 ? 3.968   -13.273 3.889   1.00 43.17  ? 104 LEU A CD2 1 
ATOM   694  N N   . GLU A 1 105 ? 3.229   -15.144 8.569   1.00 57.22  ? 105 GLU A N   1 
ATOM   695  C CA  . GLU A 1 105 ? 3.556   -15.427 9.952   1.00 63.77  ? 105 GLU A CA  1 
ATOM   696  C C   . GLU A 1 105 ? 4.988   -14.957 10.192  1.00 63.24  ? 105 GLU A C   1 
ATOM   697  O O   . GLU A 1 105 ? 5.364   -14.651 11.319  1.00 65.15  ? 105 GLU A O   1 
ATOM   698  C CB  . GLU A 1 105 ? 3.404   -16.907 10.276  1.00 70.37  ? 105 GLU A CB  1 
ATOM   699  C CG  . GLU A 1 105 ? 3.205   -17.184 11.756  1.00 81.78  ? 105 GLU A CG  1 
ATOM   700  C CD  . GLU A 1 105 ? 3.525   -18.622 12.122  1.00 91.83  ? 105 GLU A CD  1 
ATOM   701  O OE1 . GLU A 1 105 ? 4.726   -18.939 12.299  1.00 94.87  ? 105 GLU A OE1 1 
ATOM   702  O OE2 . GLU A 1 105 ? 2.578   -19.435 12.226  1.00 98.23  ? 105 GLU A OE2 1 
ATOM   703  N N   . THR A 1 106 ? 5.769   -14.862 9.117   1.00 61.59  ? 106 THR A N   1 
ATOM   704  C CA  . THR A 1 106 ? 7.155   -14.418 9.192   1.00 60.03  ? 106 THR A CA  1 
ATOM   705  C C   . THR A 1 106 ? 7.547   -13.601 7.962   1.00 58.37  ? 106 THR A C   1 
ATOM   706  O O   . THR A 1 106 ? 7.118   -13.886 6.838   1.00 58.82  ? 106 THR A O   1 
ATOM   707  C CB  . THR A 1 106 ? 8.142   -15.604 9.298   1.00 61.06  ? 106 THR A CB  1 
ATOM   708  O OG1 . THR A 1 106 ? 7.998   -16.452 8.152   1.00 67.35  ? 106 THR A OG1 1 
ATOM   709  C CG2 . THR A 1 106 ? 7.889   -16.419 10.558  1.00 68.28  ? 106 THR A CG2 1 
ATOM   710  N N   . LEU A 1 107 ? 8.419   -12.624 8.183   1.00 55.83  ? 107 LEU A N   1 
ATOM   711  C CA  . LEU A 1 107 ? 8.913   -11.756 7.129   1.00 50.67  ? 107 LEU A CA  1 
ATOM   712  C C   . LEU A 1 107 ? 10.174  -12.326 6.500   1.00 50.83  ? 107 LEU A C   1 
ATOM   713  O O   . LEU A 1 107 ? 10.768  -11.701 5.618   1.00 55.84  ? 107 LEU A O   1 
ATOM   714  C CB  . LEU A 1 107 ? 9.201   -10.363 7.688   1.00 51.90  ? 107 LEU A CB  1 
ATOM   715  C CG  . LEU A 1 107 ? 8.045   -9.362  7.820   1.00 55.76  ? 107 LEU A CG  1 
ATOM   716  C CD1 . LEU A 1 107 ? 6.821   -9.973  8.475   1.00 60.21  ? 107 LEU A CD1 1 
ATOM   717  C CD2 . LEU A 1 107 ? 8.512   -8.166  8.606   1.00 53.51  ? 107 LEU A CD2 1 
ATOM   718  N N   . ASP A 1 108 ? 10.572  -13.518 6.934   1.00 50.57  ? 108 ASP A N   1 
ATOM   719  C CA  . ASP A 1 108 ? 11.772  -14.171 6.409   1.00 55.58  ? 108 ASP A CA  1 
ATOM   720  C C   . ASP A 1 108 ? 11.630  -14.558 4.944   1.00 56.26  ? 108 ASP A C   1 
ATOM   721  O O   . ASP A 1 108 ? 12.628  -14.673 4.223   1.00 59.05  ? 108 ASP A O   1 
ATOM   722  C CB  . ASP A 1 108 ? 12.133  -15.402 7.244   1.00 62.99  ? 108 ASP A CB  1 
ATOM   723  C CG  . ASP A 1 108 ? 12.522  -15.048 8.677   1.00 72.79  ? 108 ASP A CG  1 
ATOM   724  O OD1 . ASP A 1 108 ? 13.163  -13.988 8.896   1.00 77.55  ? 108 ASP A OD1 1 
ATOM   725  O OD2 . ASP A 1 108 ? 12.188  -15.839 9.589   1.00 79.22  ? 108 ASP A OD2 1 
ATOM   726  N N   . SER A 1 109 ? 10.389  -14.780 4.517   1.00 55.03  ? 109 SER A N   1 
ATOM   727  C CA  . SER A 1 109 ? 10.078  -15.129 3.132   1.00 50.47  ? 109 SER A CA  1 
ATOM   728  C C   . SER A 1 109 ? 10.240  -13.904 2.203   1.00 49.09  ? 109 SER A C   1 
ATOM   729  O O   . SER A 1 109 ? 10.590  -14.043 1.028   1.00 43.19  ? 109 SER A O   1 
ATOM   730  C CB  . SER A 1 109 ? 8.653   -15.711 3.056   1.00 52.15  ? 109 SER A CB  1 
ATOM   731  O OG  . SER A 1 109 ? 7.788   -15.136 4.037   1.00 53.80  ? 109 SER A OG  1 
ATOM   732  N N   . LEU A 1 110 ? 10.024  -12.712 2.770   1.00 49.22  ? 110 LEU A N   1 
ATOM   733  C CA  . LEU A 1 110 ? 10.124  -11.432 2.059   1.00 47.83  ? 110 LEU A CA  1 
ATOM   734  C C   . LEU A 1 110 ? 11.567  -11.021 1.768   1.00 50.98  ? 110 LEU A C   1 
ATOM   735  O O   . LEU A 1 110 ? 11.810  -9.997  1.107   1.00 52.63  ? 110 LEU A O   1 
ATOM   736  C CB  . LEU A 1 110 ? 9.477   -10.310 2.880   1.00 47.18  ? 110 LEU A CB  1 
ATOM   737  C CG  . LEU A 1 110 ? 7.973   -10.040 2.892   1.00 43.54  ? 110 LEU A CG  1 
ATOM   738  C CD1 . LEU A 1 110 ? 7.444   -9.979  1.476   1.00 35.30  ? 110 LEU A CD1 1 
ATOM   739  C CD2 . LEU A 1 110 ? 7.283   -11.113 3.686   1.00 49.49  ? 110 LEU A CD2 1 
ATOM   740  N N   . GLY A 1 111 ? 12.518  -11.797 2.283   1.00 48.30  ? 111 GLY A N   1 
ATOM   741  C CA  . GLY A 1 111 ? 13.920  -11.500 2.080   1.00 41.44  ? 111 GLY A CA  1 
ATOM   742  C C   . GLY A 1 111 ? 14.271  -11.242 0.636   1.00 39.98  ? 111 GLY A C   1 
ATOM   743  O O   . GLY A 1 111 ? 14.673  -10.142 0.286   1.00 43.48  ? 111 GLY A O   1 
ATOM   744  N N   . GLY A 1 112 ? 14.035  -12.230 -0.218  1.00 37.68  ? 112 GLY A N   1 
ATOM   745  C CA  . GLY A 1 112 ? 14.353  -12.092 -1.622  1.00 32.66  ? 112 GLY A CA  1 
ATOM   746  C C   . GLY A 1 112 ? 13.824  -10.826 -2.298  1.00 34.51  ? 112 GLY A C   1 
ATOM   747  O O   . GLY A 1 112 ? 14.541  -10.157 -3.050  1.00 39.73  ? 112 GLY A O   1 
ATOM   748  N N   . VAL A 1 113 ? 12.570  -10.485 -2.057  1.00 34.97  ? 113 VAL A N   1 
ATOM   749  C CA  . VAL A 1 113 ? 11.975  -9.315  -2.735  1.00 34.76  ? 113 VAL A CA  1 
ATOM   750  C C   . VAL A 1 113 ? 12.442  -7.990  -2.116  1.00 35.46  ? 113 VAL A C   1 
ATOM   751  O O   . VAL A 1 113 ? 12.384  -6.933  -2.758  1.00 32.33  ? 113 VAL A O   1 
ATOM   752  C CB  . VAL A 1 113 ? 10.439  -9.348  -2.701  1.00 30.02  ? 113 VAL A CB  1 
ATOM   753  C CG1 . VAL A 1 113 ? 9.837   -10.365 -3.679  1.00 25.48  ? 113 VAL A CG1 1 
ATOM   754  C CG2 . VAL A 1 113 ? 9.859   -9.697  -1.333  1.00 29.20  ? 113 VAL A CG2 1 
ATOM   755  N N   . LEU A 1 114 ? 12.913  -8.055  -0.883  1.00 39.56  ? 114 LEU A N   1 
ATOM   756  C CA  . LEU A 1 114 ? 13.339  -6.850  -0.151  1.00 41.00  ? 114 LEU A CA  1 
ATOM   757  C C   . LEU A 1 114 ? 14.850  -6.648  -0.175  1.00 44.80  ? 114 LEU A C   1 
ATOM   758  O O   . LEU A 1 114 ? 15.341  -5.590  0.197   1.00 44.17  ? 114 LEU A O   1 
ATOM   759  C CB  . LEU A 1 114 ? 12.803  -6.881  1.290   1.00 37.26  ? 114 LEU A CB  1 
ATOM   760  C CG  . LEU A 1 114 ? 11.523  -6.102  1.681   1.00 38.77  ? 114 LEU A CG  1 
ATOM   761  C CD1 . LEU A 1 114 ? 10.685  -5.656  0.491   1.00 32.64  ? 114 LEU A CD1 1 
ATOM   762  C CD2 . LEU A 1 114 ? 10.701  -6.928  2.633   1.00 34.23  ? 114 LEU A CD2 1 
ATOM   763  N N   . GLU A 1 115 ? 15.582  -7.644  -0.654  1.00 53.74  ? 115 GLU A N   1 
ATOM   764  C CA  . GLU A 1 115 ? 17.026  -7.543  -0.707  1.00 61.82  ? 115 GLU A CA  1 
ATOM   765  C C   . GLU A 1 115 ? 17.528  -7.028  -2.035  1.00 68.48  ? 115 GLU A C   1 
ATOM   766  O O   . GLU A 1 115 ? 16.985  -7.360  -3.093  1.00 70.97  ? 115 GLU A O   1 
ATOM   767  C CB  . GLU A 1 115 ? 17.680  -8.884  -0.390  1.00 68.56  ? 115 GLU A CB  1 
ATOM   768  C CG  . GLU A 1 115 ? 17.334  -9.454  0.997   1.00 86.65  ? 115 GLU A CG  1 
ATOM   769  C CD  . GLU A 1 115 ? 17.396  -8.429  2.143   1.00 95.46  ? 115 GLU A CD  1 
ATOM   770  O OE1 . GLU A 1 115 ? 18.199  -7.465  2.067   1.00 102.05 ? 115 GLU A OE1 1 
ATOM   771  O OE2 . GLU A 1 115 ? 16.644  -8.599  3.135   1.00 96.51  ? 115 GLU A OE2 1 
ATOM   772  N N   . ALA A 1 116 ? 18.557  -6.188  -1.960  1.00 74.24  ? 116 ALA A N   1 
ATOM   773  C CA  . ALA A 1 116 ? 19.197  -5.593  -3.127  1.00 77.99  ? 116 ALA A CA  1 
ATOM   774  C C   . ALA A 1 116 ? 20.580  -5.098  -2.718  1.00 81.69  ? 116 ALA A C   1 
ATOM   775  O O   . ALA A 1 116 ? 20.773  -4.614  -1.600  1.00 84.10  ? 116 ALA A O   1 
ATOM   776  C CB  . ALA A 1 116 ? 18.367  -4.433  -3.656  1.00 75.82  ? 116 ALA A CB  1 
ATOM   777  N N   . SER A 1 117 ? 21.550  -5.262  -3.611  1.00 84.21  ? 117 SER A N   1 
ATOM   778  C CA  . SER A 1 117 ? 22.914  -4.810  -3.353  1.00 84.22  ? 117 SER A CA  1 
ATOM   779  C C   . SER A 1 117 ? 22.964  -3.291  -3.552  1.00 82.53  ? 117 SER A C   1 
ATOM   780  O O   . SER A 1 117 ? 22.411  -2.781  -4.533  1.00 84.76  ? 117 SER A O   1 
ATOM   781  C CB  . SER A 1 117 ? 23.875  -5.491  -4.328  1.00 87.22  ? 117 SER A CB  1 
ATOM   782  O OG  . SER A 1 117 ? 23.432  -5.332  -5.671  1.00 88.62  ? 117 SER A OG  1 
ATOM   783  N N   . GLY A 1 118 ? 23.585  -2.574  -2.617  1.00 78.41  ? 118 GLY A N   1 
ATOM   784  C CA  . GLY A 1 118 ? 23.682  -1.128  -2.737  1.00 70.36  ? 118 GLY A CA  1 
ATOM   785  C C   . GLY A 1 118 ? 22.436  -0.380  -2.325  1.00 67.12  ? 118 GLY A C   1 
ATOM   786  O O   . GLY A 1 118 ? 22.343  0.833   -2.532  1.00 65.79  ? 118 GLY A O   1 
ATOM   787  N N   . TYR A 1 119 ? 21.481  -1.107  -1.742  1.00 64.66  ? 119 TYR A N   1 
ATOM   788  C CA  . TYR A 1 119 ? 20.215  -0.544  -1.273  1.00 56.51  ? 119 TYR A CA  1 
ATOM   789  C C   . TYR A 1 119 ? 19.776  -1.256  -0.009  1.00 51.99  ? 119 TYR A C   1 
ATOM   790  O O   . TYR A 1 119 ? 19.916  -2.478  0.095   1.00 49.92  ? 119 TYR A O   1 
ATOM   791  C CB  . TYR A 1 119 ? 19.118  -0.721  -2.319  1.00 55.58  ? 119 TYR A CB  1 
ATOM   792  C CG  . TYR A 1 119 ? 19.253  0.155   -3.532  1.00 51.29  ? 119 TYR A CG  1 
ATOM   793  C CD1 . TYR A 1 119 ? 19.099  1.536   -3.435  1.00 47.35  ? 119 TYR A CD1 1 
ATOM   794  C CD2 . TYR A 1 119 ? 19.494  -0.402  -4.793  1.00 50.68  ? 119 TYR A CD2 1 
ATOM   795  C CE1 . TYR A 1 119 ? 19.179  2.344   -4.568  1.00 52.31  ? 119 TYR A CE1 1 
ATOM   796  C CE2 . TYR A 1 119 ? 19.571  0.396   -5.939  1.00 50.25  ? 119 TYR A CE2 1 
ATOM   797  C CZ  . TYR A 1 119 ? 19.411  1.769   -5.818  1.00 53.62  ? 119 TYR A CZ  1 
ATOM   798  O OH  . TYR A 1 119 ? 19.456  2.568   -6.942  1.00 61.12  ? 119 TYR A OH  1 
ATOM   799  N N   . SER A 1 120 ? 19.247  -0.496  0.945   1.00 49.66  ? 120 SER A N   1 
ATOM   800  C CA  . SER A 1 120 ? 18.760  -1.060  2.207   1.00 50.38  ? 120 SER A CA  1 
ATOM   801  C C   . SER A 1 120 ? 17.376  -1.685  2.002   1.00 48.48  ? 120 SER A C   1 
ATOM   802  O O   . SER A 1 120 ? 16.671  -1.328  1.057   1.00 48.00  ? 120 SER A O   1 
ATOM   803  C CB  . SER A 1 120 ? 18.679  0.038   3.277   1.00 47.24  ? 120 SER A CB  1 
ATOM   804  O OG  . SER A 1 120 ? 17.791  1.068   2.883   1.00 47.69  ? 120 SER A OG  1 
ATOM   805  N N   . THR A 1 121 ? 16.976  -2.616  2.868   1.00 46.36  ? 121 THR A N   1 
ATOM   806  C CA  . THR A 1 121 ? 15.654  -3.220  2.720   1.00 45.90  ? 121 THR A CA  1 
ATOM   807  C C   . THR A 1 121 ? 14.596  -2.142  2.957   1.00 48.51  ? 121 THR A C   1 
ATOM   808  O O   . THR A 1 121 ? 13.525  -2.165  2.344   1.00 51.94  ? 121 THR A O   1 
ATOM   809  C CB  . THR A 1 121 ? 15.417  -4.367  3.693   1.00 40.68  ? 121 THR A CB  1 
ATOM   810  O OG1 . THR A 1 121 ? 15.528  -3.890  5.033   1.00 49.79  ? 121 THR A OG1 1 
ATOM   811  C CG2 . THR A 1 121 ? 16.423  -5.441  3.481   1.00 41.37  ? 121 THR A CG2 1 
ATOM   812  N N   . GLU A 1 122 ? 14.931  -1.161  3.791   1.00 43.82  ? 122 GLU A N   1 
ATOM   813  C CA  . GLU A 1 122 ? 14.011  -0.080  4.080   1.00 39.71  ? 122 GLU A CA  1 
ATOM   814  C C   . GLU A 1 122 ? 13.749  0.691   2.830   1.00 37.74  ? 122 GLU A C   1 
ATOM   815  O O   . GLU A 1 122 ? 12.616  1.096   2.585   1.00 38.45  ? 122 GLU A O   1 
ATOM   816  C CB  . GLU A 1 122 ? 14.577  0.885   5.113   1.00 43.99  ? 122 GLU A CB  1 
ATOM   817  C CG  . GLU A 1 122 ? 14.736  0.309   6.502   1.00 55.31  ? 122 GLU A CG  1 
ATOM   818  C CD  . GLU A 1 122 ? 15.901  -0.658  6.628   1.00 62.45  ? 122 GLU A CD  1 
ATOM   819  O OE1 . GLU A 1 122 ? 16.931  -0.480  5.932   1.00 68.06  ? 122 GLU A OE1 1 
ATOM   820  O OE2 . GLU A 1 122 ? 15.791  -1.594  7.451   1.00 72.07  ? 122 GLU A OE2 1 
ATOM   821  N N   . VAL A 1 123 ? 14.797  0.911   2.037   1.00 39.48  ? 123 VAL A N   1 
ATOM   822  C CA  . VAL A 1 123 ? 14.635  1.692   0.813   1.00 39.64  ? 123 VAL A CA  1 
ATOM   823  C C   . VAL A 1 123 ? 13.889  0.939   -0.279  1.00 38.68  ? 123 VAL A C   1 
ATOM   824  O O   . VAL A 1 123 ? 13.069  1.534   -0.997  1.00 38.79  ? 123 VAL A O   1 
ATOM   825  C CB  . VAL A 1 123 ? 15.978  2.265   0.266   1.00 33.92  ? 123 VAL A CB  1 
ATOM   826  C CG1 . VAL A 1 123 ? 16.859  1.168   -0.232  1.00 40.47  ? 123 VAL A CG1 1 
ATOM   827  C CG2 . VAL A 1 123 ? 15.700  3.210   -0.869  1.00 31.29  ? 123 VAL A CG2 1 
ATOM   828  N N   . VAL A 1 124 ? 14.147  -0.366  -0.375  1.00 34.82  ? 124 VAL A N   1 
ATOM   829  C CA  . VAL A 1 124 ? 13.507  -1.215  -1.373  1.00 32.80  ? 124 VAL A CA  1 
ATOM   830  C C   . VAL A 1 124 ? 12.014  -1.327  -1.012  1.00 35.98  ? 124 VAL A C   1 
ATOM   831  O O   . VAL A 1 124 ? 11.153  -1.118  -1.877  1.00 35.37  ? 124 VAL A O   1 
ATOM   832  C CB  . VAL A 1 124 ? 14.189  -2.605  -1.430  1.00 33.85  ? 124 VAL A CB  1 
ATOM   833  C CG1 . VAL A 1 124 ? 13.641  -3.424  -2.559  1.00 30.58  ? 124 VAL A CG1 1 
ATOM   834  C CG2 . VAL A 1 124 ? 15.687  -2.452  -1.616  1.00 36.11  ? 124 VAL A CG2 1 
ATOM   835  N N   . ALA A 1 125 ? 11.719  -1.508  0.285   1.00 32.27  ? 125 ALA A N   1 
ATOM   836  C CA  . ALA A 1 125 ? 10.335  -1.623  0.783   1.00 31.99  ? 125 ALA A CA  1 
ATOM   837  C C   . ALA A 1 125 ? 9.511   -0.363  0.548   1.00 30.99  ? 125 ALA A C   1 
ATOM   838  O O   . ALA A 1 125 ? 8.381   -0.429  0.085   1.00 36.34  ? 125 ALA A O   1 
ATOM   839  C CB  . ALA A 1 125 ? 10.311  -1.999  2.269   1.00 29.44  ? 125 ALA A CB  1 
ATOM   840  N N   . LEU A 1 126 ? 10.072  0.790   0.865   1.00 32.34  ? 126 LEU A N   1 
ATOM   841  C CA  . LEU A 1 126 ? 9.363   2.041   0.643   1.00 31.85  ? 126 LEU A CA  1 
ATOM   842  C C   . LEU A 1 126 ? 9.278   2.390   -0.847  1.00 29.28  ? 126 LEU A C   1 
ATOM   843  O O   . LEU A 1 126 ? 8.352   3.084   -1.275  1.00 29.10  ? 126 LEU A O   1 
ATOM   844  C CB  . LEU A 1 126 ? 10.017  3.165   1.450   1.00 38.05  ? 126 LEU A CB  1 
ATOM   845  C CG  . LEU A 1 126 ? 9.736   2.989   2.952   1.00 41.28  ? 126 LEU A CG  1 
ATOM   846  C CD1 . LEU A 1 126 ? 10.516  3.989   3.777   1.00 47.54  ? 126 LEU A CD1 1 
ATOM   847  C CD2 . LEU A 1 126 ? 8.246   3.140   3.215   1.00 35.99  ? 126 LEU A CD2 1 
ATOM   848  N N   . SER A 1 127 ? 10.225  1.888   -1.636  1.00 27.44  ? 127 SER A N   1 
ATOM   849  C CA  . SER A 1 127 ? 10.233  2.131   -3.076  1.00 29.85  ? 127 SER A CA  1 
ATOM   850  C C   . SER A 1 127 ? 9.165   1.282   -3.768  1.00 27.13  ? 127 SER A C   1 
ATOM   851  O O   . SER A 1 127 ? 8.507   1.739   -4.710  1.00 23.14  ? 127 SER A O   1 
ATOM   852  C CB  . SER A 1 127 ? 11.616  1.845   -3.665  1.00 34.34  ? 127 SER A CB  1 
ATOM   853  O OG  . SER A 1 127 ? 12.542  2.804   -3.202  1.00 41.28  ? 127 SER A OG  1 
ATOM   854  N N   . ARG A 1 128 ? 9.021   0.039   -3.313  1.00 25.05  ? 128 ARG A N   1 
ATOM   855  C CA  . ARG A 1 128 ? 7.999   -0.850  -3.843  1.00 23.07  ? 128 ARG A CA  1 
ATOM   856  C C   . ARG A 1 128 ? 6.619   -0.285  -3.470  1.00 22.67  ? 128 ARG A C   1 
ATOM   857  O O   . ARG A 1 128 ? 5.737   -0.111  -4.327  1.00 22.16  ? 128 ARG A O   1 
ATOM   858  C CB  . ARG A 1 128 ? 8.172   -2.239  -3.255  1.00 19.84  ? 128 ARG A CB  1 
ATOM   859  C CG  . ARG A 1 128 ? 9.297   -3.004  -3.900  1.00 22.69  ? 128 ARG A CG  1 
ATOM   860  C CD  . ARG A 1 128 ? 9.261   -4.432  -3.443  1.00 27.47  ? 128 ARG A CD  1 
ATOM   861  N NE  . ARG A 1 128 ? 10.411  -5.217  -3.894  1.00 32.13  ? 128 ARG A NE  1 
ATOM   862  C CZ  . ARG A 1 128 ? 10.613  -5.643  -5.136  1.00 30.04  ? 128 ARG A CZ  1 
ATOM   863  N NH1 . ARG A 1 128 ? 9.763   -5.360  -6.106  1.00 28.61  ? 128 ARG A NH1 1 
ATOM   864  N NH2 . ARG A 1 128 ? 11.616  -6.464  -5.382  1.00 35.66  ? 128 ARG A NH2 1 
ATOM   865  N N   . LEU A 1 129 ? 6.478   0.084   -2.203  1.00 20.23  ? 129 LEU A N   1 
ATOM   866  C CA  . LEU A 1 129 ? 5.238   0.641   -1.693  1.00 24.84  ? 129 LEU A CA  1 
ATOM   867  C C   . LEU A 1 129 ? 4.795   1.827   -2.496  1.00 30.05  ? 129 LEU A C   1 
ATOM   868  O O   . LEU A 1 129 ? 3.605   1.971   -2.766  1.00 42.38  ? 129 LEU A O   1 
ATOM   869  C CB  . LEU A 1 129 ? 5.390   1.063   -0.234  1.00 23.53  ? 129 LEU A CB  1 
ATOM   870  C CG  . LEU A 1 129 ? 4.258   1.891   0.367   1.00 21.79  ? 129 LEU A CG  1 
ATOM   871  C CD1 . LEU A 1 129 ? 2.916   1.209   0.143   1.00 16.27  ? 129 LEU A CD1 1 
ATOM   872  C CD2 . LEU A 1 129 ? 4.525   2.046   1.840   1.00 20.20  ? 129 LEU A CD2 1 
ATOM   873  N N   . GLN A 1 130 ? 5.736   2.697   -2.853  1.00 34.74  ? 130 GLN A N   1 
ATOM   874  C CA  . GLN A 1 130 ? 5.403   3.884   -3.632  1.00 33.36  ? 130 GLN A CA  1 
ATOM   875  C C   . GLN A 1 130 ? 4.902   3.456   -5.006  1.00 28.72  ? 130 GLN A C   1 
ATOM   876  O O   . GLN A 1 130 ? 3.985   4.060   -5.549  1.00 29.99  ? 130 GLN A O   1 
ATOM   877  C CB  . GLN A 1 130 ? 6.621   4.797   -3.759  1.00 36.25  ? 130 GLN A CB  1 
ATOM   878  C CG  . GLN A 1 130 ? 6.328   6.159   -4.369  1.00 36.12  ? 130 GLN A CG  1 
ATOM   879  C CD  . GLN A 1 130 ? 7.573   7.016   -4.408  1.00 46.32  ? 130 GLN A CD  1 
ATOM   880  O OE1 . GLN A 1 130 ? 8.606   6.592   -4.929  1.00 52.52  ? 130 GLN A OE1 1 
ATOM   881  N NE2 . GLN A 1 130 ? 7.509   8.196   -3.808  1.00 45.98  ? 130 GLN A NE2 1 
ATOM   882  N N   . GLY A 1 131 ? 5.486   2.383   -5.535  1.00 27.66  ? 131 GLY A N   1 
ATOM   883  C CA  . GLY A 1 131 ? 5.080   1.866   -6.823  1.00 26.45  ? 131 GLY A CA  1 
ATOM   884  C C   . GLY A 1 131 ? 3.645   1.409   -6.724  1.00 28.19  ? 131 GLY A C   1 
ATOM   885  O O   . GLY A 1 131 ? 2.814   1.798   -7.534  1.00 32.05  ? 131 GLY A O   1 
ATOM   886  N N   . SER A 1 132 ? 3.358   0.574   -5.735  1.00 24.75  ? 132 SER A N   1 
ATOM   887  C CA  . SER A 1 132 ? 2.007   0.095   -5.506  1.00 24.41  ? 132 SER A CA  1 
ATOM   888  C C   . SER A 1 132 ? 0.999   1.249   -5.361  1.00 27.54  ? 132 SER A C   1 
ATOM   889  O O   . SER A 1 132 ? -0.087  1.217   -5.967  1.00 26.78  ? 132 SER A O   1 
ATOM   890  C CB  . SER A 1 132 ? 1.988   -0.758  -4.240  1.00 28.26  ? 132 SER A CB  1 
ATOM   891  O OG  . SER A 1 132 ? 2.880   -1.852  -4.364  1.00 29.21  ? 132 SER A OG  1 
ATOM   892  N N   . LEU A 1 133 ? 1.359   2.265   -4.572  1.00 22.57  ? 133 LEU A N   1 
ATOM   893  C CA  . LEU A 1 133 ? 0.498   3.425   -4.361  1.00 24.41  ? 133 LEU A CA  1 
ATOM   894  C C   . LEU A 1 133 ? 0.204   4.180   -5.650  1.00 28.51  ? 133 LEU A C   1 
ATOM   895  O O   . LEU A 1 133 ? -0.917  4.625   -5.882  1.00 30.28  ? 133 LEU A O   1 
ATOM   896  C CB  . LEU A 1 133 ? 1.133   4.383   -3.366  1.00 21.84  ? 133 LEU A CB  1 
ATOM   897  C CG  . LEU A 1 133 ? 1.112   3.883   -1.939  1.00 22.50  ? 133 LEU A CG  1 
ATOM   898  C CD1 . LEU A 1 133 ? 1.852   4.845   -1.060  1.00 17.89  ? 133 LEU A CD1 1 
ATOM   899  C CD2 . LEU A 1 133 ? -0.333  3.742   -1.503  1.00 23.92  ? 133 LEU A CD2 1 
ATOM   900  N N   . GLN A 1 134 ? 1.226   4.381   -6.469  1.00 31.24  ? 134 GLN A N   1 
ATOM   901  C CA  . GLN A 1 134 ? 1.028   5.088   -7.732  1.00 35.65  ? 134 GLN A CA  1 
ATOM   902  C C   . GLN A 1 134 ? 0.205   4.237   -8.681  1.00 31.22  ? 134 GLN A C   1 
ATOM   903  O O   . GLN A 1 134 ? -0.481  4.760   -9.555  1.00 33.45  ? 134 GLN A O   1 
ATOM   904  C CB  . GLN A 1 134 ? 2.367   5.482   -8.353  1.00 32.54  ? 134 GLN A CB  1 
ATOM   905  C CG  . GLN A 1 134 ? 3.037   6.598   -7.568  1.00 37.03  ? 134 GLN A CG  1 
ATOM   906  C CD  . GLN A 1 134 ? 4.500   6.743   -7.898  1.00 42.90  ? 134 GLN A CD  1 
ATOM   907  O OE1 . GLN A 1 134 ? 5.177   5.769   -8.256  1.00 48.63  ? 134 GLN A OE1 1 
ATOM   908  N NE2 . GLN A 1 134 ? 5.009   7.959   -7.773  1.00 45.85  ? 134 GLN A NE2 1 
ATOM   909  N N   . ASP A 1 135 ? 0.246   2.928   -8.463  1.00 31.49  ? 135 ASP A N   1 
ATOM   910  C CA  . ASP A 1 135 ? -0.504  1.961   -9.259  1.00 33.33  ? 135 ASP A CA  1 
ATOM   911  C C   . ASP A 1 135 ? -1.984  2.102   -8.940  1.00 28.30  ? 135 ASP A C   1 
ATOM   912  O O   . ASP A 1 135 ? -2.807  2.257   -9.824  1.00 30.45  ? 135 ASP A O   1 
ATOM   913  C CB  . ASP A 1 135 ? -0.040  0.558   -8.918  1.00 40.19  ? 135 ASP A CB  1 
ATOM   914  C CG  . ASP A 1 135 ? 0.233   -0.274  -10.134 1.00 42.82  ? 135 ASP A CG  1 
ATOM   915  O OD1 . ASP A 1 135 ? 0.102   0.251   -11.261 1.00 48.03  ? 135 ASP A OD1 1 
ATOM   916  O OD2 . ASP A 1 135 ? 0.577   -1.463  -9.949  1.00 49.07  ? 135 ASP A OD2 1 
ATOM   917  N N   . MET A 1 136 ? -2.305  2.103   -7.655  1.00 28.39  ? 136 MET A N   1 
ATOM   918  C CA  . MET A 1 136 ? -3.680  2.266   -7.205  1.00 28.17  ? 136 MET A CA  1 
ATOM   919  C C   . MET A 1 136 ? -4.231  3.614   -7.634  1.00 32.19  ? 136 MET A C   1 
ATOM   920  O O   . MET A 1 136 ? -5.387  3.717   -8.044  1.00 37.78  ? 136 MET A O   1 
ATOM   921  C CB  . MET A 1 136 ? -3.742  2.197   -5.690  1.00 20.01  ? 136 MET A CB  1 
ATOM   922  C CG  . MET A 1 136 ? -3.245  0.860   -5.136  1.00 23.18  ? 136 MET A CG  1 
ATOM   923  S SD  . MET A 1 136 ? -3.188  0.818   -3.358  1.00 34.65  ? 136 MET A SD  1 
ATOM   924  C CE  . MET A 1 136 ? -2.245  -0.591  -2.814  1.00 28.73  ? 136 MET A CE  1 
ATOM   925  N N   . LEU A 1 137 ? -3.395  4.645   -7.553  1.00 34.28  ? 137 LEU A N   1 
ATOM   926  C CA  . LEU A 1 137 ? -3.806  5.999   -7.901  1.00 33.85  ? 137 LEU A CA  1 
ATOM   927  C C   . LEU A 1 137 ? -4.590  6.037   -9.193  1.00 31.05  ? 137 LEU A C   1 
ATOM   928  O O   . LEU A 1 137 ? -5.689  6.589   -9.233  1.00 33.72  ? 137 LEU A O   1 
ATOM   929  C CB  . LEU A 1 137 ? -2.601  6.939   -8.022  1.00 38.35  ? 137 LEU A CB  1 
ATOM   930  C CG  . LEU A 1 137 ? -2.604  8.341   -7.379  1.00 40.04  ? 137 LEU A CG  1 
ATOM   931  C CD1 . LEU A 1 137 ? -1.729  9.242   -8.234  1.00 47.76  ? 137 LEU A CD1 1 
ATOM   932  C CD2 . LEU A 1 137 ? -3.976  8.961   -7.271  1.00 33.82  ? 137 LEU A CD2 1 
ATOM   933  N N   . TRP A 1 138 ? -4.062  5.415   -10.236 1.00 25.27  ? 138 TRP A N   1 
ATOM   934  C CA  . TRP A 1 138 ? -4.761  5.462   -11.495 1.00 24.81  ? 138 TRP A CA  1 
ATOM   935  C C   . TRP A 1 138 ? -5.809  4.373   -11.682 1.00 27.53  ? 138 TRP A C   1 
ATOM   936  O O   . TRP A 1 138 ? -6.793  4.576   -12.384 1.00 27.36  ? 138 TRP A O   1 
ATOM   937  C CB  . TRP A 1 138 ? -3.768  5.495   -12.653 1.00 21.90  ? 138 TRP A CB  1 
ATOM   938  C CG  . TRP A 1 138 ? -3.014  4.210   -12.902 1.00 25.48  ? 138 TRP A CG  1 
ATOM   939  C CD1 . TRP A 1 138 ? -1.816  3.834   -12.361 1.00 22.07  ? 138 TRP A CD1 1 
ATOM   940  C CD2 . TRP A 1 138 ? -3.421  3.128   -13.777 1.00 28.49  ? 138 TRP A CD2 1 
ATOM   941  N NE1 . TRP A 1 138 ? -1.454  2.577   -12.832 1.00 27.45  ? 138 TRP A NE1 1 
ATOM   942  C CE2 . TRP A 1 138 ? -2.424  2.124   -13.693 1.00 23.11  ? 138 TRP A CE2 1 
ATOM   943  C CE3 . TRP A 1 138 ? -4.532  2.913   -14.615 1.00 25.67  ? 138 TRP A CE3 1 
ATOM   944  C CZ2 . TRP A 1 138 ? -2.512  0.926   -14.406 1.00 24.54  ? 138 TRP A CZ2 1 
ATOM   945  C CZ3 . TRP A 1 138 ? -4.611  1.724   -15.326 1.00 17.57  ? 138 TRP A CZ3 1 
ATOM   946  C CH2 . TRP A 1 138 ? -3.611  0.745   -15.214 1.00 15.21  ? 138 TRP A CH2 1 
ATOM   947  N N   . GLN A 1 139 ? -5.629  3.234   -11.032 1.00 28.83  ? 139 GLN A N   1 
ATOM   948  C CA  . GLN A 1 139 ? -6.579  2.146   -11.198 1.00 31.08  ? 139 GLN A CA  1 
ATOM   949  C C   . GLN A 1 139 ? -7.920  2.432   -10.544 1.00 34.35  ? 139 GLN A C   1 
ATOM   950  O O   . GLN A 1 139 ? -8.959  2.033   -11.071 1.00 34.86  ? 139 GLN A O   1 
ATOM   951  C CB  . GLN A 1 139 ? -5.993  0.837   -10.698 1.00 32.57  ? 139 GLN A CB  1 
ATOM   952  C CG  . GLN A 1 139 ? -4.884  0.304   -11.596 1.00 35.82  ? 139 GLN A CG  1 
ATOM   953  C CD  . GLN A 1 139 ? -4.403  -1.065  -11.181 1.00 38.78  ? 139 GLN A CD  1 
ATOM   954  O OE1 . GLN A 1 139 ? -5.069  -1.752  -10.411 1.00 51.07  ? 139 GLN A OE1 1 
ATOM   955  N NE2 . GLN A 1 139 ? -3.247  -1.476  -11.691 1.00 40.27  ? 139 GLN A NE2 1 
ATOM   956  N N   . LEU A 1 140 ? -7.893  3.165   -9.430  1.00 34.59  ? 140 LEU A N   1 
ATOM   957  C CA  . LEU A 1 140 ? -9.101  3.554   -8.704  1.00 33.11  ? 140 LEU A CA  1 
ATOM   958  C C   . LEU A 1 140 ? -9.983  4.437   -9.585  1.00 37.76  ? 140 LEU A C   1 
ATOM   959  O O   . LEU A 1 140 ? -11.197 4.482   -9.404  1.00 42.89  ? 140 LEU A O   1 
ATOM   960  C CB  . LEU A 1 140 ? -8.751  4.291   -7.411  1.00 30.78  ? 140 LEU A CB  1 
ATOM   961  C CG  . LEU A 1 140 ? -7.934  3.524   -6.364  1.00 33.29  ? 140 LEU A CG  1 
ATOM   962  C CD1 . LEU A 1 140 ? -7.333  4.481   -5.336  1.00 35.21  ? 140 LEU A CD1 1 
ATOM   963  C CD2 . LEU A 1 140 ? -8.784  2.456   -5.696  1.00 38.73  ? 140 LEU A CD2 1 
ATOM   964  N N   . ASP A 1 141 ? -9.378  5.130   -10.548 1.00 40.66  ? 141 ASP A N   1 
ATOM   965  C CA  . ASP A 1 141 ? -10.131 5.979   -11.466 1.00 40.85  ? 141 ASP A CA  1 
ATOM   966  C C   . ASP A 1 141 ? -10.869 5.137   -12.486 1.00 43.52  ? 141 ASP A C   1 
ATOM   967  O O   . ASP A 1 141 ? -11.676 5.648   -13.263 1.00 49.82  ? 141 ASP A O   1 
ATOM   968  C CB  . ASP A 1 141 ? -9.217  6.950   -12.195 1.00 42.13  ? 141 ASP A CB  1 
ATOM   969  C CG  . ASP A 1 141 ? -8.896  8.165   -11.370 1.00 49.85  ? 141 ASP A CG  1 
ATOM   970  O OD1 . ASP A 1 141 ? -8.833  8.026   -10.134 1.00 57.84  ? 141 ASP A OD1 1 
ATOM   971  O OD2 . ASP A 1 141 ? -8.711  9.260   -11.950 1.00 54.05  ? 141 ASP A OD2 1 
ATOM   972  N N   . LEU A 1 142 ? -10.542 3.853   -12.534 1.00 43.04  ? 142 LEU A N   1 
ATOM   973  C CA  . LEU A 1 142 ? -11.207 2.947   -13.451 1.00 43.34  ? 142 LEU A CA  1 
ATOM   974  C C   . LEU A 1 142 ? -12.329 2.242   -12.689 1.00 43.89  ? 142 LEU A C   1 
ATOM   975  O O   . LEU A 1 142 ? -12.918 1.285   -13.193 1.00 45.04  ? 142 LEU A O   1 
ATOM   976  C CB  . LEU A 1 142 ? -10.215 1.910   -14.003 1.00 39.84  ? 142 LEU A CB  1 
ATOM   977  C CG  . LEU A 1 142 ? -9.067  2.350   -14.917 1.00 33.56  ? 142 LEU A CG  1 
ATOM   978  C CD1 . LEU A 1 142 ? -8.309  1.115   -15.348 1.00 34.66  ? 142 LEU A CD1 1 
ATOM   979  C CD2 . LEU A 1 142 ? -9.575  3.101   -16.138 1.00 29.15  ? 142 LEU A CD2 1 
ATOM   980  N N   . SER A 1 143 ? -12.610 2.725   -11.473 1.00 45.85  ? 143 SER A N   1 
ATOM   981  C CA  . SER A 1 143 ? -13.627 2.152   -10.595 1.00 46.29  ? 143 SER A CA  1 
ATOM   982  C C   . SER A 1 143 ? -13.477 0.638   -10.644 1.00 46.36  ? 143 SER A C   1 
ATOM   983  O O   . SER A 1 143 ? -14.292 -0.086  -11.229 1.00 46.55  ? 143 SER A O   1 
ATOM   984  C CB  . SER A 1 143 ? -15.016 2.629   -11.005 1.00 52.56  ? 143 SER A CB  1 
ATOM   985  O OG  . SER A 1 143 ? -15.160 4.025   -10.731 1.00 54.87  ? 143 SER A OG  1 
ATOM   986  N N   . PRO A 1 144 ? -12.388 0.145   -10.039 1.00 45.38  ? 144 PRO A N   1 
ATOM   987  C CA  . PRO A 1 144 ? -12.028 -1.272  -9.973  1.00 46.56  ? 144 PRO A CA  1 
ATOM   988  C C   . PRO A 1 144 ? -13.054 -2.201  -9.343  1.00 52.08  ? 144 PRO A C   1 
ATOM   989  O O   . PRO A 1 144 ? -13.967 -1.770  -8.610  1.00 50.70  ? 144 PRO A O   1 
ATOM   990  C CB  . PRO A 1 144 ? -10.718 -1.249  -9.183  1.00 43.88  ? 144 PRO A CB  1 
ATOM   991  C CG  . PRO A 1 144 ? -10.898 -0.095  -8.263  1.00 40.52  ? 144 PRO A CG  1 
ATOM   992  C CD  . PRO A 1 144 ? -11.510 0.947   -9.168  1.00 39.40  ? 144 PRO A CD  1 
ATOM   993  N N   . GLY A 1 145 ? -12.878 -3.488  -9.632  1.00 56.20  ? 145 GLY A N   1 
ATOM   994  C CA  . GLY A 1 145 ? -13.756 -4.506  -9.095  1.00 54.86  ? 145 GLY A CA  1 
ATOM   995  C C   . GLY A 1 145 ? -13.638 -4.546  -7.590  1.00 53.75  ? 145 GLY A C   1 
ATOM   996  O O   . GLY A 1 145 ? -13.002 -3.690  -6.981  1.00 56.94  ? 145 GLY A O   1 
ATOM   997  N N   . CYS A 1 146 ? -14.211 -5.569  -6.984  1.00 53.43  ? 146 CYS A N   1 
ATOM   998  C CA  . CYS A 1 146 ? -14.158 -5.672  -5.546  1.00 50.24  ? 146 CYS A CA  1 
ATOM   999  C C   . CYS A 1 146 ? -13.220 -6.759  -5.091  1.00 46.33  ? 146 CYS A C   1 
ATOM   1000 O O   . CYS A 1 146 ? -12.956 -7.698  -5.874  1.00 42.01  ? 146 CYS A O   1 
ATOM   1001 C CB  . CYS A 1 146 ? -15.534 -5.942  -4.985  1.00 57.73  ? 146 CYS A CB  1 
ATOM   1002 S SG  . CYS A 1 146 ? -15.748 -5.201  -3.353  1.00 60.65  ? 146 CYS A SG  1 
ATOM   1003 O OXT . CYS A 1 146 ? -12.763 -6.645  -3.943  1.00 46.52  ? 146 CYS A OXT 1 
HETATM 1004 O O   . HOH B 2 .   ? 6.854   0.705   12.498  1.00 27.47  ? 147 HOH A O   1 
HETATM 1005 O O   . HOH B 2 .   ? 5.188   -16.785 7.754   1.00 41.58  ? 148 HOH A O   1 
HETATM 1006 O O   . HOH B 2 .   ? 10.953  -7.118  -8.781  1.00 36.89  ? 149 HOH A O   1 
HETATM 1007 O O   . HOH B 2 .   ? 15.750  -16.144 -1.544  1.00 41.72  ? 150 HOH A O   1 
HETATM 1008 O O   . HOH B 2 .   ? 13.749  11.079  11.825  1.00 47.44  ? 151 HOH A O   1 
HETATM 1009 O O   . HOH B 2 .   ? -15.770 -5.336  3.858   1.00 36.58  ? 152 HOH A O   1 
HETATM 1010 O O   . HOH B 2 .   ? 10.326  -10.900 -7.214  1.00 53.59  ? 153 HOH A O   1 
HETATM 1011 O O   . HOH B 2 .   ? 12.745  6.039   7.337   1.00 39.44  ? 154 HOH A O   1 
HETATM 1012 O O   . HOH B 2 .   ? -7.745  -9.739  0.249   1.00 46.14  ? 155 HOH A O   1 
HETATM 1013 O O   . HOH B 2 .   ? 3.008   -9.767  -9.527  1.00 57.61  ? 156 HOH A O   1 
HETATM 1014 O O   . HOH B 2 .   ? 0.183   -2.457  -13.415 1.00 46.88  ? 157 HOH A O   1 
HETATM 1015 O O   . HOH B 2 .   ? 1.145   -5.170  10.779  1.00 46.44  ? 158 HOH A O   1 
HETATM 1016 O O   . HOH B 2 .   ? 13.350  3.692   6.494   1.00 48.49  ? 159 HOH A O   1 
HETATM 1017 O O   . HOH B 2 .   ? 3.880   -1.600  -9.213  1.00 50.88  ? 160 HOH A O   1 
HETATM 1018 O O   . HOH B 2 .   ? 14.807  4.047   12.171  1.00 34.61  ? 161 HOH A O   1 
HETATM 1019 O O   . HOH B 2 .   ? -4.264  13.308  3.710   1.00 38.30  ? 162 HOH A O   1 
HETATM 1020 O O   . HOH B 2 .   ? 12.639  9.031   9.281   1.00 40.15  ? 163 HOH A O   1 
HETATM 1021 O O   . HOH B 2 .   ? -0.667  -11.596 -5.702  1.00 38.06  ? 164 HOH A O   1 
HETATM 1022 O O   . HOH B 2 .   ? -4.292  15.874  -3.373  1.00 36.28  ? 165 HOH A O   1 
HETATM 1023 O O   . HOH B 2 .   ? -17.027 2.352   -8.156  1.00 33.55  ? 166 HOH A O   1 
HETATM 1024 O O   . HOH B 2 .   ? -7.339  8.033   -7.869  1.00 51.14  ? 167 HOH A O   1 
HETATM 1025 O O   . HOH B 2 .   ? -17.574 -6.226  -7.543  1.00 48.27  ? 168 HOH A O   1 
HETATM 1026 O O   . HOH B 2 .   ? -11.338 -6.933  5.123   1.00 54.59  ? 169 HOH A O   1 
HETATM 1027 O O   . HOH B 2 .   ? 13.153  -5.017  6.579   1.00 54.44  ? 170 HOH A O   1 
HETATM 1028 O O   . HOH B 2 .   ? -14.160 1.566   -7.496  1.00 35.99  ? 171 HOH A O   1 
HETATM 1029 O O   . HOH B 2 .   ? 7.754   1.903   -8.867  1.00 59.36  ? 172 HOH A O   1 
HETATM 1030 O O   . HOH B 2 .   ? -7.621  -7.876  7.689   1.00 41.80  ? 173 HOH A O   1 
HETATM 1031 O O   . HOH B 2 .   ? -8.763  7.154   6.508   1.00 42.54  ? 174 HOH A O   1 
HETATM 1032 O O   . HOH B 2 .   ? 9.055   3.270   -6.939  1.00 36.05  ? 175 HOH A O   1 
HETATM 1033 O O   . HOH B 2 .   ? 1.618   16.762  1.691   1.00 51.59  ? 176 HOH A O   1 
HETATM 1034 O O   . HOH B 2 .   ? 19.511  1.954   0.491   1.00 49.67  ? 177 HOH A O   1 
HETATM 1035 O O   . HOH B 2 .   ? -0.849  -10.336 -10.620 1.00 51.16  ? 178 HOH A O   1 
HETATM 1036 O O   . HOH B 2 .   ? -12.658 3.780   -7.152  1.00 48.03  ? 179 HOH A O   1 
HETATM 1037 O O   . HOH B 2 .   ? -6.489  9.915   -14.461 1.00 41.05  ? 180 HOH A O   1 
HETATM 1038 O O   . HOH B 2 .   ? 3.146   14.571  2.662   1.00 43.35  ? 181 HOH A O   1 
HETATM 1039 O O   . HOH B 2 .   ? 13.762  0.921   -11.028 1.00 54.82  ? 182 HOH A O   1 
HETATM 1040 O O   . HOH B 2 .   ? 2.755   -6.721  12.265  1.00 50.88  ? 183 HOH A O   1 
HETATM 1041 O O   . HOH B 2 .   ? -6.845  1.700   12.624  1.00 46.12  ? 184 HOH A O   1 
HETATM 1042 O O   . HOH B 2 .   ? -9.433  11.459  4.616   1.00 59.50  ? 185 HOH A O   1 
HETATM 1043 O O   . HOH B 2 .   ? -3.784  -14.134 9.118   1.00 48.05  ? 186 HOH A O   1 
HETATM 1044 O O   . HOH B 2 .   ? 12.308  6.399   -0.202  1.00 48.06  ? 187 HOH A O   1 
HETATM 1045 O O   . HOH B 2 .   ? -11.197 -5.167  -11.569 1.00 47.65  ? 188 HOH A O   1 
HETATM 1046 O O   . HOH B 2 .   ? -11.429 8.981   9.571   1.00 49.94  ? 189 HOH A O   1 
HETATM 1047 O O   . HOH B 2 .   ? 12.827  -0.524  -14.741 1.00 57.12  ? 190 HOH A O   1 
HETATM 1048 O O   . HOH B 2 .   ? -2.734  -1.426  -7.480  1.00 52.29  ? 191 HOH A O   1 
HETATM 1049 O O   . HOH B 2 .   ? -12.924 4.979   7.713   1.00 32.14  ? 192 HOH A O   1 
HETATM 1050 O O   . HOH B 2 .   ? -1.091  -14.920 10.481  1.00 55.94  ? 193 HOH A O   1 
HETATM 1051 O O   . HOH B 2 .   ? 2.113   -0.019  -13.810 1.00 56.56  ? 194 HOH A O   1 
HETATM 1052 O O   . HOH B 2 .   ? 1.583   -5.444  -9.094  1.00 38.79  ? 195 HOH A O   1 
HETATM 1053 O O   . HOH B 2 .   ? 7.440   14.860  8.784   1.00 54.72  ? 196 HOH A O   1 
HETATM 1054 O O   . HOH B 2 .   ? -3.105  -4.231  10.481  1.00 50.93  ? 197 HOH A O   1 
HETATM 1055 O O   . HOH B 2 .   ? -8.684  -7.003  5.370   1.00 53.37  ? 198 HOH A O   1 
HETATM 1056 O O   . HOH B 2 .   ? -1.208  -5.950  8.763   1.00 45.67  ? 199 HOH A O   1 
HETATM 1057 O O   . HOH B 2 .   ? -14.524 8.407   4.657   1.00 50.20  ? 200 HOH A O   1 
HETATM 1058 O O   . HOH B 2 .   ? -4.502  -15.724 0.775   1.00 44.96  ? 201 HOH A O   1 
HETATM 1059 O O   . HOH B 2 .   ? 9.362   -12.482 11.308  1.00 56.16  ? 202 HOH A O   1 
HETATM 1060 O O   . HOH B 2 .   ? -9.931  7.212   -5.551  1.00 45.21  ? 203 HOH A O   1 
HETATM 1061 O O   . HOH B 2 .   ? 14.591  -7.993  -5.347  1.00 50.94  ? 204 HOH A O   1 
HETATM 1062 O O   . HOH B 2 .   ? 14.459  -0.562  12.139  1.00 51.09  ? 205 HOH A O   1 
HETATM 1063 O O   . HOH B 2 .   ? 6.972   13.469  10.979  1.00 39.81  ? 206 HOH A O   1 
HETATM 1064 O O   . HOH B 2 .   ? 11.071  -13.187 -1.198  1.00 30.41  ? 207 HOH A O   1 
HETATM 1065 O O   . HOH B 2 .   ? 20.359  -2.399  -5.709  1.00 45.54  ? 208 HOH A O   1 
HETATM 1066 O O   . HOH B 2 .   ? 20.833  4.883   -6.045  1.00 54.25  ? 209 HOH A O   1 
HETATM 1067 O O   . HOH B 2 .   ? 1.318   9.985   10.331  1.00 47.56  ? 210 HOH A O   1 
HETATM 1068 O O   . HOH B 2 .   ? 11.892  13.268  6.089   1.00 56.83  ? 211 HOH A O   1 
HETATM 1069 O O   . HOH B 2 .   ? 16.463  6.828   1.389   1.00 56.42  ? 212 HOH A O   1 
HETATM 1070 O O   . HOH B 2 .   ? 14.949  -8.670  4.381   1.00 59.94  ? 213 HOH A O   1 
HETATM 1071 O O   . HOH B 2 .   ? 5.791   15.281  4.065   1.00 48.27  ? 214 HOH A O   1 
HETATM 1072 O O   . HOH B 2 .   ? -7.514  -13.572 2.376   1.00 51.51  ? 215 HOH A O   1 
HETATM 1073 O O   . HOH B 2 .   ? 0.479   15.972  -1.761  1.00 48.72  ? 216 HOH A O   1 
HETATM 1074 O O   . HOH B 2 .   ? 0.057   6.993   -10.946 1.00 28.73  ? 217 HOH A O   1 
# 
